data_1RL1
#
_entry.id   1RL1
#
_cell.length_a   1.000
_cell.length_b   1.000
_cell.length_c   1.000
_cell.angle_alpha   90.00
_cell.angle_beta   90.00
_cell.angle_gamma   90.00
#
_symmetry.space_group_name_H-M   'P 1'
#
_entity_poly.entity_id   1
_entity_poly.type   'polypeptide(L)'
_entity_poly.pdbx_seq_one_letter_code
;GSHMTHQSKIKYDWYQTESQVVITLMIKNVQKNDVNVEFSEKELSALVKLPSGEDYNLKLELLHPIIPEQSTFKVLSTKI
EIKLKKPEAVRWEKLEGQGDVPTPKQFVADVKNL
;
_entity_poly.pdbx_strand_id   A
#
# COMPACT_ATOMS: atom_id res chain seq x y z
N SER A 8 -12.68 6.40 -5.23
CA SER A 8 -12.87 5.04 -5.75
C SER A 8 -12.51 4.01 -4.67
N LYS A 9 -12.41 2.73 -5.04
CA LYS A 9 -11.89 1.67 -4.20
C LYS A 9 -11.21 0.69 -5.15
N ILE A 10 -10.39 -0.22 -4.60
CA ILE A 10 -9.67 -1.24 -5.33
C ILE A 10 -9.67 -2.50 -4.46
N LYS A 11 -9.58 -3.69 -5.07
CA LYS A 11 -9.50 -4.95 -4.36
C LYS A 11 -8.07 -5.11 -3.82
N TYR A 12 -7.93 -5.43 -2.54
CA TYR A 12 -6.63 -5.57 -1.91
C TYR A 12 -6.72 -6.57 -0.76
N ASP A 13 -5.57 -7.08 -0.32
CA ASP A 13 -5.39 -7.91 0.86
C ASP A 13 -4.01 -7.55 1.42
N TRP A 14 -3.64 -8.03 2.61
CA TRP A 14 -2.40 -7.64 3.26
C TRP A 14 -1.80 -8.77 4.09
N TYR A 15 -0.52 -8.61 4.44
CA TYR A 15 0.27 -9.51 5.25
C TYR A 15 1.32 -8.66 5.98
N GLN A 16 2.03 -9.23 6.95
CA GLN A 16 3.08 -8.53 7.66
C GLN A 16 4.04 -9.51 8.34
N THR A 17 5.34 -9.21 8.31
CA THR A 17 6.35 -9.92 9.09
C THR A 17 6.52 -9.16 10.41
N GLU A 18 7.28 -9.72 11.35
CA GLU A 18 7.69 -8.98 12.54
C GLU A 18 8.80 -8.02 12.10
N SER A 19 8.44 -7.01 11.31
CA SER A 19 9.33 -6.04 10.68
C SER A 19 8.62 -5.25 9.58
N GLN A 20 7.99 -5.94 8.62
CA GLN A 20 7.47 -5.32 7.40
C GLN A 20 5.95 -5.44 7.36
N VAL A 21 5.25 -4.37 6.98
CA VAL A 21 3.83 -4.41 6.65
C VAL A 21 3.75 -4.40 5.13
N VAL A 22 3.05 -5.38 4.54
CA VAL A 22 3.03 -5.64 3.10
C VAL A 22 1.59 -5.69 2.62
N ILE A 23 1.20 -4.76 1.74
CA ILE A 23 -0.16 -4.64 1.22
C ILE A 23 -0.16 -5.09 -0.24
N THR A 24 -0.95 -6.11 -0.56
CA THR A 24 -1.15 -6.61 -1.92
C THR A 24 -2.41 -6.00 -2.52
N LEU A 25 -2.26 -5.06 -3.45
CA LEU A 25 -3.38 -4.60 -4.25
C LEU A 25 -3.58 -5.64 -5.36
N MET A 26 -4.74 -6.29 -5.36
CA MET A 26 -5.01 -7.45 -6.18
C MET A 26 -5.40 -7.00 -7.59
N ILE A 27 -4.46 -6.39 -8.30
CA ILE A 27 -4.71 -5.78 -9.59
C ILE A 27 -3.61 -6.16 -10.60
N LYS A 28 -4.06 -6.62 -11.78
CA LYS A 28 -3.21 -7.07 -12.87
C LYS A 28 -3.19 -6.07 -14.02
N ASN A 29 -4.32 -5.42 -14.31
CA ASN A 29 -4.45 -4.46 -15.42
C ASN A 29 -3.76 -3.15 -15.06
N VAL A 30 -2.43 -3.17 -14.97
CA VAL A 30 -1.65 -2.07 -14.44
C VAL A 30 -0.20 -2.14 -14.94
N GLN A 31 0.51 -1.01 -14.93
CA GLN A 31 1.94 -0.90 -15.15
C GLN A 31 2.47 0.13 -14.16
N LYS A 32 3.75 0.03 -13.77
CA LYS A 32 4.41 0.86 -12.75
C LYS A 32 3.96 2.32 -12.79
N ASN A 33 4.01 2.95 -13.96
CA ASN A 33 3.72 4.37 -14.13
C ASN A 33 2.31 4.75 -13.66
N ASP A 34 1.38 3.78 -13.66
CA ASP A 34 0.01 4.00 -13.22
C ASP A 34 -0.04 4.19 -11.72
N VAL A 35 0.84 3.50 -11.00
CA VAL A 35 0.77 3.37 -9.55
C VAL A 35 1.44 4.56 -8.88
N ASN A 36 0.65 5.55 -8.48
CA ASN A 36 1.11 6.66 -7.66
C ASN A 36 0.85 6.33 -6.20
N VAL A 37 1.83 5.75 -5.51
CA VAL A 37 1.78 5.58 -4.06
C VAL A 37 2.47 6.78 -3.42
N GLU A 38 1.82 7.40 -2.43
CA GLU A 38 2.43 8.45 -1.62
C GLU A 38 2.37 8.07 -0.13
N PHE A 39 3.46 8.36 0.58
CA PHE A 39 3.61 8.14 2.01
C PHE A 39 4.24 9.43 2.56
N SER A 40 3.55 10.18 3.42
CA SER A 40 4.11 11.40 3.98
C SER A 40 3.61 11.63 5.40
N GLU A 41 3.90 10.66 6.28
CA GLU A 41 3.47 10.64 7.67
C GLU A 41 1.96 10.91 7.80
N LYS A 42 1.17 10.14 7.05
CA LYS A 42 -0.28 10.25 7.01
C LYS A 42 -0.83 8.83 6.83
N GLU A 43 -1.83 8.66 5.96
CA GLU A 43 -2.35 7.37 5.54
C GLU A 43 -1.57 6.90 4.31
N LEU A 44 -1.76 5.64 3.91
CA LEU A 44 -1.15 5.09 2.72
C LEU A 44 -2.15 5.31 1.59
N SER A 45 -1.86 6.30 0.73
CA SER A 45 -2.67 6.59 -0.43
C SER A 45 -2.00 5.99 -1.67
N ALA A 46 -2.60 4.94 -2.23
CA ALA A 46 -2.16 4.28 -3.44
C ALA A 46 -3.18 4.57 -4.55
N LEU A 47 -2.84 5.46 -5.47
CA LEU A 47 -3.69 5.89 -6.58
C LEU A 47 -3.23 5.16 -7.84
N VAL A 48 -3.99 4.17 -8.31
CA VAL A 48 -3.68 3.45 -9.55
C VAL A 48 -4.44 4.12 -10.70
N LYS A 49 -3.75 4.94 -11.50
CA LYS A 49 -4.34 5.54 -12.70
C LYS A 49 -4.53 4.43 -13.74
N LEU A 50 -5.74 3.89 -13.88
CA LEU A 50 -5.95 2.75 -14.77
C LEU A 50 -5.65 3.11 -16.21
N PRO A 51 -5.29 2.11 -17.04
CA PRO A 51 -5.24 2.25 -18.49
C PRO A 51 -6.51 2.95 -18.98
N SER A 52 -7.66 2.50 -18.48
CA SER A 52 -8.98 3.06 -18.74
C SER A 52 -9.22 4.45 -18.10
N GLY A 53 -8.20 5.30 -18.00
CA GLY A 53 -8.33 6.69 -17.58
C GLY A 53 -8.55 6.88 -16.08
N GLU A 54 -9.56 6.21 -15.50
CA GLU A 54 -10.00 6.46 -14.15
C GLU A 54 -8.95 6.06 -13.11
N ASP A 55 -9.01 6.66 -11.93
CA ASP A 55 -8.15 6.33 -10.81
C ASP A 55 -8.85 5.28 -9.94
N TYR A 56 -8.20 4.15 -9.70
CA TYR A 56 -8.59 3.14 -8.73
C TYR A 56 -7.69 3.37 -7.51
N ASN A 57 -8.26 3.86 -6.41
CA ASN A 57 -7.49 4.34 -5.28
C ASN A 57 -7.80 3.60 -3.99
N LEU A 58 -6.76 3.23 -3.25
CA LEU A 58 -6.87 2.77 -1.87
C LEU A 58 -6.31 3.87 -0.97
N LYS A 59 -7.09 4.33 -0.01
CA LYS A 59 -6.63 5.17 1.08
C LYS A 59 -6.69 4.32 2.34
N LEU A 60 -5.55 3.75 2.71
CA LEU A 60 -5.42 2.82 3.82
C LEU A 60 -5.00 3.64 5.04
N GLU A 61 -5.92 3.80 5.99
CA GLU A 61 -5.65 4.51 7.23
C GLU A 61 -4.81 3.62 8.14
N LEU A 62 -3.49 3.68 7.95
CA LEU A 62 -2.48 2.94 8.71
C LEU A 62 -2.72 3.07 10.22
N LEU A 63 -2.48 2.00 10.98
CA LEU A 63 -2.50 2.01 12.45
C LEU A 63 -1.79 3.24 13.00
N HIS A 64 -0.55 3.48 12.55
CA HIS A 64 0.25 4.64 12.88
C HIS A 64 0.93 5.12 11.60
N PRO A 65 1.19 6.43 11.44
CA PRO A 65 2.03 6.92 10.36
C PRO A 65 3.46 6.41 10.60
N ILE A 66 4.27 6.35 9.54
CA ILE A 66 5.65 5.86 9.61
C ILE A 66 6.58 6.78 8.84
N ILE A 67 7.89 6.61 9.06
CA ILE A 67 8.93 7.37 8.39
C ILE A 67 8.88 7.04 6.89
N PRO A 68 8.57 8.00 6.00
CA PRO A 68 8.40 7.76 4.57
C PRO A 68 9.49 6.89 3.95
N GLU A 69 10.75 7.15 4.31
CA GLU A 69 11.92 6.42 3.81
C GLU A 69 11.77 4.89 3.96
N GLN A 70 11.00 4.43 4.94
CA GLN A 70 10.78 3.00 5.17
C GLN A 70 9.84 2.38 4.12
N SER A 71 9.24 3.21 3.26
CA SER A 71 8.15 2.84 2.37
C SER A 71 8.63 2.59 0.94
N THR A 72 8.13 1.55 0.30
CA THR A 72 8.43 1.19 -1.07
C THR A 72 7.23 0.47 -1.69
N PHE A 73 7.32 0.13 -2.98
CA PHE A 73 6.33 -0.68 -3.66
C PHE A 73 6.90 -1.26 -4.96
N LYS A 74 6.34 -2.38 -5.41
CA LYS A 74 6.66 -2.99 -6.69
C LYS A 74 5.40 -3.62 -7.28
N VAL A 75 5.21 -3.43 -8.58
CA VAL A 75 4.17 -4.11 -9.33
C VAL A 75 4.67 -5.53 -9.58
N LEU A 76 4.07 -6.53 -8.92
CA LEU A 76 4.52 -7.91 -9.02
C LEU A 76 4.23 -8.44 -10.41
N SER A 77 3.01 -8.16 -10.89
CA SER A 77 2.44 -8.51 -12.20
C SER A 77 0.94 -8.73 -11.99
N THR A 78 0.62 -9.76 -11.22
CA THR A 78 -0.74 -10.15 -10.86
C THR A 78 -1.29 -9.28 -9.72
N LYS A 79 -0.40 -8.74 -8.88
CA LYS A 79 -0.73 -7.81 -7.81
C LYS A 79 0.32 -6.70 -7.77
N ILE A 80 0.08 -5.68 -6.94
CA ILE A 80 1.05 -4.67 -6.58
C ILE A 80 1.37 -4.91 -5.11
N GLU A 81 2.64 -5.13 -4.78
CA GLU A 81 3.10 -5.29 -3.41
C GLU A 81 3.66 -3.95 -2.94
N ILE A 82 2.94 -3.27 -2.05
CA ILE A 82 3.42 -2.10 -1.34
C ILE A 82 4.03 -2.63 -0.04
N LYS A 83 5.22 -2.17 0.35
CA LYS A 83 5.83 -2.57 1.61
C LYS A 83 6.25 -1.34 2.37
N LEU A 84 6.02 -1.33 3.69
CA LEU A 84 6.53 -0.31 4.58
C LEU A 84 7.15 -0.98 5.79
N LYS A 85 8.44 -0.72 6.03
CA LYS A 85 9.14 -1.33 7.15
C LYS A 85 8.75 -0.59 8.45
N LYS A 86 8.20 -1.31 9.42
CA LYS A 86 7.82 -0.72 10.69
C LYS A 86 9.07 -0.19 11.39
N PRO A 87 9.07 1.06 11.90
CA PRO A 87 10.18 1.63 12.67
C PRO A 87 10.70 0.71 13.77
N GLU A 88 9.80 0.03 14.49
CA GLU A 88 10.12 -1.02 15.43
C GLU A 88 9.36 -2.27 15.01
N ALA A 89 9.93 -3.45 15.25
CA ALA A 89 9.37 -4.73 14.84
C ALA A 89 8.24 -5.16 15.79
N VAL A 90 7.21 -4.34 15.93
CA VAL A 90 6.04 -4.63 16.73
C VAL A 90 4.93 -5.15 15.81
N ARG A 91 4.14 -6.13 16.27
CA ARG A 91 3.06 -6.66 15.47
C ARG A 91 1.91 -5.65 15.41
N TRP A 92 1.62 -5.11 14.22
CA TRP A 92 0.43 -4.31 14.01
C TRP A 92 -0.77 -5.25 14.00
N GLU A 93 -1.20 -5.68 15.19
CA GLU A 93 -2.30 -6.61 15.40
C GLU A 93 -3.49 -6.30 14.48
N LYS A 94 -3.82 -5.00 14.40
CA LYS A 94 -4.77 -4.44 13.46
C LYS A 94 -4.02 -3.49 12.52
N LEU A 95 -3.96 -3.83 11.23
CA LEU A 95 -3.26 -3.04 10.22
C LEU A 95 -3.74 -1.58 10.23
N GLU A 96 -5.06 -1.43 10.14
CA GLU A 96 -5.69 -0.13 9.97
C GLU A 96 -6.00 0.47 11.35
N GLY A 97 -6.16 1.79 11.41
CA GLY A 97 -6.52 2.55 12.60
C GLY A 97 -7.72 1.95 13.34
N GLN A 98 -7.45 1.00 14.23
CA GLN A 98 -8.43 0.17 14.89
C GLN A 98 -9.41 -0.42 13.87
N GLY A 99 -8.86 -0.98 12.79
CA GLY A 99 -9.64 -1.78 11.84
C GLY A 99 -10.31 -2.96 12.54
N SER A 8 -11.78 5.35 -7.58
CA SER A 8 -12.65 4.15 -7.65
C SER A 8 -12.17 3.07 -6.69
N LYS A 9 -13.04 2.59 -5.80
CA LYS A 9 -12.69 1.56 -4.82
C LYS A 9 -12.10 0.33 -5.52
N ILE A 10 -11.12 -0.31 -4.87
CA ILE A 10 -10.37 -1.44 -5.40
C ILE A 10 -10.15 -2.46 -4.29
N LYS A 11 -10.10 -3.75 -4.63
CA LYS A 11 -9.84 -4.84 -3.70
C LYS A 11 -8.37 -4.83 -3.30
N TYR A 12 -8.08 -5.11 -2.03
CA TYR A 12 -6.71 -5.27 -1.54
C TYR A 12 -6.69 -6.43 -0.54
N ASP A 13 -5.52 -7.03 -0.34
CA ASP A 13 -5.23 -8.03 0.68
C ASP A 13 -3.92 -7.58 1.35
N TRP A 14 -3.54 -8.15 2.50
CA TRP A 14 -2.29 -7.77 3.15
C TRP A 14 -1.80 -8.89 4.06
N TYR A 15 -0.51 -8.81 4.44
CA TYR A 15 0.11 -9.64 5.45
C TYR A 15 1.29 -8.85 6.05
N GLN A 16 2.02 -9.43 7.01
CA GLN A 16 3.15 -8.76 7.62
C GLN A 16 4.18 -9.76 8.14
N THR A 17 5.40 -9.25 8.31
CA THR A 17 6.51 -9.88 9.00
C THR A 17 6.75 -9.05 10.26
N GLU A 18 7.69 -9.44 11.11
CA GLU A 18 7.92 -8.72 12.37
C GLU A 18 8.25 -7.24 12.13
N SER A 19 8.93 -6.90 11.03
CA SER A 19 9.42 -5.54 10.78
C SER A 19 8.96 -4.94 9.43
N GLN A 20 8.42 -5.74 8.50
CA GLN A 20 7.91 -5.26 7.22
C GLN A 20 6.42 -5.61 7.12
N VAL A 21 5.56 -4.62 6.93
CA VAL A 21 4.15 -4.86 6.59
C VAL A 21 4.08 -4.89 5.06
N VAL A 22 3.36 -5.86 4.50
CA VAL A 22 3.34 -6.11 3.06
C VAL A 22 1.88 -6.15 2.58
N ILE A 23 1.45 -5.09 1.92
CA ILE A 23 0.08 -4.86 1.51
C ILE A 23 -0.05 -5.18 0.02
N THR A 24 -0.86 -6.17 -0.31
CA THR A 24 -1.03 -6.70 -1.65
C THR A 24 -2.27 -6.06 -2.28
N LEU A 25 -2.09 -4.92 -2.94
CA LEU A 25 -3.15 -4.23 -3.66
C LEU A 25 -3.31 -4.90 -5.03
N MET A 26 -4.35 -5.74 -5.16
CA MET A 26 -4.59 -6.55 -6.34
C MET A 26 -4.98 -5.65 -7.51
N ILE A 27 -4.35 -5.84 -8.68
CA ILE A 27 -4.66 -5.09 -9.89
C ILE A 27 -4.05 -5.81 -11.09
N LYS A 28 -4.85 -6.08 -12.13
CA LYS A 28 -4.40 -6.84 -13.28
C LYS A 28 -3.69 -5.95 -14.30
N ASN A 29 -2.37 -5.89 -14.23
CA ASN A 29 -1.48 -5.31 -15.23
C ASN A 29 -1.67 -3.80 -15.41
N VAL A 30 -1.39 -3.04 -14.34
CA VAL A 30 -1.27 -1.59 -14.40
C VAL A 30 0.20 -1.25 -14.70
N GLN A 31 0.46 -0.23 -15.53
CA GLN A 31 1.81 0.20 -15.82
C GLN A 31 2.44 0.82 -14.56
N LYS A 32 3.62 0.34 -14.16
CA LYS A 32 4.34 0.75 -12.96
C LYS A 32 4.26 2.26 -12.76
N ASN A 33 4.61 3.01 -13.81
CA ASN A 33 4.75 4.46 -13.78
C ASN A 33 3.44 5.15 -13.36
N ASP A 34 2.30 4.49 -13.54
CA ASP A 34 0.98 5.03 -13.27
C ASP A 34 0.47 4.64 -11.88
N VAL A 35 1.23 3.83 -11.13
CA VAL A 35 0.90 3.51 -9.75
C VAL A 35 1.51 4.59 -8.86
N ASN A 36 0.71 5.58 -8.46
CA ASN A 36 1.16 6.69 -7.63
C ASN A 36 0.86 6.36 -6.18
N VAL A 37 1.83 5.78 -5.46
CA VAL A 37 1.70 5.47 -4.05
C VAL A 37 2.15 6.68 -3.23
N GLU A 38 1.21 7.47 -2.74
CA GLU A 38 1.50 8.64 -1.94
C GLU A 38 1.63 8.21 -0.48
N PHE A 39 2.87 8.08 -0.02
CA PHE A 39 3.22 7.90 1.38
C PHE A 39 3.80 9.21 1.88
N SER A 40 3.25 9.77 2.95
CA SER A 40 3.79 10.96 3.59
C SER A 40 3.44 10.92 5.07
N GLU A 41 3.70 9.76 5.70
CA GLU A 41 3.27 9.38 7.05
C GLU A 41 1.75 9.22 7.14
N LYS A 42 1.03 10.31 6.87
CA LYS A 42 -0.42 10.48 6.91
C LYS A 42 -1.25 9.19 6.80
N GLU A 43 -1.29 8.61 5.60
CA GLU A 43 -2.04 7.43 5.25
C GLU A 43 -1.26 6.78 4.11
N LEU A 44 -1.66 5.57 3.71
CA LEU A 44 -1.20 4.97 2.47
C LEU A 44 -2.28 5.29 1.44
N SER A 45 -2.04 6.29 0.59
CA SER A 45 -2.96 6.67 -0.47
C SER A 45 -2.39 6.20 -1.80
N ALA A 46 -2.88 5.06 -2.29
CA ALA A 46 -2.44 4.46 -3.54
C ALA A 46 -3.38 4.88 -4.66
N LEU A 47 -2.93 5.78 -5.54
CA LEU A 47 -3.66 6.22 -6.71
C LEU A 47 -3.20 5.37 -7.89
N VAL A 48 -3.98 4.34 -8.23
CA VAL A 48 -3.72 3.39 -9.29
C VAL A 48 -4.33 3.95 -10.58
N LYS A 49 -3.57 4.74 -11.34
CA LYS A 49 -4.07 5.28 -12.60
C LYS A 49 -4.05 4.16 -13.63
N LEU A 50 -5.22 3.78 -14.16
CA LEU A 50 -5.33 2.62 -15.04
C LEU A 50 -4.88 2.95 -16.46
N PRO A 51 -4.53 1.92 -17.26
CA PRO A 51 -4.33 2.04 -18.69
C PRO A 51 -5.44 2.86 -19.36
N SER A 52 -6.69 2.69 -18.90
CA SER A 52 -7.86 3.40 -19.38
C SER A 52 -7.95 4.85 -18.86
N GLY A 53 -6.88 5.44 -18.33
CA GLY A 53 -6.85 6.83 -17.92
C GLY A 53 -7.52 7.08 -16.57
N GLU A 54 -8.62 6.39 -16.29
CA GLU A 54 -9.36 6.54 -15.04
C GLU A 54 -8.51 6.06 -13.87
N ASP A 55 -8.82 6.53 -12.66
CA ASP A 55 -8.05 6.20 -11.46
C ASP A 55 -8.85 5.28 -10.55
N TYR A 56 -8.19 4.24 -10.05
CA TYR A 56 -8.68 3.38 -8.98
C TYR A 56 -7.85 3.75 -7.77
N ASN A 57 -8.43 3.76 -6.57
CA ASN A 57 -7.78 4.33 -5.42
C ASN A 57 -8.08 3.56 -4.13
N LEU A 58 -7.05 3.37 -3.31
CA LEU A 58 -7.15 2.85 -1.97
C LEU A 58 -6.51 3.87 -1.02
N LYS A 59 -7.20 4.27 0.05
CA LYS A 59 -6.67 5.13 1.09
C LYS A 59 -6.74 4.38 2.43
N LEU A 60 -5.64 3.80 2.88
CA LEU A 60 -5.60 3.10 4.15
C LEU A 60 -5.12 4.08 5.24
N GLU A 61 -6.03 4.44 6.14
CA GLU A 61 -5.71 5.18 7.35
C GLU A 61 -4.90 4.26 8.28
N LEU A 62 -3.59 4.27 8.07
CA LEU A 62 -2.62 3.42 8.77
C LEU A 62 -2.78 3.53 10.30
N LEU A 63 -2.62 2.41 11.00
CA LEU A 63 -2.63 2.35 12.45
C LEU A 63 -1.55 3.26 13.03
N HIS A 64 -0.35 3.21 12.44
CA HIS A 64 0.80 4.01 12.84
C HIS A 64 1.31 4.74 11.60
N PRO A 65 1.90 5.94 11.74
CA PRO A 65 2.62 6.57 10.64
C PRO A 65 3.85 5.72 10.30
N ILE A 66 4.43 5.94 9.12
CA ILE A 66 5.56 5.17 8.62
C ILE A 66 6.46 6.08 7.80
N ILE A 67 7.78 5.91 7.94
CA ILE A 67 8.78 6.77 7.35
C ILE A 67 8.75 6.60 5.82
N PRO A 68 8.48 7.65 5.03
CA PRO A 68 8.44 7.56 3.57
C PRO A 68 9.69 6.89 2.98
N GLU A 69 10.87 7.21 3.51
CA GLU A 69 12.15 6.61 3.13
C GLU A 69 12.14 5.07 3.19
N GLN A 70 11.22 4.47 3.97
CA GLN A 70 11.09 3.02 4.11
C GLN A 70 9.72 2.55 3.63
N SER A 71 9.07 3.33 2.75
CA SER A 71 7.76 3.03 2.19
C SER A 71 7.94 2.72 0.71
N THR A 72 7.76 1.46 0.30
CA THR A 72 8.17 0.95 -1.01
C THR A 72 7.04 0.16 -1.67
N PHE A 73 7.16 -0.15 -2.97
CA PHE A 73 6.20 -1.02 -3.64
C PHE A 73 6.82 -1.71 -4.85
N LYS A 74 6.37 -2.93 -5.14
CA LYS A 74 6.74 -3.71 -6.31
C LYS A 74 5.47 -4.08 -7.07
N VAL A 75 5.40 -3.74 -8.36
CA VAL A 75 4.23 -3.98 -9.20
C VAL A 75 4.38 -5.33 -9.91
N LEU A 76 3.86 -6.40 -9.30
CA LEU A 76 3.80 -7.70 -9.95
C LEU A 76 2.55 -7.72 -10.83
N SER A 77 2.56 -8.55 -11.87
CA SER A 77 1.55 -8.58 -12.93
C SER A 77 0.12 -8.39 -12.41
N THR A 78 -0.26 -9.17 -11.40
CA THR A 78 -1.61 -9.18 -10.86
C THR A 78 -1.75 -8.35 -9.57
N LYS A 79 -0.66 -7.84 -9.01
CA LYS A 79 -0.70 -7.27 -7.67
C LYS A 79 0.44 -6.28 -7.42
N ILE A 80 0.12 -5.16 -6.76
CA ILE A 80 1.13 -4.25 -6.25
C ILE A 80 1.38 -4.69 -4.81
N GLU A 81 2.60 -5.16 -4.54
CA GLU A 81 3.05 -5.50 -3.21
C GLU A 81 3.72 -4.26 -2.65
N ILE A 82 2.97 -3.50 -1.86
CA ILE A 82 3.39 -2.29 -1.18
C ILE A 82 4.02 -2.72 0.14
N LYS A 83 5.34 -2.64 0.26
CA LYS A 83 6.05 -3.04 1.47
C LYS A 83 6.48 -1.79 2.21
N LEU A 84 6.17 -1.72 3.50
CA LEU A 84 6.53 -0.60 4.36
C LEU A 84 7.20 -1.14 5.62
N LYS A 85 8.39 -0.62 5.93
CA LYS A 85 9.15 -1.04 7.10
C LYS A 85 8.61 -0.32 8.32
N LYS A 86 8.22 -1.07 9.36
CA LYS A 86 7.60 -0.50 10.54
C LYS A 86 8.57 0.43 11.28
N PRO A 87 8.08 1.49 11.97
CA PRO A 87 8.88 2.28 12.88
C PRO A 87 9.59 1.44 13.94
N GLU A 88 8.89 0.43 14.48
CA GLU A 88 9.41 -0.53 15.44
C GLU A 88 8.81 -1.88 15.10
N ALA A 89 9.53 -2.97 15.39
CA ALA A 89 9.15 -4.32 15.04
C ALA A 89 8.07 -4.86 15.98
N VAL A 90 6.89 -4.24 15.97
CA VAL A 90 5.73 -4.63 16.77
C VAL A 90 4.62 -5.08 15.81
N ARG A 91 3.83 -6.09 16.19
CA ARG A 91 2.75 -6.57 15.34
C ARG A 91 1.63 -5.52 15.31
N TRP A 92 1.35 -4.95 14.13
CA TRP A 92 0.28 -3.96 13.98
C TRP A 92 -1.09 -4.61 14.17
N GLU A 93 -1.32 -5.78 13.54
CA GLU A 93 -2.53 -6.60 13.63
C GLU A 93 -3.74 -5.98 12.92
N LYS A 94 -4.09 -4.74 13.27
CA LYS A 94 -5.22 -4.01 12.71
C LYS A 94 -4.92 -3.50 11.29
N LEU A 95 -3.64 -3.21 11.03
CA LEU A 95 -3.11 -2.52 9.85
C LEU A 95 -3.57 -1.07 9.82
N GLU A 96 -4.88 -0.85 9.69
CA GLU A 96 -5.49 0.46 9.63
C GLU A 96 -5.95 0.86 11.03
N GLY A 97 -6.61 2.02 11.14
CA GLY A 97 -7.37 2.39 12.32
C GLY A 97 -8.64 1.53 12.38
N GLN A 98 -8.46 0.22 12.49
CA GLN A 98 -9.48 -0.81 12.38
C GLN A 98 -10.19 -0.99 13.73
N GLY A 99 -10.88 -2.12 13.89
CA GLY A 99 -11.42 -2.53 15.17
C GLY A 99 -12.39 -1.50 15.75
N SER A 8 -12.15 4.59 -7.72
CA SER A 8 -12.76 3.27 -7.44
C SER A 8 -11.98 2.56 -6.33
N LYS A 9 -12.64 2.19 -5.21
CA LYS A 9 -11.93 1.50 -4.13
C LYS A 9 -11.37 0.18 -4.65
N ILE A 10 -10.04 0.02 -4.59
CA ILE A 10 -9.36 -1.15 -5.12
C ILE A 10 -9.51 -2.33 -4.16
N LYS A 11 -9.42 -3.55 -4.69
CA LYS A 11 -9.45 -4.78 -3.90
C LYS A 11 -8.02 -5.11 -3.50
N TYR A 12 -7.78 -5.41 -2.23
CA TYR A 12 -6.45 -5.60 -1.70
C TYR A 12 -6.47 -6.65 -0.57
N ASP A 13 -5.28 -7.15 -0.23
CA ASP A 13 -5.04 -8.01 0.92
C ASP A 13 -3.77 -7.51 1.61
N TRP A 14 -3.50 -7.96 2.84
CA TRP A 14 -2.34 -7.52 3.60
C TRP A 14 -1.95 -8.55 4.65
N TYR A 15 -0.72 -8.42 5.17
CA TYR A 15 -0.12 -9.27 6.17
C TYR A 15 0.89 -8.42 6.96
N GLN A 16 1.15 -8.77 8.21
CA GLN A 16 2.14 -8.11 9.04
C GLN A 16 3.21 -9.12 9.44
N THR A 17 4.45 -8.89 8.98
CA THR A 17 5.63 -9.60 9.45
C THR A 17 6.00 -8.94 10.78
N GLU A 18 6.98 -9.49 11.51
CA GLU A 18 7.42 -8.89 12.76
C GLU A 18 7.99 -7.48 12.53
N SER A 19 8.73 -7.28 11.44
CA SER A 19 9.47 -6.06 11.14
C SER A 19 9.02 -5.35 9.85
N GLN A 20 8.09 -5.93 9.10
CA GLN A 20 7.66 -5.46 7.79
C GLN A 20 6.15 -5.61 7.64
N VAL A 21 5.43 -4.54 7.36
CA VAL A 21 4.01 -4.63 6.98
C VAL A 21 3.99 -4.79 5.46
N VAL A 22 3.26 -5.79 4.96
CA VAL A 22 3.22 -6.15 3.55
C VAL A 22 1.77 -6.07 3.07
N ILE A 23 1.52 -5.38 1.95
CA ILE A 23 0.19 -5.10 1.42
C ILE A 23 0.23 -5.44 -0.06
N THR A 24 -0.89 -5.89 -0.63
CA THR A 24 -0.94 -6.30 -2.03
C THR A 24 -2.30 -5.95 -2.61
N LEU A 25 -2.31 -5.10 -3.64
CA LEU A 25 -3.50 -4.61 -4.32
C LEU A 25 -3.67 -5.49 -5.56
N MET A 26 -4.84 -6.10 -5.74
CA MET A 26 -5.13 -7.00 -6.85
C MET A 26 -5.73 -6.17 -7.98
N ILE A 27 -5.10 -6.17 -9.16
CA ILE A 27 -5.44 -5.24 -10.22
C ILE A 27 -4.92 -5.79 -11.55
N LYS A 28 -5.74 -6.63 -12.19
CA LYS A 28 -5.37 -7.38 -13.38
C LYS A 28 -5.34 -6.48 -14.62
N ASN A 29 -4.31 -5.62 -14.69
CA ASN A 29 -3.90 -4.70 -15.75
C ASN A 29 -3.40 -3.40 -15.11
N VAL A 30 -2.08 -3.22 -15.09
CA VAL A 30 -1.43 -2.02 -14.57
C VAL A 30 0.01 -2.01 -15.11
N GLN A 31 0.63 -0.84 -15.18
CA GLN A 31 2.03 -0.63 -15.49
C GLN A 31 2.56 0.44 -14.52
N LYS A 32 3.87 0.40 -14.20
CA LYS A 32 4.50 1.19 -13.15
C LYS A 32 3.99 2.64 -13.09
N ASN A 33 4.03 3.33 -14.22
CA ASN A 33 3.72 4.76 -14.30
C ASN A 33 2.30 5.06 -13.80
N ASP A 34 1.39 4.08 -13.84
CA ASP A 34 0.02 4.27 -13.37
C ASP A 34 -0.03 4.48 -11.86
N VAL A 35 0.92 3.91 -11.13
CA VAL A 35 0.88 3.77 -9.68
C VAL A 35 1.55 4.95 -8.97
N ASN A 36 0.73 5.89 -8.50
CA ASN A 36 1.13 7.05 -7.71
C ASN A 36 0.88 6.75 -6.23
N VAL A 37 1.92 6.27 -5.52
CA VAL A 37 1.86 6.01 -4.08
C VAL A 37 2.41 7.22 -3.34
N GLU A 38 1.71 7.68 -2.30
CA GLU A 38 2.05 8.87 -1.54
C GLU A 38 2.38 8.47 -0.11
N PHE A 39 3.66 8.39 0.23
CA PHE A 39 4.14 8.14 1.57
C PHE A 39 4.58 9.47 2.19
N SER A 40 3.82 10.00 3.14
CA SER A 40 4.23 11.16 3.93
C SER A 40 3.56 11.09 5.30
N GLU A 41 3.65 9.93 5.96
CA GLU A 41 3.05 9.62 7.25
C GLU A 41 1.52 9.50 7.15
N LYS A 42 0.86 10.60 6.76
CA LYS A 42 -0.58 10.77 6.57
C LYS A 42 -1.43 9.49 6.61
N GLU A 43 -1.51 8.81 5.47
CA GLU A 43 -2.20 7.57 5.24
C GLU A 43 -1.39 6.86 4.16
N LEU A 44 -1.68 5.59 3.89
CA LEU A 44 -1.12 4.94 2.72
C LEU A 44 -2.13 5.17 1.61
N SER A 45 -1.86 6.16 0.77
CA SER A 45 -2.65 6.50 -0.39
C SER A 45 -1.94 5.97 -1.63
N ALA A 46 -2.53 4.99 -2.33
CA ALA A 46 -2.02 4.47 -3.59
C ALA A 46 -3.07 4.73 -4.67
N LEU A 47 -2.81 5.70 -5.54
CA LEU A 47 -3.70 6.09 -6.63
C LEU A 47 -3.19 5.42 -7.90
N VAL A 48 -4.04 4.62 -8.55
CA VAL A 48 -3.67 3.83 -9.72
C VAL A 48 -4.52 4.27 -10.91
N LYS A 49 -3.89 4.90 -11.91
CA LYS A 49 -4.56 5.15 -13.19
C LYS A 49 -4.82 3.79 -13.83
N LEU A 50 -6.05 3.29 -13.76
CA LEU A 50 -6.45 2.03 -14.36
C LEU A 50 -6.43 2.24 -15.88
N PRO A 51 -5.56 1.52 -16.63
CA PRO A 51 -5.33 1.70 -18.07
C PRO A 51 -6.55 2.06 -18.90
N SER A 52 -7.70 1.40 -18.68
CA SER A 52 -8.96 1.66 -19.37
C SER A 52 -9.60 3.03 -19.06
N GLY A 53 -8.81 4.09 -18.86
CA GLY A 53 -9.28 5.43 -18.59
C GLY A 53 -10.15 5.51 -17.34
N GLU A 54 -9.78 4.78 -16.29
CA GLU A 54 -10.46 4.80 -15.00
C GLU A 54 -9.39 5.00 -13.92
N ASP A 55 -9.77 5.28 -12.68
CA ASP A 55 -8.85 5.33 -11.56
C ASP A 55 -9.29 4.33 -10.49
N TYR A 56 -8.38 3.49 -10.03
CA TYR A 56 -8.57 2.61 -8.89
C TYR A 56 -7.67 3.14 -7.78
N ASN A 57 -8.12 3.15 -6.53
CA ASN A 57 -7.40 3.78 -5.43
C ASN A 57 -7.55 3.01 -4.12
N LEU A 58 -6.49 3.06 -3.29
CA LEU A 58 -6.45 2.62 -1.90
C LEU A 58 -6.12 3.85 -1.03
N LYS A 59 -6.85 4.03 0.08
CA LYS A 59 -6.50 4.96 1.15
C LYS A 59 -6.60 4.19 2.47
N LEU A 60 -5.48 3.89 3.15
CA LEU A 60 -5.52 3.25 4.46
C LEU A 60 -5.00 4.21 5.54
N GLU A 61 -5.84 4.50 6.54
CA GLU A 61 -5.43 5.21 7.73
C GLU A 61 -4.50 4.31 8.53
N LEU A 62 -3.20 4.36 8.21
CA LEU A 62 -2.15 3.62 8.91
C LEU A 62 -2.27 3.81 10.42
N LEU A 63 -2.42 2.72 11.19
CA LEU A 63 -2.42 2.78 12.65
C LEU A 63 -1.17 3.52 13.14
N HIS A 64 -0.01 3.14 12.62
CA HIS A 64 1.27 3.77 12.95
C HIS A 64 1.71 4.64 11.76
N PRO A 65 1.84 5.97 11.94
CA PRO A 65 2.26 6.87 10.87
C PRO A 65 3.77 6.78 10.68
N ILE A 66 4.24 5.70 10.06
CA ILE A 66 5.65 5.37 10.02
C ILE A 66 6.48 6.22 9.06
N ILE A 67 7.81 6.08 9.19
CA ILE A 67 8.83 6.81 8.44
C ILE A 67 8.67 6.54 6.94
N PRO A 68 8.29 7.54 6.13
CA PRO A 68 8.07 7.40 4.70
C PRO A 68 9.17 6.62 3.99
N GLU A 69 10.43 6.95 4.27
CA GLU A 69 11.60 6.34 3.64
C GLU A 69 11.57 4.81 3.68
N GLN A 70 10.98 4.19 4.72
CA GLN A 70 10.94 2.74 4.81
C GLN A 70 9.80 2.12 3.99
N SER A 71 9.06 2.93 3.23
CA SER A 71 7.90 2.51 2.46
C SER A 71 8.30 2.29 1.00
N THR A 72 7.95 1.14 0.44
CA THR A 72 8.44 0.66 -0.86
C THR A 72 7.29 0.00 -1.62
N PHE A 73 7.38 -0.10 -2.95
CA PHE A 73 6.40 -0.83 -3.74
C PHE A 73 6.99 -1.33 -5.05
N LYS A 74 6.30 -2.29 -5.68
CA LYS A 74 6.63 -2.87 -6.96
C LYS A 74 5.32 -3.19 -7.67
N VAL A 75 5.29 -3.06 -8.99
CA VAL A 75 4.08 -3.17 -9.80
C VAL A 75 4.21 -4.38 -10.72
N LEU A 76 3.38 -5.41 -10.51
CA LEU A 76 3.23 -6.54 -11.41
C LEU A 76 1.90 -6.32 -12.13
N SER A 77 1.80 -6.73 -13.40
CA SER A 77 0.62 -6.54 -14.22
C SER A 77 -0.68 -7.01 -13.54
N THR A 78 -0.56 -8.01 -12.66
CA THR A 78 -1.66 -8.58 -11.90
C THR A 78 -1.91 -7.88 -10.57
N LYS A 79 -0.86 -7.34 -9.93
CA LYS A 79 -0.95 -6.86 -8.56
C LYS A 79 0.13 -5.82 -8.25
N ILE A 80 -0.18 -4.84 -7.39
CA ILE A 80 0.82 -3.92 -6.86
C ILE A 80 1.20 -4.43 -5.46
N GLU A 81 2.48 -4.72 -5.25
CA GLU A 81 3.00 -5.16 -3.96
C GLU A 81 3.56 -3.91 -3.27
N ILE A 82 3.20 -3.67 -2.01
CA ILE A 82 3.68 -2.55 -1.21
C ILE A 82 4.26 -3.16 0.07
N LYS A 83 5.44 -2.72 0.51
CA LYS A 83 5.99 -3.14 1.80
C LYS A 83 6.50 -1.91 2.52
N LEU A 84 6.22 -1.80 3.81
CA LEU A 84 6.76 -0.77 4.66
C LEU A 84 7.49 -1.42 5.83
N LYS A 85 8.81 -1.18 5.92
CA LYS A 85 9.60 -1.65 7.04
C LYS A 85 9.17 -0.84 8.26
N LYS A 86 8.98 -1.49 9.40
CA LYS A 86 8.59 -0.79 10.62
C LYS A 86 9.80 -0.04 11.19
N PRO A 87 9.62 1.13 11.83
CA PRO A 87 10.68 1.82 12.54
C PRO A 87 11.28 0.95 13.67
N GLU A 88 10.40 0.25 14.38
CA GLU A 88 10.73 -0.74 15.40
C GLU A 88 9.72 -1.86 15.22
N ALA A 89 10.05 -3.09 15.64
CA ALA A 89 9.26 -4.28 15.40
C ALA A 89 8.02 -4.34 16.30
N VAL A 90 7.14 -3.34 16.17
CA VAL A 90 5.90 -3.23 16.92
C VAL A 90 4.79 -4.00 16.21
N ARG A 91 3.93 -4.70 16.96
CA ARG A 91 2.78 -5.39 16.39
C ARG A 91 1.71 -4.35 16.04
N TRP A 92 1.21 -4.35 14.79
CA TRP A 92 0.15 -3.43 14.37
C TRP A 92 -1.22 -4.01 14.72
N GLU A 93 -1.34 -5.33 14.69
CA GLU A 93 -2.57 -6.08 14.92
C GLU A 93 -3.56 -5.87 13.77
N LYS A 94 -4.12 -4.66 13.65
CA LYS A 94 -5.26 -4.36 12.78
C LYS A 94 -4.94 -3.47 11.57
N LEU A 95 -3.67 -3.10 11.36
CA LEU A 95 -3.16 -2.30 10.24
C LEU A 95 -3.82 -0.92 10.13
N GLU A 96 -5.07 -0.88 9.66
CA GLU A 96 -5.83 0.35 9.59
C GLU A 96 -6.18 0.76 11.02
N GLY A 97 -6.33 2.08 11.26
CA GLY A 97 -6.66 2.72 12.53
C GLY A 97 -7.47 1.82 13.46
N GLN A 98 -8.53 1.21 12.92
CA GLN A 98 -9.22 0.12 13.57
C GLN A 98 -9.84 -0.78 12.50
N GLY A 99 -8.97 -1.37 11.68
CA GLY A 99 -9.36 -2.35 10.68
C GLY A 99 -10.17 -3.50 11.28
N SER A 8 -11.80 1.05 -0.56
CA SER A 8 -11.10 0.10 -1.45
C SER A 8 -11.88 -0.06 -2.76
N LYS A 9 -11.57 0.78 -3.76
CA LYS A 9 -12.14 0.58 -5.09
C LYS A 9 -11.44 -0.62 -5.73
N ILE A 10 -10.11 -0.65 -5.58
CA ILE A 10 -9.23 -1.66 -6.10
C ILE A 10 -9.27 -2.93 -5.23
N LYS A 11 -9.03 -4.09 -5.84
CA LYS A 11 -8.95 -5.36 -5.14
C LYS A 11 -7.75 -5.32 -4.18
N TYR A 12 -7.99 -5.52 -2.88
CA TYR A 12 -7.02 -5.30 -1.82
C TYR A 12 -6.96 -6.50 -0.88
N ASP A 13 -5.74 -6.89 -0.49
CA ASP A 13 -5.42 -7.84 0.56
C ASP A 13 -4.16 -7.29 1.26
N TRP A 14 -3.79 -7.78 2.44
CA TRP A 14 -2.57 -7.35 3.12
C TRP A 14 -2.09 -8.41 4.11
N TYR A 15 -0.85 -8.25 4.58
CA TYR A 15 -0.25 -9.07 5.63
C TYR A 15 0.95 -8.30 6.19
N GLN A 16 1.55 -8.77 7.30
CA GLN A 16 2.72 -8.16 7.88
C GLN A 16 3.59 -9.20 8.57
N THR A 17 4.85 -8.84 8.77
CA THR A 17 5.87 -9.64 9.47
C THR A 17 6.33 -8.81 10.67
N GLU A 18 7.18 -9.37 11.53
CA GLU A 18 7.82 -8.59 12.59
C GLU A 18 8.96 -7.75 11.98
N SER A 19 8.61 -6.84 11.06
CA SER A 19 9.51 -5.91 10.39
C SER A 19 8.73 -5.20 9.29
N GLN A 20 8.34 -5.95 8.26
CA GLN A 20 7.80 -5.45 7.02
C GLN A 20 6.27 -5.61 7.03
N VAL A 21 5.54 -4.52 6.80
CA VAL A 21 4.11 -4.51 6.56
C VAL A 21 3.93 -4.46 5.05
N VAL A 22 3.12 -5.37 4.49
CA VAL A 22 3.00 -5.57 3.05
C VAL A 22 1.53 -5.55 2.64
N ILE A 23 1.18 -4.54 1.84
CA ILE A 23 -0.17 -4.30 1.31
C ILE A 23 -0.17 -4.81 -0.13
N THR A 24 -1.19 -5.56 -0.51
CA THR A 24 -1.26 -6.28 -1.77
C THR A 24 -2.48 -5.81 -2.56
N LEU A 25 -2.26 -4.97 -3.57
CA LEU A 25 -3.29 -4.56 -4.52
C LEU A 25 -3.35 -5.64 -5.61
N MET A 26 -4.40 -6.45 -5.61
CA MET A 26 -4.50 -7.64 -6.46
C MET A 26 -5.01 -7.23 -7.84
N ILE A 27 -4.22 -6.43 -8.57
CA ILE A 27 -4.59 -5.87 -9.86
C ILE A 27 -3.74 -6.49 -10.98
N LYS A 28 -4.29 -7.49 -11.67
CA LYS A 28 -3.60 -8.24 -12.71
C LYS A 28 -3.54 -7.47 -14.04
N ASN A 29 -3.31 -6.16 -14.01
CA ASN A 29 -3.32 -5.28 -15.18
C ASN A 29 -2.97 -3.86 -14.75
N VAL A 30 -1.67 -3.52 -14.74
CA VAL A 30 -1.22 -2.21 -14.33
C VAL A 30 0.20 -1.99 -14.87
N GLN A 31 0.55 -0.72 -15.11
CA GLN A 31 1.88 -0.26 -15.51
C GLN A 31 2.44 0.52 -14.31
N LYS A 32 3.73 0.36 -14.00
CA LYS A 32 4.41 1.00 -12.87
C LYS A 32 3.99 2.47 -12.70
N ASN A 33 4.07 3.23 -13.79
CA ASN A 33 3.81 4.68 -13.83
C ASN A 33 2.40 5.02 -13.34
N ASP A 34 1.46 4.07 -13.46
CA ASP A 34 0.09 4.26 -13.03
C ASP A 34 0.02 4.46 -11.51
N VAL A 35 0.88 3.73 -10.79
CA VAL A 35 0.78 3.57 -9.36
C VAL A 35 1.47 4.73 -8.65
N ASN A 36 0.70 5.74 -8.23
CA ASN A 36 1.20 6.79 -7.36
C ASN A 36 0.95 6.36 -5.92
N VAL A 37 1.94 5.71 -5.32
CA VAL A 37 1.90 5.34 -3.91
C VAL A 37 2.29 6.56 -3.09
N GLU A 38 1.32 7.26 -2.49
CA GLU A 38 1.61 8.48 -1.77
C GLU A 38 2.10 8.11 -0.37
N PHE A 39 3.42 8.10 -0.19
CA PHE A 39 4.05 7.97 1.12
C PHE A 39 4.61 9.32 1.53
N SER A 40 4.01 9.93 2.55
CA SER A 40 4.49 11.17 3.13
C SER A 40 4.03 11.22 4.59
N GLU A 41 4.28 10.11 5.30
CA GLU A 41 3.83 9.84 6.67
C GLU A 41 2.31 9.62 6.74
N LYS A 42 1.55 10.66 6.38
CA LYS A 42 0.09 10.78 6.44
C LYS A 42 -0.67 9.46 6.67
N GLU A 43 -0.94 8.77 5.56
CA GLU A 43 -1.57 7.47 5.48
C GLU A 43 -1.03 6.84 4.19
N LEU A 44 -1.39 5.60 3.89
CA LEU A 44 -1.03 4.98 2.62
C LEU A 44 -2.19 5.18 1.66
N SER A 45 -2.07 6.19 0.78
CA SER A 45 -3.00 6.42 -0.32
C SER A 45 -2.35 5.88 -1.60
N ALA A 46 -2.84 4.75 -2.09
CA ALA A 46 -2.33 4.13 -3.32
C ALA A 46 -3.23 4.57 -4.47
N LEU A 47 -2.77 5.53 -5.28
CA LEU A 47 -3.57 6.20 -6.29
C LEU A 47 -3.17 5.66 -7.67
N VAL A 48 -3.98 4.77 -8.25
CA VAL A 48 -3.63 4.01 -9.45
C VAL A 48 -4.37 4.58 -10.67
N LYS A 49 -3.67 5.27 -11.57
CA LYS A 49 -4.25 5.77 -12.81
C LYS A 49 -4.30 4.63 -13.83
N LEU A 50 -5.46 3.98 -14.00
CA LEU A 50 -5.56 2.80 -14.82
C LEU A 50 -5.25 3.09 -16.29
N PRO A 51 -4.87 2.05 -17.06
CA PRO A 51 -4.79 2.12 -18.52
C PRO A 51 -6.01 2.80 -19.14
N SER A 52 -7.20 2.55 -18.58
CA SER A 52 -8.46 3.14 -19.00
C SER A 52 -8.64 4.59 -18.51
N GLY A 53 -7.58 5.29 -18.10
CA GLY A 53 -7.63 6.69 -17.71
C GLY A 53 -8.16 6.88 -16.28
N GLU A 54 -9.17 6.09 -15.90
CA GLU A 54 -9.85 6.25 -14.62
C GLU A 54 -8.91 5.95 -13.45
N ASP A 55 -9.23 6.53 -12.30
CA ASP A 55 -8.46 6.34 -11.08
C ASP A 55 -9.07 5.21 -10.25
N TYR A 56 -8.24 4.23 -9.86
CA TYR A 56 -8.57 3.21 -8.89
C TYR A 56 -7.74 3.52 -7.64
N ASN A 57 -8.34 3.45 -6.45
CA ASN A 57 -7.71 3.94 -5.24
C ASN A 57 -8.00 3.08 -4.01
N LEU A 58 -7.06 3.10 -3.06
CA LEU A 58 -7.16 2.55 -1.73
C LEU A 58 -6.51 3.58 -0.80
N LYS A 59 -7.12 3.84 0.36
CA LYS A 59 -6.60 4.75 1.39
C LYS A 59 -6.59 4.03 2.73
N LEU A 60 -5.41 3.70 3.26
CA LEU A 60 -5.25 3.01 4.53
C LEU A 60 -4.68 3.96 5.56
N GLU A 61 -5.50 4.32 6.56
CA GLU A 61 -5.07 5.12 7.71
C GLU A 61 -4.12 4.27 8.55
N LEU A 62 -2.84 4.33 8.22
CA LEU A 62 -1.77 3.57 8.86
C LEU A 62 -1.84 3.70 10.38
N LEU A 63 -1.89 2.56 11.08
CA LEU A 63 -1.85 2.44 12.54
C LEU A 63 -0.91 3.48 13.15
N HIS A 64 0.33 3.54 12.65
CA HIS A 64 1.30 4.59 12.95
C HIS A 64 1.88 5.05 11.61
N PRO A 65 2.25 6.32 11.45
CA PRO A 65 3.00 6.77 10.29
C PRO A 65 4.40 6.14 10.33
N ILE A 66 5.09 6.10 9.19
CA ILE A 66 6.44 5.57 9.08
C ILE A 66 7.30 6.47 8.18
N ILE A 67 8.59 6.15 8.10
CA ILE A 67 9.59 6.91 7.38
C ILE A 67 9.42 6.63 5.87
N PRO A 68 9.16 7.64 5.02
CA PRO A 68 9.10 7.47 3.57
C PRO A 68 10.28 6.69 3.00
N GLU A 69 11.49 6.96 3.49
CA GLU A 69 12.71 6.26 3.09
C GLU A 69 12.72 4.77 3.44
N GLN A 70 11.69 4.24 4.09
CA GLN A 70 11.49 2.80 4.30
C GLN A 70 10.16 2.34 3.70
N SER A 71 9.60 3.11 2.76
CA SER A 71 8.28 2.90 2.19
C SER A 71 8.43 2.76 0.67
N THR A 72 8.06 1.61 0.10
CA THR A 72 8.33 1.27 -1.29
C THR A 72 7.23 0.37 -1.84
N PHE A 73 7.38 -0.09 -3.09
CA PHE A 73 6.46 -1.03 -3.71
C PHE A 73 7.11 -1.71 -4.90
N LYS A 74 6.55 -2.87 -5.29
CA LYS A 74 6.91 -3.57 -6.50
C LYS A 74 5.63 -4.09 -7.16
N VAL A 75 5.52 -3.90 -8.48
CA VAL A 75 4.42 -4.43 -9.28
C VAL A 75 4.74 -5.89 -9.57
N LEU A 76 4.35 -6.81 -8.68
CA LEU A 76 4.64 -8.23 -8.80
C LEU A 76 3.61 -8.85 -9.74
N SER A 77 3.65 -8.44 -11.01
CA SER A 77 2.94 -8.99 -12.15
C SER A 77 1.42 -9.06 -11.96
N THR A 78 0.96 -10.01 -11.15
CA THR A 78 -0.45 -10.24 -10.86
C THR A 78 -0.94 -9.28 -9.78
N LYS A 79 -0.03 -8.76 -8.93
CA LYS A 79 -0.42 -7.94 -7.80
C LYS A 79 0.69 -6.95 -7.47
N ILE A 80 0.33 -5.78 -6.93
CA ILE A 80 1.32 -4.80 -6.47
C ILE A 80 1.53 -5.06 -4.99
N GLU A 81 2.76 -5.39 -4.60
CA GLU A 81 3.13 -5.46 -3.19
C GLU A 81 3.73 -4.11 -2.82
N ILE A 82 2.97 -3.31 -2.07
CA ILE A 82 3.40 -2.07 -1.45
C ILE A 82 3.96 -2.46 -0.09
N LYS A 83 5.27 -2.30 0.13
CA LYS A 83 5.91 -2.70 1.37
C LYS A 83 6.36 -1.45 2.11
N LEU A 84 6.07 -1.38 3.41
CA LEU A 84 6.62 -0.37 4.27
C LEU A 84 7.23 -1.05 5.48
N LYS A 85 8.48 -0.72 5.80
CA LYS A 85 9.10 -1.24 7.00
C LYS A 85 8.53 -0.47 8.19
N LYS A 86 8.10 -1.20 9.22
CA LYS A 86 7.72 -0.59 10.48
C LYS A 86 8.92 0.19 11.05
N PRO A 87 8.71 1.27 11.82
CA PRO A 87 9.79 2.09 12.34
C PRO A 87 10.78 1.28 13.17
N GLU A 88 10.27 0.29 13.92
CA GLU A 88 11.04 -0.71 14.63
C GLU A 88 10.29 -2.03 14.47
N ALA A 89 10.96 -3.16 14.66
CA ALA A 89 10.35 -4.48 14.59
C ALA A 89 9.51 -4.73 15.85
N VAL A 90 8.42 -3.97 16.02
CA VAL A 90 7.39 -4.19 17.02
C VAL A 90 6.09 -4.52 16.28
N ARG A 91 5.39 -5.56 16.74
CA ARG A 91 4.25 -6.11 16.02
C ARG A 91 3.07 -5.12 16.03
N TRP A 92 2.79 -4.50 14.88
CA TRP A 92 1.61 -3.66 14.72
C TRP A 92 0.33 -4.45 15.01
N GLU A 93 0.24 -5.68 14.46
CA GLU A 93 -0.95 -6.51 14.41
C GLU A 93 -1.94 -5.93 13.41
N LYS A 94 -2.41 -4.72 13.70
CA LYS A 94 -3.36 -3.97 12.92
C LYS A 94 -2.64 -3.24 11.78
N LEU A 95 -3.40 -2.43 11.03
CA LEU A 95 -2.91 -1.66 9.91
C LEU A 95 -3.84 -0.46 9.70
N GLU A 96 -5.11 -0.74 9.41
CA GLU A 96 -6.09 0.31 9.07
C GLU A 96 -6.63 0.92 10.36
N GLY A 97 -5.86 1.79 11.01
CA GLY A 97 -6.23 2.46 12.24
C GLY A 97 -6.36 1.49 13.41
N GLN A 98 -7.41 0.68 13.43
CA GLN A 98 -7.54 -0.43 14.36
C GLN A 98 -7.80 -1.76 13.62
N GLY A 99 -7.56 -1.83 12.31
CA GLY A 99 -7.69 -3.04 11.51
C GLY A 99 -8.90 -2.94 10.57
N SER A 8 -13.58 6.40 -5.95
CA SER A 8 -13.33 5.07 -6.56
C SER A 8 -13.00 4.04 -5.48
N LYS A 9 -12.64 2.83 -5.89
CA LYS A 9 -12.29 1.73 -4.99
C LYS A 9 -11.49 0.69 -5.77
N ILE A 10 -10.70 -0.11 -5.05
CA ILE A 10 -9.86 -1.19 -5.55
C ILE A 10 -9.92 -2.33 -4.52
N LYS A 11 -9.66 -3.57 -4.93
CA LYS A 11 -9.62 -4.73 -4.05
C LYS A 11 -8.17 -4.92 -3.59
N TYR A 12 -7.97 -5.30 -2.33
CA TYR A 12 -6.63 -5.41 -1.76
C TYR A 12 -6.60 -6.51 -0.71
N ASP A 13 -5.42 -7.09 -0.52
CA ASP A 13 -5.09 -8.07 0.50
C ASP A 13 -3.85 -7.54 1.23
N TRP A 14 -3.51 -8.09 2.40
CA TRP A 14 -2.32 -7.67 3.12
C TRP A 14 -1.82 -8.78 4.04
N TYR A 15 -0.60 -8.60 4.54
CA TYR A 15 0.17 -9.52 5.36
C TYR A 15 1.14 -8.68 6.19
N GLN A 16 1.73 -9.28 7.22
CA GLN A 16 2.58 -8.56 8.15
C GLN A 16 3.60 -9.52 8.74
N THR A 17 4.77 -8.98 9.09
CA THR A 17 5.81 -9.62 9.87
C THR A 17 6.07 -8.71 11.07
N GLU A 18 6.99 -9.10 11.96
CA GLU A 18 7.35 -8.26 13.11
C GLU A 18 7.84 -6.88 12.65
N SER A 19 8.52 -6.82 11.50
CA SER A 19 9.21 -5.63 11.02
C SER A 19 8.57 -5.00 9.77
N GLN A 20 8.12 -5.83 8.81
CA GLN A 20 7.57 -5.37 7.54
C GLN A 20 6.06 -5.57 7.50
N VAL A 21 5.32 -4.52 7.13
CA VAL A 21 3.90 -4.59 6.79
C VAL A 21 3.86 -4.63 5.25
N VAL A 22 3.11 -5.58 4.68
CA VAL A 22 3.11 -5.86 3.24
C VAL A 22 1.65 -5.87 2.75
N ILE A 23 1.36 -5.21 1.63
CA ILE A 23 0.00 -5.00 1.15
C ILE A 23 -0.07 -5.40 -0.32
N THR A 24 -0.80 -6.46 -0.62
CA THR A 24 -1.05 -6.99 -1.95
C THR A 24 -2.25 -6.26 -2.54
N LEU A 25 -1.99 -5.11 -3.17
CA LEU A 25 -3.03 -4.31 -3.79
C LEU A 25 -3.34 -4.91 -5.16
N MET A 26 -4.53 -5.48 -5.35
CA MET A 26 -4.82 -6.30 -6.53
C MET A 26 -5.27 -5.41 -7.69
N ILE A 27 -4.70 -5.63 -8.88
CA ILE A 27 -4.99 -4.83 -10.05
C ILE A 27 -4.59 -5.64 -11.29
N LYS A 28 -5.55 -6.38 -11.86
CA LYS A 28 -5.27 -7.27 -12.97
C LYS A 28 -4.98 -6.48 -14.25
N ASN A 29 -3.69 -6.23 -14.52
CA ASN A 29 -3.10 -5.60 -15.70
C ASN A 29 -2.72 -4.16 -15.39
N VAL A 30 -1.85 -3.98 -14.39
CA VAL A 30 -1.25 -2.69 -14.07
C VAL A 30 0.11 -2.57 -14.78
N GLN A 31 0.53 -1.34 -15.08
CA GLN A 31 1.87 -1.01 -15.55
C GLN A 31 2.41 0.12 -14.65
N LYS A 32 3.73 0.20 -14.49
CA LYS A 32 4.42 1.13 -13.59
C LYS A 32 3.78 2.52 -13.56
N ASN A 33 3.55 3.11 -14.74
CA ASN A 33 3.04 4.48 -14.90
C ASN A 33 1.69 4.69 -14.21
N ASP A 34 0.93 3.61 -13.98
CA ASP A 34 -0.37 3.70 -13.34
C ASP A 34 -0.23 3.92 -11.84
N VAL A 35 0.89 3.48 -11.26
CA VAL A 35 1.05 3.40 -9.82
C VAL A 35 1.65 4.69 -9.27
N ASN A 36 0.94 5.36 -8.36
CA ASN A 36 1.41 6.55 -7.69
C ASN A 36 0.99 6.46 -6.21
N VAL A 37 1.97 6.24 -5.31
CA VAL A 37 1.70 5.99 -3.91
C VAL A 37 2.29 7.12 -3.06
N GLU A 38 1.43 7.85 -2.35
CA GLU A 38 1.82 8.90 -1.43
C GLU A 38 1.84 8.33 -0.01
N PHE A 39 3.05 8.28 0.57
CA PHE A 39 3.32 8.00 1.96
C PHE A 39 3.88 9.28 2.56
N SER A 40 3.26 9.82 3.62
CA SER A 40 3.83 10.97 4.33
C SER A 40 3.36 10.93 5.79
N GLU A 41 3.57 9.78 6.44
CA GLU A 41 3.07 9.44 7.77
C GLU A 41 1.54 9.28 7.77
N LYS A 42 0.83 10.37 7.45
CA LYS A 42 -0.61 10.53 7.39
C LYS A 42 -1.41 9.23 7.24
N GLU A 43 -1.50 8.72 6.02
CA GLU A 43 -2.15 7.47 5.66
C GLU A 43 -1.43 6.97 4.41
N LEU A 44 -1.74 5.74 3.98
CA LEU A 44 -1.23 5.19 2.75
C LEU A 44 -2.24 5.51 1.66
N SER A 45 -1.92 6.47 0.79
CA SER A 45 -2.75 6.84 -0.35
C SER A 45 -2.15 6.22 -1.61
N ALA A 46 -2.71 5.10 -2.08
CA ALA A 46 -2.24 4.39 -3.26
C ALA A 46 -3.18 4.70 -4.43
N LEU A 47 -2.74 5.55 -5.37
CA LEU A 47 -3.46 5.82 -6.60
C LEU A 47 -2.98 4.80 -7.65
N VAL A 48 -3.94 4.17 -8.31
CA VAL A 48 -3.73 3.11 -9.30
C VAL A 48 -4.58 3.47 -10.51
N LYS A 49 -3.99 4.09 -11.53
CA LYS A 49 -4.74 4.44 -12.72
C LYS A 49 -5.25 3.17 -13.40
N LEU A 50 -6.50 3.18 -13.87
CA LEU A 50 -7.19 2.02 -14.40
C LEU A 50 -7.28 2.22 -15.93
N PRO A 51 -6.59 1.40 -16.74
CA PRO A 51 -6.43 1.55 -18.17
C PRO A 51 -7.65 2.04 -18.96
N SER A 52 -8.86 1.63 -18.59
CA SER A 52 -10.12 2.03 -19.21
C SER A 52 -10.49 3.51 -19.02
N GLY A 53 -9.52 4.42 -19.00
CA GLY A 53 -9.73 5.84 -18.76
C GLY A 53 -10.41 6.08 -17.42
N GLU A 54 -10.02 5.32 -16.39
CA GLU A 54 -10.58 5.39 -15.05
C GLU A 54 -9.41 5.48 -14.06
N ASP A 55 -9.69 5.77 -12.78
CA ASP A 55 -8.70 5.73 -11.71
C ASP A 55 -9.26 4.85 -10.59
N TYR A 56 -8.42 3.99 -10.03
CA TYR A 56 -8.69 3.19 -8.85
C TYR A 56 -7.80 3.76 -7.75
N ASN A 57 -8.30 3.81 -6.51
CA ASN A 57 -7.53 4.38 -5.41
C ASN A 57 -7.86 3.65 -4.10
N LEU A 58 -6.87 3.51 -3.22
CA LEU A 58 -7.06 3.06 -1.85
C LEU A 58 -6.43 4.10 -0.91
N LYS A 59 -7.08 4.37 0.22
CA LYS A 59 -6.59 5.23 1.28
C LYS A 59 -6.70 4.45 2.60
N LEU A 60 -5.58 3.94 3.12
CA LEU A 60 -5.57 3.22 4.39
C LEU A 60 -4.99 4.09 5.48
N GLU A 61 -5.85 4.49 6.44
CA GLU A 61 -5.43 5.16 7.66
C GLU A 61 -4.66 4.15 8.52
N LEU A 62 -3.35 4.08 8.28
CA LEU A 62 -2.40 3.21 8.97
C LEU A 62 -2.60 3.26 10.48
N LEU A 63 -2.56 2.11 11.17
CA LEU A 63 -2.70 2.08 12.62
C LEU A 63 -1.64 2.94 13.31
N HIS A 64 -0.41 2.95 12.78
CA HIS A 64 0.66 3.81 13.26
C HIS A 64 1.29 4.50 12.04
N PRO A 65 1.76 5.75 12.17
CA PRO A 65 2.54 6.39 11.12
C PRO A 65 3.89 5.67 10.98
N ILE A 66 4.54 5.84 9.82
CA ILE A 66 5.84 5.27 9.54
C ILE A 66 6.66 6.30 8.78
N ILE A 67 7.99 6.23 8.93
CA ILE A 67 8.92 7.12 8.26
C ILE A 67 8.87 6.83 6.76
N PRO A 68 8.46 7.79 5.91
CA PRO A 68 8.28 7.58 4.47
C PRO A 68 9.45 6.86 3.79
N GLU A 69 10.69 7.20 4.19
CA GLU A 69 11.92 6.58 3.71
C GLU A 69 11.83 5.05 3.68
N GLN A 70 11.09 4.44 4.62
CA GLN A 70 11.00 2.99 4.76
C GLN A 70 9.87 2.39 3.90
N SER A 71 9.30 3.15 2.97
CA SER A 71 8.15 2.76 2.16
C SER A 71 8.59 2.42 0.74
N THR A 72 8.10 1.32 0.18
CA THR A 72 8.43 0.89 -1.18
C THR A 72 7.27 0.08 -1.77
N PHE A 73 7.38 -0.32 -3.04
CA PHE A 73 6.40 -1.16 -3.70
C PHE A 73 6.98 -1.81 -4.96
N LYS A 74 6.54 -3.04 -5.24
CA LYS A 74 6.89 -3.79 -6.44
C LYS A 74 5.62 -3.95 -7.29
N VAL A 75 5.63 -3.46 -8.53
CA VAL A 75 4.50 -3.50 -9.43
C VAL A 75 4.56 -4.79 -10.24
N LEU A 76 3.79 -5.81 -9.86
CA LEU A 76 3.61 -7.00 -10.68
C LEU A 76 2.31 -6.78 -11.46
N SER A 77 2.25 -7.26 -12.71
CA SER A 77 1.15 -6.97 -13.63
C SER A 77 -0.24 -7.24 -13.03
N THR A 78 -0.34 -8.21 -12.11
CA THR A 78 -1.57 -8.59 -11.44
C THR A 78 -1.79 -7.81 -10.14
N LYS A 79 -0.71 -7.37 -9.48
CA LYS A 79 -0.78 -6.84 -8.12
C LYS A 79 0.39 -5.90 -7.82
N ILE A 80 0.13 -4.83 -7.08
CA ILE A 80 1.17 -3.98 -6.53
C ILE A 80 1.43 -4.51 -5.12
N GLU A 81 2.64 -5.02 -4.88
CA GLU A 81 3.06 -5.51 -3.58
C GLU A 81 3.75 -4.33 -2.89
N ILE A 82 3.00 -3.60 -2.06
CA ILE A 82 3.54 -2.46 -1.33
C ILE A 82 4.17 -3.03 -0.05
N LYS A 83 5.33 -2.52 0.37
CA LYS A 83 5.93 -2.88 1.64
C LYS A 83 6.34 -1.61 2.35
N LEU A 84 6.08 -1.55 3.66
CA LEU A 84 6.54 -0.48 4.51
C LEU A 84 7.17 -1.10 5.74
N LYS A 85 8.45 -0.79 5.97
CA LYS A 85 9.18 -1.31 7.12
C LYS A 85 8.91 -0.41 8.32
N LYS A 86 8.37 -0.99 9.39
CA LYS A 86 8.03 -0.24 10.59
C LYS A 86 9.32 0.20 11.28
N PRO A 87 9.45 1.48 11.69
CA PRO A 87 10.61 1.98 12.41
C PRO A 87 10.98 1.10 13.60
N GLU A 88 9.99 0.81 14.46
CA GLU A 88 10.12 -0.18 15.51
C GLU A 88 9.55 -1.50 14.98
N ALA A 89 10.24 -2.60 15.26
CA ALA A 89 9.79 -3.93 14.91
C ALA A 89 8.65 -4.35 15.85
N VAL A 90 7.47 -3.75 15.69
CA VAL A 90 6.28 -4.07 16.46
C VAL A 90 5.14 -4.52 15.54
N ARG A 91 4.65 -5.74 15.73
CA ARG A 91 3.45 -6.24 15.09
C ARG A 91 2.27 -5.33 15.42
N TRP A 92 1.64 -4.74 14.40
CA TRP A 92 0.40 -3.99 14.56
C TRP A 92 -0.76 -4.99 14.69
N GLU A 93 -1.76 -4.68 15.54
CA GLU A 93 -2.92 -5.54 15.68
C GLU A 93 -3.78 -5.54 14.42
N LYS A 94 -3.89 -4.39 13.76
CA LYS A 94 -4.57 -4.23 12.49
C LYS A 94 -3.71 -3.34 11.61
N LEU A 95 -3.83 -3.48 10.28
CA LEU A 95 -3.16 -2.62 9.34
C LEU A 95 -3.72 -1.19 9.48
N GLU A 96 -5.04 -1.09 9.38
CA GLU A 96 -5.77 0.17 9.49
C GLU A 96 -5.97 0.52 10.97
N GLY A 97 -6.37 1.77 11.22
CA GLY A 97 -6.80 2.27 12.52
C GLY A 97 -7.78 1.33 13.24
N GLN A 98 -7.92 1.54 14.55
CA GLN A 98 -8.68 0.77 15.55
C GLN A 98 -7.70 -0.11 16.35
N GLY A 99 -7.00 -1.00 15.67
CA GLY A 99 -6.10 -1.94 16.34
C GLY A 99 -6.84 -2.85 17.32
N SER A 8 -9.33 1.63 0.77
CA SER A 8 -9.36 0.59 -0.26
C SER A 8 -10.64 0.72 -1.09
N LYS A 9 -10.61 1.53 -2.15
CA LYS A 9 -11.72 1.61 -3.10
C LYS A 9 -11.62 0.38 -4.00
N ILE A 10 -10.40 0.09 -4.46
CA ILE A 10 -10.09 -1.17 -5.13
C ILE A 10 -9.92 -2.24 -4.06
N LYS A 11 -10.21 -3.50 -4.39
CA LYS A 11 -10.00 -4.63 -3.50
C LYS A 11 -8.51 -4.78 -3.18
N TYR A 12 -8.17 -5.22 -1.96
CA TYR A 12 -6.80 -5.36 -1.53
C TYR A 12 -6.69 -6.55 -0.57
N ASP A 13 -5.47 -7.07 -0.41
CA ASP A 13 -5.09 -8.09 0.55
C ASP A 13 -3.84 -7.59 1.27
N TRP A 14 -3.43 -8.22 2.36
CA TRP A 14 -2.23 -7.84 3.08
C TRP A 14 -1.66 -9.01 3.90
N TYR A 15 -0.38 -8.88 4.26
CA TYR A 15 0.41 -9.78 5.07
C TYR A 15 1.34 -8.90 5.92
N GLN A 16 2.00 -9.47 6.92
CA GLN A 16 2.82 -8.70 7.83
C GLN A 16 3.85 -9.61 8.50
N THR A 17 4.97 -8.98 8.88
CA THR A 17 6.01 -9.48 9.75
C THR A 17 6.16 -8.40 10.83
N GLU A 18 6.74 -8.72 11.99
CA GLU A 18 6.88 -7.74 13.07
C GLU A 18 7.57 -6.45 12.65
N SER A 19 8.48 -6.51 11.67
CA SER A 19 9.26 -5.39 11.18
C SER A 19 8.74 -4.82 9.84
N GLN A 20 8.18 -5.66 8.96
CA GLN A 20 7.69 -5.25 7.64
C GLN A 20 6.20 -5.52 7.53
N VAL A 21 5.40 -4.49 7.26
CA VAL A 21 4.00 -4.66 6.87
C VAL A 21 4.02 -4.77 5.34
N VAL A 22 3.34 -5.79 4.79
CA VAL A 22 3.40 -6.09 3.36
C VAL A 22 1.96 -6.09 2.83
N ILE A 23 1.53 -4.97 2.25
CA ILE A 23 0.19 -4.82 1.70
C ILE A 23 0.24 -5.29 0.25
N THR A 24 -0.89 -5.70 -0.32
CA THR A 24 -0.95 -6.34 -1.64
C THR A 24 -2.23 -5.90 -2.35
N LEU A 25 -2.11 -4.91 -3.24
CA LEU A 25 -3.23 -4.37 -3.99
C LEU A 25 -3.42 -5.24 -5.24
N MET A 26 -4.63 -5.74 -5.49
CA MET A 26 -4.85 -6.77 -6.51
C MET A 26 -5.29 -6.14 -7.83
N ILE A 27 -4.43 -6.14 -8.86
CA ILE A 27 -4.72 -5.56 -10.16
C ILE A 27 -3.71 -6.03 -11.20
N LYS A 28 -4.19 -6.30 -12.42
CA LYS A 28 -3.37 -6.69 -13.57
C LYS A 28 -3.43 -5.64 -14.68
N ASN A 29 -4.59 -5.01 -14.90
CA ASN A 29 -4.74 -3.98 -15.92
C ASN A 29 -4.08 -2.67 -15.45
N VAL A 30 -2.74 -2.66 -15.43
CA VAL A 30 -1.96 -1.54 -14.92
C VAL A 30 -0.56 -1.58 -15.55
N GLN A 31 0.08 -0.42 -15.69
CA GLN A 31 1.49 -0.27 -16.07
C GLN A 31 2.16 0.58 -14.99
N LYS A 32 3.45 0.37 -14.73
CA LYS A 32 4.19 0.93 -13.60
C LYS A 32 3.86 2.41 -13.34
N ASN A 33 3.95 3.24 -14.38
CA ASN A 33 3.76 4.69 -14.26
C ASN A 33 2.39 5.07 -13.71
N ASP A 34 1.39 4.19 -13.88
CA ASP A 34 0.05 4.40 -13.35
C ASP A 34 0.04 4.37 -11.82
N VAL A 35 0.95 3.60 -11.22
CA VAL A 35 0.93 3.33 -9.80
C VAL A 35 1.62 4.49 -9.10
N ASN A 36 0.87 5.29 -8.35
CA ASN A 36 1.35 6.52 -7.75
C ASN A 36 0.96 6.47 -6.28
N VAL A 37 1.88 5.99 -5.43
CA VAL A 37 1.65 5.81 -4.01
C VAL A 37 2.33 6.93 -3.22
N GLU A 38 1.54 7.76 -2.54
CA GLU A 38 2.05 8.73 -1.60
C GLU A 38 2.00 8.12 -0.20
N PHE A 39 3.11 8.24 0.51
CA PHE A 39 3.26 7.94 1.92
C PHE A 39 3.83 9.21 2.52
N SER A 40 3.15 9.80 3.50
CA SER A 40 3.56 11.06 4.10
C SER A 40 3.06 11.08 5.53
N GLU A 41 3.33 9.97 6.25
CA GLU A 41 2.85 9.65 7.59
C GLU A 41 1.33 9.44 7.62
N LYS A 42 0.58 10.46 7.23
CA LYS A 42 -0.88 10.54 7.18
C LYS A 42 -1.61 9.21 7.00
N GLU A 43 -1.54 8.65 5.79
CA GLU A 43 -2.21 7.44 5.37
C GLU A 43 -1.34 6.84 4.27
N LEU A 44 -1.68 5.61 3.87
CA LEU A 44 -1.14 5.00 2.67
C LEU A 44 -2.13 5.41 1.59
N SER A 45 -1.69 6.26 0.65
CA SER A 45 -2.54 6.77 -0.41
C SER A 45 -2.04 6.23 -1.75
N ALA A 46 -2.67 5.18 -2.28
CA ALA A 46 -2.27 4.54 -3.53
C ALA A 46 -3.25 4.94 -4.62
N LEU A 47 -2.86 5.86 -5.52
CA LEU A 47 -3.62 6.17 -6.72
C LEU A 47 -3.11 5.26 -7.82
N VAL A 48 -4.01 4.61 -8.57
CA VAL A 48 -3.67 3.70 -9.65
C VAL A 48 -4.42 4.17 -10.89
N LYS A 49 -3.72 4.86 -11.79
CA LYS A 49 -4.33 5.36 -13.02
C LYS A 49 -4.78 4.19 -13.89
N LEU A 50 -6.07 3.87 -13.85
CA LEU A 50 -6.65 2.77 -14.59
C LEU A 50 -6.61 3.18 -16.08
N PRO A 51 -5.90 2.43 -16.94
CA PRO A 51 -5.63 2.75 -18.34
C PRO A 51 -6.74 3.48 -19.10
N SER A 52 -8.00 3.10 -18.90
CA SER A 52 -9.18 3.71 -19.53
C SER A 52 -9.45 5.16 -19.10
N GLY A 53 -8.43 5.98 -18.86
CA GLY A 53 -8.55 7.35 -18.41
C GLY A 53 -9.34 7.46 -17.11
N GLU A 54 -9.12 6.51 -16.19
CA GLU A 54 -9.82 6.42 -14.92
C GLU A 54 -8.77 6.26 -13.81
N ASP A 55 -9.17 6.36 -12.54
CA ASP A 55 -8.28 6.10 -11.41
C ASP A 55 -8.99 5.15 -10.46
N TYR A 56 -8.30 4.08 -10.06
CA TYR A 56 -8.68 3.19 -8.99
C TYR A 56 -7.78 3.56 -7.83
N ASN A 57 -8.26 3.40 -6.59
CA ASN A 57 -7.56 3.95 -5.44
C ASN A 57 -7.67 3.11 -4.17
N LEU A 58 -6.69 3.27 -3.29
CA LEU A 58 -6.71 2.82 -1.92
C LEU A 58 -6.24 3.98 -1.05
N LYS A 59 -6.95 4.20 0.06
CA LYS A 59 -6.60 5.09 1.15
C LYS A 59 -6.68 4.22 2.40
N LEU A 60 -5.61 4.10 3.19
CA LEU A 60 -5.66 3.40 4.46
C LEU A 60 -5.01 4.22 5.57
N GLU A 61 -5.77 4.47 6.63
CA GLU A 61 -5.28 5.02 7.88
C GLU A 61 -4.48 3.93 8.59
N LEU A 62 -3.15 3.96 8.44
CA LEU A 62 -2.23 3.04 9.08
C LEU A 62 -2.45 3.04 10.60
N LEU A 63 -2.25 1.89 11.28
CA LEU A 63 -2.30 1.86 12.74
C LEU A 63 -1.38 2.94 13.34
N HIS A 64 -0.15 3.04 12.83
CA HIS A 64 0.81 4.06 13.20
C HIS A 64 1.41 4.63 11.93
N PRO A 65 1.74 5.93 11.89
CA PRO A 65 2.52 6.50 10.81
C PRO A 65 3.93 5.93 10.87
N ILE A 66 4.65 5.95 9.75
CA ILE A 66 6.04 5.51 9.67
C ILE A 66 6.82 6.46 8.78
N ILE A 67 8.15 6.35 8.80
CA ILE A 67 9.06 7.19 8.02
C ILE A 67 8.86 6.87 6.54
N PRO A 68 8.34 7.82 5.72
CA PRO A 68 8.00 7.62 4.32
C PRO A 68 8.98 6.77 3.52
N GLU A 69 10.27 7.11 3.55
CA GLU A 69 11.28 6.43 2.75
C GLU A 69 11.41 4.93 3.05
N GLN A 70 10.85 4.44 4.17
CA GLN A 70 10.82 3.02 4.48
C GLN A 70 9.68 2.30 3.74
N SER A 71 8.92 3.01 2.91
CA SER A 71 7.77 2.50 2.19
C SER A 71 8.13 2.25 0.72
N THR A 72 7.52 1.23 0.11
CA THR A 72 7.85 0.78 -1.24
C THR A 72 6.55 0.42 -1.97
N PHE A 73 6.58 0.32 -3.31
CA PHE A 73 5.49 -0.23 -4.08
C PHE A 73 6.08 -0.96 -5.29
N LYS A 74 5.82 -2.27 -5.37
CA LYS A 74 6.47 -3.18 -6.32
C LYS A 74 5.36 -3.81 -7.17
N VAL A 75 5.32 -3.48 -8.46
CA VAL A 75 4.30 -3.95 -9.38
C VAL A 75 4.68 -5.36 -9.86
N LEU A 76 3.95 -6.38 -9.39
CA LEU A 76 4.04 -7.73 -9.93
C LEU A 76 3.07 -7.81 -11.12
N SER A 77 2.85 -9.00 -11.69
CA SER A 77 1.98 -9.17 -12.83
C SER A 77 0.55 -8.75 -12.51
N THR A 78 0.00 -9.39 -11.46
CA THR A 78 -1.41 -9.38 -11.11
C THR A 78 -1.66 -8.66 -9.78
N LYS A 79 -0.60 -8.18 -9.12
CA LYS A 79 -0.67 -7.57 -7.80
C LYS A 79 0.38 -6.46 -7.70
N ILE A 80 0.19 -5.52 -6.77
CA ILE A 80 1.16 -4.51 -6.41
C ILE A 80 1.47 -4.76 -4.94
N GLU A 81 2.72 -5.14 -4.63
CA GLU A 81 3.14 -5.43 -3.27
C GLU A 81 3.73 -4.15 -2.68
N ILE A 82 3.07 -3.61 -1.66
CA ILE A 82 3.44 -2.37 -1.01
C ILE A 82 4.01 -2.74 0.35
N LYS A 83 5.34 -2.80 0.48
CA LYS A 83 5.98 -3.08 1.76
C LYS A 83 6.33 -1.77 2.44
N LEU A 84 6.09 -1.68 3.74
CA LEU A 84 6.58 -0.60 4.57
C LEU A 84 7.25 -1.20 5.80
N LYS A 85 8.55 -0.91 5.96
CA LYS A 85 9.26 -1.30 7.15
C LYS A 85 8.87 -0.32 8.25
N LYS A 86 8.57 -0.81 9.46
CA LYS A 86 8.32 0.04 10.60
C LYS A 86 9.66 0.35 11.29
N PRO A 87 9.89 1.58 11.78
CA PRO A 87 11.10 1.93 12.53
C PRO A 87 11.36 0.97 13.68
N GLU A 88 10.38 0.79 14.56
CA GLU A 88 10.41 -0.23 15.60
C GLU A 88 9.68 -1.46 15.07
N ALA A 89 10.18 -2.64 15.42
CA ALA A 89 9.62 -3.91 14.98
C ALA A 89 8.41 -4.28 15.85
N VAL A 90 7.41 -3.39 15.91
CA VAL A 90 6.16 -3.67 16.61
C VAL A 90 5.15 -4.25 15.62
N ARG A 91 4.69 -5.45 15.91
CA ARG A 91 3.69 -6.13 15.10
C ARG A 91 2.35 -5.40 15.21
N TRP A 92 1.84 -4.83 14.12
CA TRP A 92 0.54 -4.19 14.10
C TRP A 92 -0.53 -5.30 14.09
N GLU A 93 -0.88 -5.80 15.28
CA GLU A 93 -1.94 -6.79 15.48
C GLU A 93 -3.17 -6.51 14.59
N LYS A 94 -3.52 -5.23 14.45
CA LYS A 94 -4.53 -4.74 13.53
C LYS A 94 -3.86 -3.69 12.61
N LEU A 95 -3.92 -3.89 11.29
CA LEU A 95 -3.16 -3.13 10.30
C LEU A 95 -3.49 -1.64 10.35
N GLU A 96 -4.77 -1.32 10.26
CA GLU A 96 -5.28 0.03 10.14
C GLU A 96 -5.54 0.58 11.54
N GLY A 97 -5.83 1.89 11.63
CA GLY A 97 -6.30 2.58 12.82
C GLY A 97 -7.46 1.83 13.45
N GLN A 98 -7.12 0.90 14.34
CA GLN A 98 -8.00 -0.12 14.89
C GLN A 98 -8.88 -0.78 13.84
N GLY A 99 -8.25 -1.28 12.77
CA GLY A 99 -8.90 -2.10 11.76
C GLY A 99 -7.99 -3.25 11.34
N SER A 8 -12.57 -1.55 -1.58
CA SER A 8 -12.40 -0.29 -2.32
C SER A 8 -12.73 -0.48 -3.80
N LYS A 9 -12.36 0.52 -4.61
CA LYS A 9 -12.40 0.50 -6.06
C LYS A 9 -11.80 -0.82 -6.57
N ILE A 10 -10.65 -1.18 -6.00
CA ILE A 10 -9.95 -2.43 -6.21
C ILE A 10 -9.94 -3.21 -4.89
N LYS A 11 -9.84 -4.54 -4.96
CA LYS A 11 -9.74 -5.40 -3.80
C LYS A 11 -8.27 -5.74 -3.53
N TYR A 12 -7.95 -6.06 -2.28
CA TYR A 12 -6.58 -6.18 -1.84
C TYR A 12 -6.48 -7.18 -0.69
N ASP A 13 -5.26 -7.57 -0.35
CA ASP A 13 -4.90 -8.39 0.80
C ASP A 13 -3.76 -7.67 1.53
N TRP A 14 -3.45 -8.06 2.77
CA TRP A 14 -2.31 -7.55 3.50
C TRP A 14 -1.83 -8.59 4.51
N TYR A 15 -0.57 -8.46 4.93
CA TYR A 15 0.07 -9.36 5.88
C TYR A 15 1.24 -8.61 6.53
N GLN A 16 1.50 -8.93 7.79
CA GLN A 16 2.45 -8.21 8.62
C GLN A 16 3.64 -9.12 8.92
N THR A 17 4.82 -8.72 8.44
CA THR A 17 6.10 -9.28 8.84
C THR A 17 6.50 -8.50 10.10
N GLU A 18 7.30 -9.10 10.99
CA GLU A 18 7.61 -8.46 12.28
C GLU A 18 8.25 -7.08 12.09
N SER A 19 9.00 -6.90 11.01
CA SER A 19 9.62 -5.65 10.60
C SER A 19 8.75 -4.93 9.56
N GLN A 20 8.45 -5.64 8.47
CA GLN A 20 7.82 -5.09 7.27
C GLN A 20 6.32 -5.31 7.27
N VAL A 21 5.53 -4.24 7.18
CA VAL A 21 4.09 -4.32 6.95
C VAL A 21 3.90 -4.31 5.43
N VAL A 22 3.16 -5.30 4.89
CA VAL A 22 3.05 -5.51 3.45
C VAL A 22 1.58 -5.59 3.05
N ILE A 23 1.21 -4.88 1.98
CA ILE A 23 -0.12 -4.81 1.42
C ILE A 23 -0.01 -5.26 -0.02
N THR A 24 -1.08 -5.81 -0.61
CA THR A 24 -1.03 -6.38 -1.95
C THR A 24 -2.38 -6.17 -2.65
N LEU A 25 -2.45 -5.25 -3.61
CA LEU A 25 -3.66 -4.93 -4.36
C LEU A 25 -3.71 -5.85 -5.58
N MET A 26 -4.81 -6.58 -5.77
CA MET A 26 -4.95 -7.55 -6.85
C MET A 26 -5.45 -6.78 -8.08
N ILE A 27 -4.61 -6.59 -9.10
CA ILE A 27 -4.92 -5.67 -10.19
C ILE A 27 -4.03 -5.93 -11.40
N LYS A 28 -4.43 -6.86 -12.26
CA LYS A 28 -3.69 -7.19 -13.49
C LYS A 28 -3.92 -6.12 -14.56
N ASN A 29 -5.07 -5.44 -14.53
CA ASN A 29 -5.50 -4.45 -15.50
C ASN A 29 -4.76 -3.11 -15.33
N VAL A 30 -3.43 -3.14 -15.17
CA VAL A 30 -2.60 -2.00 -14.79
C VAL A 30 -1.18 -2.27 -15.29
N GLN A 31 -0.38 -1.22 -15.45
CA GLN A 31 1.05 -1.30 -15.71
C GLN A 31 1.76 -0.34 -14.75
N LYS A 32 2.97 -0.71 -14.30
CA LYS A 32 3.71 -0.05 -13.22
C LYS A 32 3.71 1.48 -13.35
N ASN A 33 3.90 1.99 -14.56
CA ASN A 33 4.01 3.41 -14.80
C ASN A 33 2.78 4.18 -14.32
N ASP A 34 1.60 3.55 -14.34
CA ASP A 34 0.36 4.21 -13.94
C ASP A 34 0.12 4.18 -12.42
N VAL A 35 1.01 3.52 -11.66
CA VAL A 35 0.87 3.33 -10.23
C VAL A 35 1.76 4.33 -9.49
N ASN A 36 1.24 4.99 -8.46
CA ASN A 36 2.00 5.79 -7.53
C ASN A 36 1.47 5.45 -6.14
N VAL A 37 2.32 5.49 -5.12
CA VAL A 37 1.91 5.25 -3.75
C VAL A 37 2.49 6.38 -2.90
N GLU A 38 1.62 7.12 -2.22
CA GLU A 38 1.98 8.24 -1.37
C GLU A 38 1.94 7.76 0.08
N PHE A 39 3.05 7.96 0.78
CA PHE A 39 3.23 7.71 2.19
C PHE A 39 3.86 8.99 2.73
N SER A 40 3.25 9.60 3.75
CA SER A 40 3.76 10.83 4.33
C SER A 40 3.36 10.89 5.80
N GLU A 41 3.64 9.82 6.52
CA GLU A 41 3.18 9.55 7.89
C GLU A 41 1.67 9.30 7.95
N LYS A 42 0.88 10.26 7.45
CA LYS A 42 -0.58 10.27 7.43
C LYS A 42 -1.24 8.89 7.24
N GLU A 43 -1.31 8.42 5.99
CA GLU A 43 -2.01 7.22 5.59
C GLU A 43 -1.26 6.64 4.40
N LEU A 44 -1.56 5.39 4.03
CA LEU A 44 -1.05 4.76 2.83
C LEU A 44 -2.08 5.01 1.73
N SER A 45 -1.73 5.86 0.75
CA SER A 45 -2.61 6.21 -0.36
C SER A 45 -2.03 5.64 -1.66
N ALA A 46 -2.64 4.59 -2.23
CA ALA A 46 -2.20 3.99 -3.48
C ALA A 46 -2.97 4.60 -4.64
N LEU A 47 -2.36 5.49 -5.41
CA LEU A 47 -2.99 6.20 -6.52
C LEU A 47 -2.72 5.40 -7.80
N VAL A 48 -3.78 4.87 -8.44
CA VAL A 48 -3.67 4.04 -9.62
C VAL A 48 -4.46 4.67 -10.76
N LYS A 49 -3.79 5.21 -11.78
CA LYS A 49 -4.49 5.68 -12.97
C LYS A 49 -4.85 4.47 -13.84
N LEU A 50 -6.13 4.19 -14.09
CA LEU A 50 -6.46 3.05 -14.95
C LEU A 50 -6.22 3.37 -16.42
N PRO A 51 -6.00 2.34 -17.25
CA PRO A 51 -6.00 2.46 -18.71
C PRO A 51 -7.20 3.28 -19.23
N SER A 52 -8.37 3.10 -18.61
CA SER A 52 -9.60 3.79 -18.93
C SER A 52 -9.62 5.25 -18.43
N GLY A 53 -8.48 5.84 -18.07
CA GLY A 53 -8.40 7.26 -17.72
C GLY A 53 -8.89 7.56 -16.31
N GLU A 54 -9.87 6.80 -15.81
CA GLU A 54 -10.42 6.97 -14.48
C GLU A 54 -9.37 6.60 -13.42
N ASP A 55 -9.54 7.14 -12.22
CA ASP A 55 -8.66 6.88 -11.10
C ASP A 55 -9.20 5.73 -10.24
N TYR A 56 -8.33 4.80 -9.87
CA TYR A 56 -8.57 3.77 -8.89
C TYR A 56 -7.68 4.09 -7.70
N ASN A 57 -8.20 3.90 -6.49
CA ASN A 57 -7.45 4.20 -5.28
C ASN A 57 -7.77 3.23 -4.16
N LEU A 58 -6.82 3.08 -3.23
CA LEU A 58 -7.03 2.45 -1.94
C LEU A 58 -6.35 3.40 -0.96
N LYS A 59 -7.03 3.76 0.14
CA LYS A 59 -6.55 4.73 1.11
C LYS A 59 -6.65 4.07 2.49
N LEU A 60 -5.53 3.54 2.99
CA LEU A 60 -5.50 2.84 4.27
C LEU A 60 -5.00 3.80 5.34
N GLU A 61 -5.89 4.18 6.25
CA GLU A 61 -5.55 4.92 7.45
C GLU A 61 -4.76 3.98 8.37
N LEU A 62 -3.42 4.00 8.25
CA LEU A 62 -2.53 3.16 9.04
C LEU A 62 -2.81 3.33 10.54
N LEU A 63 -2.76 2.23 11.30
CA LEU A 63 -2.95 2.26 12.74
C LEU A 63 -1.92 3.20 13.41
N HIS A 64 -0.67 3.17 12.93
CA HIS A 64 0.40 4.03 13.42
C HIS A 64 1.06 4.72 12.22
N PRO A 65 1.58 5.96 12.38
CA PRO A 65 2.35 6.61 11.34
C PRO A 65 3.70 5.92 11.17
N ILE A 66 4.32 6.09 10.00
CA ILE A 66 5.53 5.36 9.61
C ILE A 66 6.45 6.26 8.78
N ILE A 67 7.69 5.80 8.55
CA ILE A 67 8.75 6.56 7.90
C ILE A 67 8.60 6.45 6.37
N PRO A 68 8.32 7.54 5.65
CA PRO A 68 8.24 7.54 4.19
C PRO A 68 9.50 6.96 3.56
N GLU A 69 10.67 7.34 4.07
CA GLU A 69 11.96 6.86 3.60
C GLU A 69 12.18 5.35 3.83
N GLN A 70 11.23 4.64 4.42
CA GLN A 70 11.24 3.19 4.53
C GLN A 70 9.97 2.59 3.89
N SER A 71 9.35 3.32 2.95
CA SER A 71 8.12 2.93 2.29
C SER A 71 8.37 2.74 0.79
N THR A 72 7.88 1.65 0.18
CA THR A 72 8.13 1.31 -1.21
C THR A 72 6.98 0.48 -1.80
N PHE A 73 7.03 0.21 -3.11
CA PHE A 73 6.07 -0.64 -3.82
C PHE A 73 6.68 -1.17 -5.11
N LYS A 74 6.12 -2.28 -5.62
CA LYS A 74 6.52 -2.91 -6.87
C LYS A 74 5.31 -3.68 -7.43
N VAL A 75 5.23 -3.81 -8.76
CA VAL A 75 4.07 -4.39 -9.42
C VAL A 75 4.45 -5.75 -10.00
N LEU A 76 4.01 -6.84 -9.35
CA LEU A 76 4.38 -8.20 -9.74
C LEU A 76 3.44 -8.66 -10.86
N SER A 77 3.33 -7.84 -11.92
CA SER A 77 2.41 -7.98 -13.05
C SER A 77 0.92 -7.99 -12.65
N THR A 78 0.48 -9.00 -11.90
CA THR A 78 -0.92 -9.22 -11.57
C THR A 78 -1.38 -8.39 -10.36
N LYS A 79 -0.43 -7.86 -9.59
CA LYS A 79 -0.72 -7.26 -8.29
C LYS A 79 0.32 -6.19 -7.94
N ILE A 80 -0.12 -5.15 -7.23
CA ILE A 80 0.75 -4.11 -6.70
C ILE A 80 1.08 -4.53 -5.27
N GLU A 81 2.34 -4.89 -5.00
CA GLU A 81 2.81 -5.17 -3.66
C GLU A 81 3.38 -3.87 -3.13
N ILE A 82 2.94 -3.48 -1.94
CA ILE A 82 3.36 -2.28 -1.24
C ILE A 82 3.98 -2.74 0.06
N LYS A 83 5.16 -2.25 0.42
CA LYS A 83 5.84 -2.62 1.65
C LYS A 83 6.26 -1.35 2.37
N LEU A 84 6.12 -1.34 3.70
CA LEU A 84 6.64 -0.28 4.53
C LEU A 84 7.28 -0.90 5.77
N LYS A 85 8.52 -0.51 6.06
CA LYS A 85 9.19 -0.97 7.27
C LYS A 85 8.60 -0.19 8.44
N LYS A 86 8.20 -0.89 9.51
CA LYS A 86 7.74 -0.21 10.70
C LYS A 86 8.90 0.55 11.36
N PRO A 87 8.65 1.71 11.99
CA PRO A 87 9.65 2.45 12.76
C PRO A 87 10.44 1.57 13.72
N GLU A 88 9.75 0.65 14.41
CA GLU A 88 10.36 -0.41 15.20
C GLU A 88 9.65 -1.69 14.82
N ALA A 89 10.36 -2.82 14.86
CA ALA A 89 9.86 -4.12 14.44
C ALA A 89 8.95 -4.70 15.52
N VAL A 90 7.77 -4.10 15.71
CA VAL A 90 6.76 -4.54 16.66
C VAL A 90 5.46 -4.86 15.93
N ARG A 91 4.93 -6.08 16.10
CA ARG A 91 3.65 -6.53 15.59
C ARG A 91 2.53 -5.55 16.00
N TRP A 92 2.01 -4.77 15.04
CA TRP A 92 0.81 -3.98 15.25
C TRP A 92 -0.35 -4.97 15.47
N GLU A 93 -1.34 -4.60 16.28
CA GLU A 93 -2.52 -5.42 16.49
C GLU A 93 -3.24 -5.69 15.16
N LYS A 94 -3.37 -4.65 14.33
CA LYS A 94 -4.09 -4.66 13.07
C LYS A 94 -3.53 -3.54 12.19
N LEU A 95 -3.70 -3.64 10.86
CA LEU A 95 -3.07 -2.73 9.91
C LEU A 95 -3.66 -1.33 10.00
N GLU A 96 -4.96 -1.20 9.69
CA GLU A 96 -5.61 0.10 9.63
C GLU A 96 -6.11 0.52 11.01
N GLY A 97 -6.50 1.79 11.15
CA GLY A 97 -7.12 2.38 12.33
C GLY A 97 -8.37 1.60 12.73
N GLN A 98 -8.13 0.58 13.55
CA GLN A 98 -9.07 -0.46 13.93
C GLN A 98 -9.63 -1.20 12.70
N GLY A 99 -8.73 -1.57 11.79
CA GLY A 99 -9.10 -2.37 10.62
C GLY A 99 -10.08 -1.62 9.71
N SER A 8 -11.48 4.73 -7.39
CA SER A 8 -12.28 3.50 -7.40
C SER A 8 -11.67 2.44 -6.46
N LYS A 9 -12.47 1.89 -5.54
CA LYS A 9 -12.03 0.80 -4.67
C LYS A 9 -11.49 -0.36 -5.50
N ILE A 10 -10.59 -1.15 -4.88
CA ILE A 10 -9.77 -2.14 -5.55
C ILE A 10 -9.73 -3.44 -4.74
N LYS A 11 -9.42 -4.57 -5.40
CA LYS A 11 -9.22 -5.84 -4.73
C LYS A 11 -7.97 -5.72 -3.85
N TYR A 12 -8.17 -5.80 -2.53
CA TYR A 12 -7.21 -5.45 -1.50
C TYR A 12 -6.99 -6.65 -0.58
N ASP A 13 -5.73 -7.09 -0.44
CA ASP A 13 -5.27 -8.07 0.53
C ASP A 13 -4.05 -7.45 1.25
N TRP A 14 -3.63 -8.00 2.39
CA TRP A 14 -2.43 -7.54 3.08
C TRP A 14 -1.87 -8.64 4.01
N TYR A 15 -0.67 -8.40 4.54
CA TYR A 15 0.11 -9.30 5.36
C TYR A 15 1.12 -8.45 6.16
N GLN A 16 1.80 -9.02 7.15
CA GLN A 16 2.79 -8.30 7.94
C GLN A 16 3.75 -9.26 8.63
N THR A 17 4.88 -8.72 9.11
CA THR A 17 5.95 -9.41 9.80
C THR A 17 6.33 -8.57 11.02
N GLU A 18 7.31 -9.01 11.81
CA GLU A 18 7.84 -8.24 12.93
C GLU A 18 8.40 -6.88 12.47
N SER A 19 8.91 -6.78 11.24
CA SER A 19 9.66 -5.63 10.75
C SER A 19 8.94 -4.89 9.61
N GLN A 20 8.35 -5.64 8.67
CA GLN A 20 7.72 -5.13 7.46
C GLN A 20 6.22 -5.32 7.50
N VAL A 21 5.45 -4.31 7.10
CA VAL A 21 4.02 -4.40 6.87
C VAL A 21 3.85 -4.37 5.34
N VAL A 22 3.02 -5.26 4.78
CA VAL A 22 2.94 -5.48 3.34
C VAL A 22 1.47 -5.48 2.89
N ILE A 23 1.12 -4.66 1.90
CA ILE A 23 -0.22 -4.61 1.32
C ILE A 23 -0.13 -5.15 -0.11
N THR A 24 -1.22 -5.69 -0.64
CA THR A 24 -1.28 -6.28 -1.97
C THR A 24 -2.58 -5.87 -2.65
N LEU A 25 -2.48 -4.95 -3.61
CA LEU A 25 -3.58 -4.52 -4.46
C LEU A 25 -3.57 -5.41 -5.71
N MET A 26 -4.54 -6.32 -5.83
CA MET A 26 -4.61 -7.28 -6.92
C MET A 26 -5.21 -6.59 -8.15
N ILE A 27 -4.46 -6.42 -9.23
CA ILE A 27 -4.91 -5.67 -10.40
C ILE A 27 -4.00 -5.96 -11.60
N LYS A 28 -4.58 -6.39 -12.72
CA LYS A 28 -3.84 -6.83 -13.91
C LYS A 28 -3.62 -5.67 -14.89
N ASN A 29 -4.66 -4.88 -15.14
CA ASN A 29 -4.61 -3.78 -16.12
C ASN A 29 -3.82 -2.61 -15.53
N VAL A 30 -2.50 -2.77 -15.41
CA VAL A 30 -1.63 -1.79 -14.78
C VAL A 30 -0.21 -1.90 -15.35
N GLN A 31 0.52 -0.79 -15.39
CA GLN A 31 1.94 -0.73 -15.68
C GLN A 31 2.58 0.15 -14.60
N LYS A 32 3.86 -0.09 -14.29
CA LYS A 32 4.57 0.52 -13.16
C LYS A 32 4.30 2.02 -13.03
N ASN A 33 4.44 2.74 -14.15
CA ASN A 33 4.30 4.19 -14.20
C ASN A 33 2.94 4.68 -13.71
N ASP A 34 1.91 3.84 -13.76
CA ASP A 34 0.55 4.24 -13.41
C ASP A 34 0.36 4.25 -11.89
N VAL A 35 1.23 3.54 -11.16
CA VAL A 35 1.05 3.28 -9.74
C VAL A 35 1.72 4.38 -8.93
N ASN A 36 0.93 5.34 -8.44
CA ASN A 36 1.42 6.48 -7.67
C ASN A 36 1.02 6.29 -6.20
N VAL A 37 1.88 5.68 -5.39
CA VAL A 37 1.65 5.54 -3.95
C VAL A 37 2.26 6.74 -3.23
N GLU A 38 1.44 7.49 -2.49
CA GLU A 38 1.90 8.56 -1.61
C GLU A 38 1.99 8.03 -0.19
N PHE A 39 3.12 8.34 0.45
CA PHE A 39 3.42 8.01 1.84
C PHE A 39 3.98 9.29 2.48
N SER A 40 3.33 9.79 3.53
CA SER A 40 3.81 10.96 4.25
C SER A 40 3.33 10.89 5.70
N GLU A 41 3.56 9.75 6.35
CA GLU A 41 3.09 9.40 7.70
C GLU A 41 1.56 9.19 7.72
N LYS A 42 0.82 10.23 7.35
CA LYS A 42 -0.65 10.32 7.32
C LYS A 42 -1.38 8.98 7.21
N GLU A 43 -1.37 8.39 6.01
CA GLU A 43 -2.05 7.16 5.66
C GLU A 43 -1.27 6.55 4.50
N LEU A 44 -1.63 5.33 4.11
CA LEU A 44 -1.16 4.71 2.89
C LEU A 44 -2.18 5.06 1.81
N SER A 45 -1.87 6.09 1.02
CA SER A 45 -2.67 6.55 -0.09
C SER A 45 -2.11 5.95 -1.39
N ALA A 46 -2.72 4.89 -1.89
CA ALA A 46 -2.30 4.22 -3.13
C ALA A 46 -3.18 4.67 -4.28
N LEU A 47 -2.68 5.54 -5.17
CA LEU A 47 -3.40 5.97 -6.37
C LEU A 47 -2.92 5.15 -7.56
N VAL A 48 -3.69 4.13 -7.94
CA VAL A 48 -3.42 3.27 -9.08
C VAL A 48 -4.12 3.88 -10.29
N LYS A 49 -3.44 4.70 -11.08
CA LYS A 49 -4.03 5.09 -12.35
C LYS A 49 -4.14 3.83 -13.22
N LEU A 50 -5.06 3.79 -14.19
CA LEU A 50 -5.07 2.72 -15.17
C LEU A 50 -4.51 3.24 -16.50
N PRO A 51 -3.95 2.35 -17.32
CA PRO A 51 -3.66 2.65 -18.72
C PRO A 51 -4.90 3.26 -19.36
N SER A 52 -6.05 2.64 -19.09
CA SER A 52 -7.38 3.01 -19.55
C SER A 52 -7.93 4.32 -18.93
N GLY A 53 -7.07 5.31 -18.65
CA GLY A 53 -7.50 6.66 -18.27
C GLY A 53 -7.98 6.78 -16.82
N GLU A 54 -8.94 5.94 -16.41
CA GLU A 54 -9.56 6.02 -15.10
C GLU A 54 -8.55 5.66 -14.00
N ASP A 55 -8.92 5.88 -12.73
CA ASP A 55 -8.09 5.59 -11.58
C ASP A 55 -8.79 4.66 -10.60
N TYR A 56 -7.98 3.87 -9.90
CA TYR A 56 -8.34 3.05 -8.76
C TYR A 56 -7.54 3.59 -7.58
N ASN A 57 -8.14 3.62 -6.39
CA ASN A 57 -7.54 4.25 -5.23
C ASN A 57 -7.87 3.47 -3.96
N LEU A 58 -6.89 3.33 -3.06
CA LEU A 58 -7.11 2.83 -1.71
C LEU A 58 -6.42 3.79 -0.74
N LYS A 59 -7.09 4.13 0.37
CA LYS A 59 -6.63 5.07 1.37
C LYS A 59 -6.73 4.40 2.75
N LEU A 60 -5.63 3.88 3.26
CA LEU A 60 -5.61 3.15 4.53
C LEU A 60 -4.99 4.02 5.63
N GLU A 61 -5.82 4.46 6.58
CA GLU A 61 -5.37 5.22 7.75
C GLU A 61 -4.55 4.31 8.65
N LEU A 62 -3.25 4.25 8.41
CA LEU A 62 -2.29 3.39 9.09
C LEU A 62 -2.37 3.50 10.62
N LEU A 63 -2.08 2.40 11.32
CA LEU A 63 -2.01 2.36 12.77
C LEU A 63 -0.97 3.34 13.32
N HIS A 64 0.18 3.47 12.66
CA HIS A 64 1.29 4.30 13.12
C HIS A 64 1.85 5.15 11.97
N PRO A 65 2.39 6.34 12.26
CA PRO A 65 2.97 7.24 11.28
C PRO A 65 4.29 6.68 10.77
N ILE A 66 4.22 5.80 9.78
CA ILE A 66 5.40 5.19 9.16
C ILE A 66 6.33 6.23 8.55
N ILE A 67 7.64 6.05 8.73
CA ILE A 67 8.68 6.94 8.21
C ILE A 67 8.76 6.78 6.69
N PRO A 68 8.37 7.79 5.88
CA PRO A 68 8.27 7.69 4.43
C PRO A 68 9.47 7.00 3.77
N GLU A 69 10.69 7.34 4.19
CA GLU A 69 11.93 6.78 3.68
C GLU A 69 11.90 5.24 3.60
N GLN A 70 11.17 4.58 4.50
CA GLN A 70 11.11 3.13 4.57
C GLN A 70 9.95 2.53 3.75
N SER A 71 9.35 3.31 2.85
CA SER A 71 8.17 2.90 2.09
C SER A 71 8.55 2.57 0.64
N THR A 72 8.02 1.47 0.08
CA THR A 72 8.28 1.08 -1.29
C THR A 72 7.09 0.30 -1.86
N PHE A 73 7.15 -0.04 -3.14
CA PHE A 73 6.16 -0.87 -3.81
C PHE A 73 6.73 -1.46 -5.10
N LYS A 74 6.17 -2.60 -5.54
CA LYS A 74 6.54 -3.31 -6.74
C LYS A 74 5.26 -3.74 -7.45
N VAL A 75 5.22 -3.64 -8.78
CA VAL A 75 4.05 -3.93 -9.61
C VAL A 75 4.33 -5.22 -10.37
N LEU A 76 4.00 -6.37 -9.78
CA LEU A 76 4.33 -7.68 -10.34
C LEU A 76 3.29 -8.07 -11.40
N SER A 77 3.02 -7.16 -12.34
CA SER A 77 2.00 -7.21 -13.40
C SER A 77 0.58 -7.39 -12.86
N THR A 78 0.34 -8.52 -12.19
CA THR A 78 -0.93 -8.98 -11.67
C THR A 78 -1.29 -8.29 -10.35
N LYS A 79 -0.30 -7.78 -9.61
CA LYS A 79 -0.49 -7.33 -8.25
C LYS A 79 0.54 -6.25 -7.89
N ILE A 80 0.08 -5.22 -7.20
CA ILE A 80 0.91 -4.18 -6.63
C ILE A 80 1.18 -4.58 -5.19
N GLU A 81 2.42 -5.02 -4.91
CA GLU A 81 2.86 -5.34 -3.57
C GLU A 81 3.52 -4.09 -3.01
N ILE A 82 2.89 -3.48 -2.00
CA ILE A 82 3.39 -2.31 -1.30
C ILE A 82 4.04 -2.82 -0.02
N LYS A 83 5.25 -2.36 0.32
CA LYS A 83 5.89 -2.74 1.56
C LYS A 83 6.36 -1.48 2.28
N LEU A 84 6.19 -1.46 3.60
CA LEU A 84 6.71 -0.41 4.44
C LEU A 84 7.40 -1.03 5.64
N LYS A 85 8.66 -0.65 5.88
CA LYS A 85 9.35 -1.08 7.09
C LYS A 85 8.86 -0.19 8.24
N LYS A 86 8.57 -0.79 9.39
CA LYS A 86 8.02 -0.06 10.53
C LYS A 86 9.04 0.92 11.12
N PRO A 87 8.58 1.98 11.82
CA PRO A 87 9.45 2.83 12.63
C PRO A 87 10.28 2.02 13.62
N GLU A 88 9.65 1.03 14.26
CA GLU A 88 10.29 0.09 15.16
C GLU A 88 9.71 -1.29 14.89
N ALA A 89 10.53 -2.33 14.98
CA ALA A 89 10.13 -3.70 14.71
C ALA A 89 9.31 -4.27 15.88
N VAL A 90 8.09 -3.76 16.06
CA VAL A 90 7.13 -4.21 17.05
C VAL A 90 5.83 -4.59 16.34
N ARG A 91 5.22 -5.72 16.69
CA ARG A 91 4.04 -6.26 16.01
C ARG A 91 2.88 -5.25 15.96
N TRP A 92 2.53 -4.78 14.76
CA TRP A 92 1.31 -4.01 14.57
C TRP A 92 0.11 -4.96 14.70
N GLU A 93 -0.69 -4.78 15.75
CA GLU A 93 -1.88 -5.59 16.00
C GLU A 93 -2.83 -5.60 14.79
N LYS A 94 -2.86 -4.49 14.05
CA LYS A 94 -3.76 -4.26 12.93
C LYS A 94 -3.06 -3.26 12.00
N LEU A 95 -3.40 -3.30 10.70
CA LEU A 95 -2.79 -2.43 9.70
C LEU A 95 -3.29 -1.00 9.87
N GLU A 96 -4.61 -0.81 9.70
CA GLU A 96 -5.23 0.48 9.86
C GLU A 96 -5.52 0.75 11.34
N GLY A 97 -5.69 2.01 11.71
CA GLY A 97 -6.09 2.44 13.04
C GLY A 97 -7.32 1.68 13.52
N GLN A 98 -7.11 0.64 14.35
CA GLN A 98 -8.11 -0.33 14.75
C GLN A 98 -8.97 -0.86 13.60
N GLY A 99 -8.33 -1.11 12.45
CA GLY A 99 -9.02 -1.63 11.29
C GLY A 99 -10.00 -0.60 10.71
N SER A 8 -11.77 5.31 -7.59
CA SER A 8 -12.53 4.06 -7.74
C SER A 8 -11.95 2.97 -6.83
N LYS A 9 -12.72 2.50 -5.84
CA LYS A 9 -12.21 1.51 -4.89
C LYS A 9 -11.81 0.21 -5.60
N ILE A 10 -10.80 -0.48 -5.07
CA ILE A 10 -10.22 -1.68 -5.64
C ILE A 10 -9.93 -2.67 -4.51
N LYS A 11 -9.94 -3.98 -4.82
CA LYS A 11 -9.69 -5.02 -3.83
C LYS A 11 -8.22 -5.02 -3.41
N TYR A 12 -7.97 -5.33 -2.14
CA TYR A 12 -6.65 -5.38 -1.56
C TYR A 12 -6.66 -6.45 -0.47
N ASP A 13 -5.49 -6.96 -0.08
CA ASP A 13 -5.29 -7.89 1.03
C ASP A 13 -3.93 -7.54 1.63
N TRP A 14 -3.57 -8.09 2.80
CA TRP A 14 -2.30 -7.75 3.43
C TRP A 14 -1.78 -8.86 4.33
N TYR A 15 -0.49 -8.77 4.65
CA TYR A 15 0.24 -9.59 5.60
C TYR A 15 1.24 -8.67 6.30
N GLN A 16 1.78 -9.07 7.47
CA GLN A 16 2.87 -8.34 8.08
C GLN A 16 3.90 -9.27 8.71
N THR A 17 5.16 -8.94 8.46
CA THR A 17 6.33 -9.51 9.09
C THR A 17 6.56 -8.68 10.36
N GLU A 18 7.35 -9.17 11.32
CA GLU A 18 7.78 -8.37 12.45
C GLU A 18 8.90 -7.42 12.00
N SER A 19 8.61 -6.57 11.01
CA SER A 19 9.56 -5.69 10.34
C SER A 19 8.85 -5.01 9.15
N GLN A 20 8.60 -5.79 8.10
CA GLN A 20 7.99 -5.36 6.86
C GLN A 20 6.49 -5.66 6.85
N VAL A 21 5.66 -4.63 6.70
CA VAL A 21 4.23 -4.82 6.43
C VAL A 21 4.14 -4.91 4.91
N VAL A 22 3.40 -5.89 4.40
CA VAL A 22 3.34 -6.19 2.98
C VAL A 22 1.88 -6.24 2.56
N ILE A 23 1.45 -5.24 1.78
CA ILE A 23 0.06 -4.98 1.43
C ILE A 23 -0.09 -5.25 -0.07
N THR A 24 -0.87 -6.28 -0.43
CA THR A 24 -1.15 -6.63 -1.80
C THR A 24 -2.36 -5.84 -2.30
N LEU A 25 -2.16 -4.90 -3.21
CA LEU A 25 -3.28 -4.25 -3.90
C LEU A 25 -3.57 -5.09 -5.15
N MET A 26 -4.76 -5.67 -5.25
CA MET A 26 -5.06 -6.69 -6.24
C MET A 26 -5.39 -6.07 -7.59
N ILE A 27 -4.53 -6.28 -8.59
CA ILE A 27 -4.75 -5.86 -9.96
C ILE A 27 -3.86 -6.70 -10.89
N LYS A 28 -4.46 -7.60 -11.66
CA LYS A 28 -3.74 -8.49 -12.57
C LYS A 28 -3.41 -7.76 -13.87
N ASN A 29 -2.78 -6.59 -13.77
CA ASN A 29 -2.50 -5.68 -14.89
C ASN A 29 -1.63 -4.54 -14.34
N VAL A 30 -1.67 -3.35 -14.97
CA VAL A 30 -1.10 -2.09 -14.51
C VAL A 30 0.37 -1.93 -14.90
N GLN A 31 0.78 -0.69 -15.17
CA GLN A 31 2.15 -0.29 -15.49
C GLN A 31 2.71 0.51 -14.31
N LYS A 32 4.01 0.38 -14.03
CA LYS A 32 4.67 1.03 -12.88
C LYS A 32 4.24 2.49 -12.70
N ASN A 33 4.37 3.28 -13.77
CA ASN A 33 4.05 4.72 -13.76
C ASN A 33 2.59 5.01 -13.38
N ASP A 34 1.68 4.04 -13.54
CA ASP A 34 0.30 4.21 -13.10
C ASP A 34 0.21 4.24 -11.58
N VAL A 35 1.06 3.45 -10.93
CA VAL A 35 0.98 3.18 -9.50
C VAL A 35 1.73 4.27 -8.76
N ASN A 36 0.98 5.20 -8.16
CA ASN A 36 1.51 6.37 -7.48
C ASN A 36 1.09 6.27 -6.02
N VAL A 37 1.96 5.70 -5.18
CA VAL A 37 1.71 5.50 -3.76
C VAL A 37 2.24 6.70 -2.99
N GLU A 38 1.34 7.56 -2.49
CA GLU A 38 1.74 8.74 -1.76
C GLU A 38 1.98 8.37 -0.30
N PHE A 39 3.25 8.22 0.08
CA PHE A 39 3.68 8.09 1.46
C PHE A 39 4.30 9.43 1.87
N SER A 40 3.58 10.24 2.65
CA SER A 40 4.09 11.53 3.13
C SER A 40 3.67 11.72 4.58
N GLU A 41 4.19 10.86 5.45
CA GLU A 41 3.82 10.74 6.86
C GLU A 41 2.31 10.88 7.07
N LYS A 42 1.54 10.03 6.39
CA LYS A 42 0.09 10.01 6.49
C LYS A 42 -0.40 8.56 6.40
N GLU A 43 -1.48 8.34 5.66
CA GLU A 43 -2.04 7.03 5.40
C GLU A 43 -1.51 6.49 4.07
N LEU A 44 -1.87 5.27 3.71
CA LEU A 44 -1.42 4.68 2.46
C LEU A 44 -2.46 5.07 1.41
N SER A 45 -2.15 6.14 0.67
CA SER A 45 -2.95 6.61 -0.43
C SER A 45 -2.33 6.09 -1.73
N ALA A 46 -2.89 5.01 -2.26
CA ALA A 46 -2.41 4.36 -3.49
C ALA A 46 -3.25 4.84 -4.65
N LEU A 47 -2.73 5.71 -5.51
CA LEU A 47 -3.43 6.20 -6.70
C LEU A 47 -2.98 5.36 -7.89
N VAL A 48 -3.90 4.61 -8.51
CA VAL A 48 -3.64 3.64 -9.55
C VAL A 48 -4.30 4.15 -10.85
N LYS A 49 -3.54 4.85 -11.70
CA LYS A 49 -4.09 5.45 -12.92
C LYS A 49 -4.24 4.38 -14.00
N LEU A 50 -5.43 3.82 -14.21
CA LEU A 50 -5.58 2.70 -15.11
C LEU A 50 -5.34 3.09 -16.58
N PRO A 51 -5.01 2.12 -17.44
CA PRO A 51 -5.00 2.28 -18.88
C PRO A 51 -6.23 3.01 -19.42
N SER A 52 -7.39 2.77 -18.80
CA SER A 52 -8.66 3.42 -19.11
C SER A 52 -8.71 4.89 -18.65
N GLY A 53 -7.59 5.51 -18.26
CA GLY A 53 -7.54 6.89 -17.82
C GLY A 53 -8.02 7.05 -16.37
N GLU A 54 -9.04 6.29 -15.98
CA GLU A 54 -9.69 6.40 -14.69
C GLU A 54 -8.71 6.00 -13.57
N ASP A 55 -8.77 6.74 -12.47
CA ASP A 55 -7.98 6.47 -11.28
C ASP A 55 -8.74 5.49 -10.39
N TYR A 56 -8.07 4.41 -10.02
CA TYR A 56 -8.53 3.47 -9.01
C TYR A 56 -7.71 3.77 -7.77
N ASN A 57 -8.31 3.76 -6.58
CA ASN A 57 -7.66 4.27 -5.38
C ASN A 57 -8.01 3.48 -4.13
N LEU A 58 -7.04 3.36 -3.22
CA LEU A 58 -7.24 2.89 -1.86
C LEU A 58 -6.60 3.94 -0.95
N LYS A 59 -7.31 4.35 0.10
CA LYS A 59 -6.80 5.16 1.20
C LYS A 59 -6.87 4.28 2.45
N LEU A 60 -5.76 3.65 2.83
CA LEU A 60 -5.71 2.73 3.95
C LEU A 60 -5.07 3.42 5.15
N GLU A 61 -5.85 3.62 6.21
CA GLU A 61 -5.44 4.32 7.42
C GLU A 61 -4.39 3.48 8.18
N LEU A 62 -3.12 3.72 7.88
CA LEU A 62 -2.03 3.04 8.59
C LEU A 62 -2.06 3.37 10.07
N LEU A 63 -2.04 2.34 10.93
CA LEU A 63 -1.94 2.45 12.37
C LEU A 63 -0.91 3.50 12.81
N HIS A 64 0.25 3.54 12.16
CA HIS A 64 1.29 4.55 12.36
C HIS A 64 1.76 5.05 10.99
N PRO A 65 2.10 6.35 10.83
CA PRO A 65 2.57 6.90 9.57
C PRO A 65 3.97 6.40 9.23
N ILE A 66 4.87 6.41 10.22
CA ILE A 66 6.28 6.02 10.14
C ILE A 66 7.06 6.73 9.02
N ILE A 67 8.29 6.28 8.77
CA ILE A 67 9.23 6.95 7.88
C ILE A 67 8.88 6.60 6.43
N PRO A 68 8.42 7.58 5.62
CA PRO A 68 7.97 7.30 4.26
C PRO A 68 9.10 6.77 3.38
N GLU A 69 10.35 7.17 3.65
CA GLU A 69 11.51 6.61 2.96
C GLU A 69 11.56 5.08 3.06
N GLN A 70 11.04 4.50 4.16
CA GLN A 70 11.00 3.05 4.35
C GLN A 70 9.73 2.44 3.75
N SER A 71 8.97 3.21 2.95
CA SER A 71 7.67 2.84 2.45
C SER A 71 7.70 2.92 0.92
N THR A 72 7.53 1.79 0.24
CA THR A 72 7.74 1.65 -1.19
C THR A 72 6.80 0.57 -1.76
N PHE A 73 6.97 0.22 -3.03
CA PHE A 73 6.11 -0.74 -3.71
C PHE A 73 6.82 -1.33 -4.92
N LYS A 74 6.46 -2.58 -5.26
CA LYS A 74 6.89 -3.29 -6.44
C LYS A 74 5.64 -3.84 -7.12
N VAL A 75 5.52 -3.65 -8.44
CA VAL A 75 4.41 -4.17 -9.21
C VAL A 75 4.78 -5.58 -9.67
N LEU A 76 3.94 -6.57 -9.36
CA LEU A 76 4.03 -7.92 -9.93
C LEU A 76 2.84 -8.09 -10.86
N SER A 77 2.91 -9.08 -11.75
CA SER A 77 1.90 -9.31 -12.77
C SER A 77 0.48 -9.43 -12.21
N THR A 78 0.34 -10.01 -11.01
CA THR A 78 -0.93 -10.34 -10.40
C THR A 78 -1.43 -9.27 -9.42
N LYS A 79 -0.50 -8.57 -8.76
CA LYS A 79 -0.84 -7.58 -7.75
C LYS A 79 0.31 -6.59 -7.57
N ILE A 80 0.04 -5.48 -6.89
CA ILE A 80 1.06 -4.54 -6.46
C ILE A 80 1.41 -4.92 -5.03
N GLU A 81 2.69 -5.18 -4.76
CA GLU A 81 3.19 -5.44 -3.42
C GLU A 81 3.68 -4.10 -2.87
N ILE A 82 2.88 -3.48 -2.01
CA ILE A 82 3.21 -2.24 -1.34
C ILE A 82 3.86 -2.64 -0.01
N LYS A 83 5.14 -2.33 0.19
CA LYS A 83 5.88 -2.75 1.37
C LYS A 83 6.28 -1.53 2.18
N LEU A 84 6.13 -1.60 3.51
CA LEU A 84 6.62 -0.56 4.38
C LEU A 84 7.31 -1.18 5.60
N LYS A 85 8.57 -0.79 5.83
CA LYS A 85 9.38 -1.32 6.92
C LYS A 85 9.22 -0.42 8.14
N LYS A 86 8.75 -1.01 9.23
CA LYS A 86 8.46 -0.35 10.50
C LYS A 86 9.79 -0.06 11.22
N PRO A 87 10.07 1.20 11.62
CA PRO A 87 11.26 1.56 12.38
C PRO A 87 11.50 0.62 13.57
N GLU A 88 10.49 0.47 14.42
CA GLU A 88 10.48 -0.49 15.51
C GLU A 88 9.77 -1.77 15.03
N ALA A 89 10.33 -2.94 15.35
CA ALA A 89 9.82 -4.23 14.90
C ALA A 89 8.59 -4.66 15.72
N VAL A 90 7.53 -3.85 15.67
CA VAL A 90 6.26 -4.14 16.34
C VAL A 90 5.24 -4.60 15.29
N ARG A 91 4.37 -5.55 15.66
CA ARG A 91 3.29 -6.01 14.80
C ARG A 91 2.08 -5.07 14.97
N TRP A 92 1.69 -4.40 13.89
CA TRP A 92 0.49 -3.57 13.87
C TRP A 92 -0.72 -4.49 13.77
N GLU A 93 -1.06 -5.15 14.89
CA GLU A 93 -2.12 -6.14 14.97
C GLU A 93 -3.37 -5.71 14.17
N LYS A 94 -3.73 -4.44 14.28
CA LYS A 94 -4.90 -3.85 13.65
C LYS A 94 -4.51 -2.72 12.69
N LEU A 95 -3.58 -3.01 11.77
CA LEU A 95 -3.11 -2.16 10.66
C LEU A 95 -4.06 -1.01 10.29
N GLU A 96 -5.29 -1.36 9.90
CA GLU A 96 -6.27 -0.43 9.35
C GLU A 96 -6.85 0.46 10.46
N GLY A 97 -6.07 1.40 10.98
CA GLY A 97 -6.47 2.33 12.02
C GLY A 97 -6.73 1.61 13.34
N GLN A 98 -7.89 0.94 13.44
CA GLN A 98 -8.19 0.05 14.55
C GLN A 98 -8.93 -1.21 14.06
N GLY A 99 -8.76 -1.59 12.79
CA GLY A 99 -9.46 -2.74 12.22
C GLY A 99 -10.98 -2.53 12.27
N SER A 8 -12.39 5.26 -8.60
CA SER A 8 -13.03 4.08 -7.98
C SER A 8 -12.20 3.57 -6.80
N LYS A 9 -12.84 2.80 -5.92
CA LYS A 9 -12.15 2.01 -4.92
C LYS A 9 -11.52 0.82 -5.65
N ILE A 10 -10.47 0.21 -5.10
CA ILE A 10 -9.92 -1.05 -5.57
C ILE A 10 -9.70 -2.01 -4.39
N LYS A 11 -9.69 -3.31 -4.67
CA LYS A 11 -9.57 -4.35 -3.67
C LYS A 11 -8.10 -4.56 -3.26
N TYR A 12 -7.89 -5.09 -2.06
CA TYR A 12 -6.57 -5.46 -1.56
C TYR A 12 -6.70 -6.59 -0.55
N ASP A 13 -5.56 -7.22 -0.26
CA ASP A 13 -5.33 -8.15 0.84
C ASP A 13 -4.03 -7.67 1.48
N TRP A 14 -3.57 -8.26 2.59
CA TRP A 14 -2.32 -7.81 3.20
C TRP A 14 -1.64 -8.93 3.98
N TYR A 15 -0.35 -8.71 4.28
CA TYR A 15 0.55 -9.63 4.96
C TYR A 15 1.54 -8.81 5.78
N GLN A 16 2.27 -9.45 6.69
CA GLN A 16 3.20 -8.80 7.59
C GLN A 16 4.34 -9.74 7.98
N THR A 17 5.48 -9.16 8.34
CA THR A 17 6.63 -9.79 8.95
C THR A 17 6.92 -9.01 10.25
N GLU A 18 7.92 -9.44 11.02
CA GLU A 18 8.29 -8.71 12.23
C GLU A 18 8.66 -7.25 11.93
N SER A 19 9.26 -7.03 10.76
CA SER A 19 9.81 -5.75 10.32
C SER A 19 8.88 -5.06 9.32
N GLN A 20 8.54 -5.75 8.22
CA GLN A 20 7.86 -5.19 7.07
C GLN A 20 6.38 -5.50 7.12
N VAL A 21 5.53 -4.51 6.84
CA VAL A 21 4.10 -4.69 6.62
C VAL A 21 3.89 -4.53 5.11
N VAL A 22 3.08 -5.40 4.49
CA VAL A 22 2.96 -5.48 3.04
C VAL A 22 1.49 -5.54 2.63
N ILE A 23 1.01 -4.51 1.92
CA ILE A 23 -0.33 -4.48 1.35
C ILE A 23 -0.24 -5.09 -0.04
N THR A 24 -1.08 -6.09 -0.31
CA THR A 24 -1.25 -6.70 -1.60
C THR A 24 -2.42 -6.01 -2.30
N LEU A 25 -2.14 -4.94 -3.05
CA LEU A 25 -3.13 -4.21 -3.82
C LEU A 25 -3.48 -5.10 -5.02
N MET A 26 -4.75 -5.47 -5.20
CA MET A 26 -5.16 -6.42 -6.24
C MET A 26 -5.43 -5.66 -7.54
N ILE A 27 -4.72 -5.97 -8.63
CA ILE A 27 -4.95 -5.33 -9.93
C ILE A 27 -4.27 -6.11 -11.05
N LYS A 28 -5.05 -6.56 -12.04
CA LYS A 28 -4.52 -7.21 -13.22
C LYS A 28 -4.03 -6.13 -14.21
N ASN A 29 -2.73 -6.10 -14.49
CA ASN A 29 -2.11 -5.30 -15.54
C ASN A 29 -2.08 -3.80 -15.23
N VAL A 30 -1.00 -3.36 -14.59
CA VAL A 30 -0.67 -1.96 -14.39
C VAL A 30 0.87 -1.88 -14.44
N GLN A 31 1.43 -0.72 -14.75
CA GLN A 31 2.88 -0.50 -14.79
C GLN A 31 3.27 0.47 -13.67
N LYS A 32 4.48 0.31 -13.12
CA LYS A 32 4.99 1.03 -11.96
C LYS A 32 4.62 2.52 -11.98
N ASN A 33 4.93 3.19 -13.09
CA ASN A 33 4.76 4.64 -13.24
C ASN A 33 3.31 5.07 -13.03
N ASP A 34 2.35 4.16 -13.26
CA ASP A 34 0.94 4.44 -13.11
C ASP A 34 0.53 4.48 -11.63
N VAL A 35 1.34 3.87 -10.76
CA VAL A 35 0.99 3.65 -9.37
C VAL A 35 1.63 4.78 -8.55
N ASN A 36 0.86 5.81 -8.23
CA ASN A 36 1.31 6.90 -7.38
C ASN A 36 0.98 6.55 -5.93
N VAL A 37 1.93 5.92 -5.23
CA VAL A 37 1.77 5.59 -3.83
C VAL A 37 2.21 6.79 -2.98
N GLU A 38 1.25 7.58 -2.49
CA GLU A 38 1.53 8.71 -1.65
C GLU A 38 1.63 8.22 -0.19
N PHE A 39 2.87 8.11 0.29
CA PHE A 39 3.19 7.89 1.69
C PHE A 39 3.78 9.19 2.22
N SER A 40 2.99 9.96 2.98
CA SER A 40 3.43 11.21 3.58
C SER A 40 3.12 11.18 5.07
N GLU A 41 3.59 10.12 5.74
CA GLU A 41 3.29 9.78 7.14
C GLU A 41 1.83 9.35 7.30
N LYS A 42 0.91 10.29 7.05
CA LYS A 42 -0.53 10.22 7.16
C LYS A 42 -1.14 8.81 7.05
N GLU A 43 -1.29 8.34 5.81
CA GLU A 43 -1.99 7.12 5.42
C GLU A 43 -1.27 6.63 4.18
N LEU A 44 -1.52 5.39 3.77
CA LEU A 44 -1.00 4.85 2.52
C LEU A 44 -2.08 5.13 1.48
N SER A 45 -1.87 6.17 0.67
CA SER A 45 -2.84 6.56 -0.36
C SER A 45 -2.32 6.14 -1.72
N ALA A 46 -2.80 5.01 -2.25
CA ALA A 46 -2.32 4.45 -3.51
C ALA A 46 -3.24 4.91 -4.64
N LEU A 47 -2.81 5.88 -5.45
CA LEU A 47 -3.53 6.31 -6.65
C LEU A 47 -3.06 5.41 -7.79
N VAL A 48 -3.86 4.41 -8.13
CA VAL A 48 -3.57 3.41 -9.15
C VAL A 48 -4.21 3.89 -10.46
N LYS A 49 -3.43 4.53 -11.32
CA LYS A 49 -3.95 4.97 -12.61
C LYS A 49 -4.11 3.74 -13.52
N LEU A 50 -5.31 3.49 -14.03
CA LEU A 50 -5.55 2.34 -14.87
C LEU A 50 -5.04 2.59 -16.29
N PRO A 51 -4.82 1.52 -17.08
CA PRO A 51 -4.58 1.62 -18.52
C PRO A 51 -5.59 2.56 -19.20
N SER A 52 -6.86 2.54 -18.74
CA SER A 52 -7.93 3.39 -19.22
C SER A 52 -7.86 4.83 -18.69
N GLY A 53 -6.72 5.28 -18.16
CA GLY A 53 -6.53 6.68 -17.76
C GLY A 53 -7.17 7.01 -16.42
N GLU A 54 -8.34 6.46 -16.12
CA GLU A 54 -9.07 6.72 -14.90
C GLU A 54 -8.29 6.19 -13.70
N ASP A 55 -8.51 6.78 -12.52
CA ASP A 55 -7.82 6.39 -11.31
C ASP A 55 -8.67 5.44 -10.48
N TYR A 56 -8.05 4.37 -10.00
CA TYR A 56 -8.57 3.45 -9.01
C TYR A 56 -7.73 3.67 -7.76
N ASN A 57 -8.30 3.54 -6.56
CA ASN A 57 -7.64 3.98 -5.36
C ASN A 57 -7.88 3.08 -4.14
N LEU A 58 -6.87 3.01 -3.29
CA LEU A 58 -6.93 2.49 -1.93
C LEU A 58 -6.38 3.60 -1.03
N LYS A 59 -7.21 4.11 -0.12
CA LYS A 59 -6.81 5.01 0.94
C LYS A 59 -6.74 4.16 2.21
N LEU A 60 -5.54 3.69 2.57
CA LEU A 60 -5.35 2.77 3.67
C LEU A 60 -4.94 3.59 4.90
N GLU A 61 -5.84 3.68 5.88
CA GLU A 61 -5.59 4.37 7.14
C GLU A 61 -4.73 3.46 8.03
N LEU A 62 -3.41 3.56 7.86
CA LEU A 62 -2.41 2.82 8.62
C LEU A 62 -2.66 2.95 10.13
N LEU A 63 -2.41 1.88 10.89
CA LEU A 63 -2.48 1.90 12.35
C LEU A 63 -1.67 3.07 12.92
N HIS A 64 -0.44 3.23 12.43
CA HIS A 64 0.51 4.21 12.91
C HIS A 64 1.17 4.85 11.68
N PRO A 65 1.50 6.16 11.71
CA PRO A 65 2.22 6.80 10.62
C PRO A 65 3.62 6.20 10.46
N ILE A 66 4.23 6.40 9.30
CA ILE A 66 5.47 5.72 8.92
C ILE A 66 6.49 6.69 8.34
N ILE A 67 7.70 6.19 8.08
CA ILE A 67 8.79 6.93 7.47
C ILE A 67 8.72 6.72 5.95
N PRO A 68 8.41 7.76 5.14
CA PRO A 68 8.36 7.67 3.69
C PRO A 68 9.59 6.99 3.10
N GLU A 69 10.78 7.31 3.63
CA GLU A 69 12.05 6.76 3.17
C GLU A 69 12.17 5.24 3.41
N GLN A 70 11.21 4.61 4.08
CA GLN A 70 11.12 3.17 4.23
C GLN A 70 9.79 2.64 3.66
N SER A 71 9.15 3.41 2.77
CA SER A 71 7.85 3.11 2.20
C SER A 71 8.02 2.93 0.68
N THR A 72 7.66 1.76 0.14
CA THR A 72 7.98 1.39 -1.23
C THR A 72 6.91 0.44 -1.80
N PHE A 73 7.12 -0.05 -3.01
CA PHE A 73 6.22 -1.02 -3.64
C PHE A 73 6.90 -1.74 -4.80
N LYS A 74 6.33 -2.88 -5.19
CA LYS A 74 6.77 -3.72 -6.29
C LYS A 74 5.51 -4.20 -7.01
N VAL A 75 5.35 -3.84 -8.30
CA VAL A 75 4.26 -4.32 -9.15
C VAL A 75 4.61 -5.72 -9.66
N LEU A 76 3.74 -6.72 -9.45
CA LEU A 76 3.99 -8.06 -9.99
C LEU A 76 3.35 -8.18 -11.36
N SER A 77 2.01 -8.14 -11.42
CA SER A 77 1.24 -8.46 -12.62
C SER A 77 -0.25 -8.44 -12.29
N THR A 78 -0.64 -9.37 -11.40
CA THR A 78 -1.98 -9.56 -10.88
C THR A 78 -2.22 -8.69 -9.63
N LYS A 79 -1.13 -8.25 -9.00
CA LYS A 79 -1.16 -7.50 -7.76
C LYS A 79 0.10 -6.63 -7.64
N ILE A 80 0.08 -5.72 -6.67
CA ILE A 80 1.22 -4.92 -6.27
C ILE A 80 1.47 -5.23 -4.80
N GLU A 81 2.74 -5.51 -4.44
CA GLU A 81 3.15 -5.62 -3.06
C GLU A 81 3.67 -4.23 -2.66
N ILE A 82 2.85 -3.48 -1.94
CA ILE A 82 3.19 -2.17 -1.40
C ILE A 82 3.74 -2.41 0.00
N LYS A 83 5.06 -2.24 0.19
CA LYS A 83 5.74 -2.62 1.42
C LYS A 83 6.15 -1.37 2.17
N LEU A 84 5.94 -1.38 3.48
CA LEU A 84 6.43 -0.36 4.39
C LEU A 84 7.21 -1.06 5.50
N LYS A 85 8.46 -0.66 5.72
CA LYS A 85 9.19 -1.11 6.88
C LYS A 85 8.57 -0.38 8.08
N LYS A 86 8.14 -1.10 9.11
CA LYS A 86 7.61 -0.45 10.30
C LYS A 86 8.74 0.39 10.92
N PRO A 87 8.46 1.64 11.34
CA PRO A 87 9.42 2.50 12.02
C PRO A 87 10.20 1.79 13.14
N GLU A 88 9.52 0.90 13.88
CA GLU A 88 10.12 -0.02 14.82
C GLU A 88 9.49 -1.38 14.52
N ALA A 89 10.23 -2.47 14.69
CA ALA A 89 9.77 -3.83 14.43
C ALA A 89 8.85 -4.30 15.57
N VAL A 90 7.78 -3.56 15.83
CA VAL A 90 6.88 -3.73 16.95
C VAL A 90 5.58 -4.37 16.46
N ARG A 91 4.89 -5.08 17.35
CA ARG A 91 3.69 -5.82 16.99
C ARG A 91 2.55 -4.83 16.74
N TRP A 92 2.39 -4.41 15.48
CA TRP A 92 1.23 -3.65 15.04
C TRP A 92 -0.05 -4.44 15.30
N GLU A 93 -0.05 -5.72 14.88
CA GLU A 93 -1.19 -6.64 14.91
C GLU A 93 -2.26 -6.22 13.90
N LYS A 94 -2.82 -5.02 14.07
CA LYS A 94 -3.76 -4.41 13.15
C LYS A 94 -2.96 -3.71 12.05
N LEU A 95 -3.31 -3.89 10.78
CA LEU A 95 -2.70 -3.12 9.71
C LEU A 95 -3.16 -1.67 9.81
N GLU A 96 -4.48 -1.50 9.79
CA GLU A 96 -5.14 -0.22 9.68
C GLU A 96 -5.45 0.31 11.08
N GLY A 97 -6.19 1.43 11.15
CA GLY A 97 -6.82 1.91 12.38
C GLY A 97 -7.50 0.73 13.10
N GLN A 98 -8.11 -0.17 12.32
CA GLN A 98 -8.58 -1.49 12.70
C GLN A 98 -8.85 -2.22 11.38
N GLY A 99 -8.54 -3.52 11.31
CA GLY A 99 -8.54 -4.29 10.08
C GLY A 99 -7.15 -4.37 9.45
N SER A 8 -12.71 3.01 -7.93
CA SER A 8 -11.84 2.94 -6.74
C SER A 8 -12.20 1.76 -5.84
N LYS A 9 -11.37 1.50 -4.83
CA LYS A 9 -11.38 0.33 -3.96
C LYS A 9 -10.81 -0.88 -4.71
N ILE A 10 -9.50 -1.12 -4.53
CA ILE A 10 -8.81 -2.28 -5.07
C ILE A 10 -9.09 -3.46 -4.14
N LYS A 11 -9.06 -4.69 -4.67
CA LYS A 11 -9.20 -5.88 -3.85
C LYS A 11 -7.96 -5.96 -2.96
N TYR A 12 -8.16 -5.80 -1.65
CA TYR A 12 -7.11 -5.58 -0.67
C TYR A 12 -6.89 -6.84 0.18
N ASP A 13 -5.64 -7.29 0.24
CA ASP A 13 -5.16 -8.30 1.17
C ASP A 13 -3.85 -7.77 1.75
N TRP A 14 -3.37 -8.31 2.88
CA TRP A 14 -2.13 -7.84 3.50
C TRP A 14 -1.52 -8.91 4.39
N TYR A 15 -0.24 -8.72 4.73
CA TYR A 15 0.49 -9.51 5.70
C TYR A 15 1.61 -8.63 6.27
N GLN A 16 2.36 -9.13 7.25
CA GLN A 16 3.48 -8.41 7.82
C GLN A 16 4.47 -9.40 8.44
N THR A 17 5.77 -9.16 8.26
CA THR A 17 6.81 -9.86 9.00
C THR A 17 6.97 -9.10 10.33
N GLU A 18 7.88 -9.56 11.19
CA GLU A 18 8.25 -8.78 12.37
C GLU A 18 8.80 -7.40 11.97
N SER A 19 9.34 -7.26 10.74
CA SER A 19 10.10 -6.10 10.28
C SER A 19 9.37 -5.22 9.27
N GLN A 20 8.53 -5.80 8.41
CA GLN A 20 7.95 -5.16 7.24
C GLN A 20 6.45 -5.38 7.21
N VAL A 21 5.68 -4.33 6.95
CA VAL A 21 4.26 -4.44 6.63
C VAL A 21 4.17 -4.54 5.11
N VAL A 22 3.46 -5.55 4.59
CA VAL A 22 3.41 -5.86 3.17
C VAL A 22 1.94 -5.99 2.73
N ILE A 23 1.47 -5.01 1.95
CA ILE A 23 0.06 -4.85 1.60
C ILE A 23 -0.11 -5.20 0.12
N THR A 24 -1.02 -6.13 -0.17
CA THR A 24 -1.23 -6.70 -1.49
C THR A 24 -2.52 -6.13 -2.09
N LEU A 25 -2.37 -5.16 -3.00
CA LEU A 25 -3.44 -4.60 -3.81
C LEU A 25 -3.57 -5.47 -5.06
N MET A 26 -4.58 -6.34 -5.09
CA MET A 26 -4.81 -7.27 -6.19
C MET A 26 -5.58 -6.54 -7.29
N ILE A 27 -4.99 -6.42 -8.48
CA ILE A 27 -5.49 -5.57 -9.54
C ILE A 27 -4.97 -6.12 -10.87
N LYS A 28 -5.81 -6.91 -11.55
CA LYS A 28 -5.40 -7.68 -12.71
C LYS A 28 -5.05 -6.79 -13.91
N ASN A 29 -3.75 -6.57 -14.13
CA ASN A 29 -3.11 -5.94 -15.30
C ASN A 29 -2.80 -4.47 -15.02
N VAL A 30 -2.01 -4.23 -13.96
CA VAL A 30 -1.46 -2.91 -13.66
C VAL A 30 -0.06 -2.79 -14.28
N GLN A 31 0.30 -1.59 -14.75
CA GLN A 31 1.63 -1.25 -15.25
C GLN A 31 2.34 -0.36 -14.22
N LYS A 32 3.65 -0.56 -14.03
CA LYS A 32 4.43 0.03 -12.95
C LYS A 32 4.11 1.51 -12.70
N ASN A 33 4.23 2.34 -13.73
CA ASN A 33 4.13 3.79 -13.59
C ASN A 33 2.69 4.24 -13.37
N ASP A 34 1.70 3.34 -13.48
CA ASP A 34 0.34 3.66 -13.11
C ASP A 34 0.27 4.03 -11.63
N VAL A 35 1.03 3.30 -10.81
CA VAL A 35 0.91 3.32 -9.36
C VAL A 35 1.69 4.46 -8.73
N ASN A 36 0.98 5.45 -8.19
CA ASN A 36 1.53 6.50 -7.34
C ASN A 36 1.08 6.21 -5.91
N VAL A 37 1.94 5.59 -5.11
CA VAL A 37 1.68 5.40 -3.69
C VAL A 37 2.15 6.66 -2.94
N GLU A 38 1.21 7.44 -2.42
CA GLU A 38 1.54 8.65 -1.68
C GLU A 38 1.73 8.28 -0.21
N PHE A 39 2.98 8.15 0.21
CA PHE A 39 3.37 7.94 1.60
C PHE A 39 3.82 9.30 2.15
N SER A 40 3.17 9.84 3.17
CA SER A 40 3.56 11.12 3.74
C SER A 40 3.19 11.20 5.23
N GLU A 41 3.67 10.22 6.00
CA GLU A 41 3.40 10.10 7.43
C GLU A 41 1.90 10.22 7.72
N LYS A 42 1.10 9.43 7.01
CA LYS A 42 -0.36 9.47 7.08
C LYS A 42 -0.91 8.06 6.86
N GLU A 43 -1.94 7.95 6.01
CA GLU A 43 -2.55 6.69 5.60
C GLU A 43 -1.84 6.17 4.35
N LEU A 44 -2.24 4.99 3.88
CA LEU A 44 -1.80 4.48 2.60
C LEU A 44 -2.82 4.96 1.56
N SER A 45 -2.42 5.93 0.72
CA SER A 45 -3.16 6.37 -0.44
C SER A 45 -2.47 5.83 -1.69
N ALA A 46 -3.00 4.75 -2.27
CA ALA A 46 -2.46 4.14 -3.49
C ALA A 46 -3.28 4.64 -4.68
N LEU A 47 -2.74 5.58 -5.45
CA LEU A 47 -3.44 6.22 -6.56
C LEU A 47 -2.97 5.57 -7.86
N VAL A 48 -3.84 4.81 -8.54
CA VAL A 48 -3.46 4.06 -9.73
C VAL A 48 -4.07 4.72 -10.97
N LYS A 49 -3.26 5.34 -11.83
CA LYS A 49 -3.69 5.78 -13.14
C LYS A 49 -3.91 4.53 -13.99
N LEU A 50 -5.16 4.08 -14.16
CA LEU A 50 -5.42 2.84 -14.88
C LEU A 50 -4.98 2.95 -16.34
N PRO A 51 -4.78 1.80 -17.01
CA PRO A 51 -4.63 1.74 -18.46
C PRO A 51 -5.64 2.66 -19.16
N SER A 52 -6.88 2.65 -18.69
CA SER A 52 -7.98 3.50 -19.14
C SER A 52 -7.82 4.99 -18.80
N GLY A 53 -6.62 5.47 -18.43
CA GLY A 53 -6.36 6.86 -18.11
C GLY A 53 -6.83 7.25 -16.70
N GLU A 54 -8.06 6.86 -16.36
CA GLU A 54 -8.73 7.31 -15.15
C GLU A 54 -8.02 6.79 -13.90
N ASP A 55 -8.07 7.58 -12.83
CA ASP A 55 -7.53 7.23 -11.53
C ASP A 55 -8.48 6.27 -10.82
N TYR A 56 -7.94 5.15 -10.33
CA TYR A 56 -8.61 4.20 -9.45
C TYR A 56 -7.76 4.16 -8.18
N ASN A 57 -8.36 4.35 -7.01
CA ASN A 57 -7.60 4.56 -5.77
C ASN A 57 -8.07 3.69 -4.61
N LEU A 58 -7.15 3.36 -3.69
CA LEU A 58 -7.44 2.79 -2.38
C LEU A 58 -6.87 3.74 -1.33
N LYS A 59 -7.65 3.98 -0.27
CA LYS A 59 -7.22 4.68 0.94
C LYS A 59 -7.30 3.68 2.08
N LEU A 60 -6.25 3.55 2.91
CA LEU A 60 -6.24 2.61 4.03
C LEU A 60 -5.55 3.27 5.24
N GLU A 61 -6.30 3.47 6.32
CA GLU A 61 -5.81 4.09 7.55
C GLU A 61 -4.89 3.10 8.29
N LEU A 62 -3.60 3.16 7.96
CA LEU A 62 -2.55 2.43 8.66
C LEU A 62 -2.61 2.70 10.16
N LEU A 63 -2.27 1.67 10.96
CA LEU A 63 -2.24 1.69 12.42
C LEU A 63 -1.65 2.98 12.98
N HIS A 64 -0.40 3.30 12.57
CA HIS A 64 0.33 4.49 12.98
C HIS A 64 1.02 5.05 11.73
N PRO A 65 1.38 6.35 11.71
CA PRO A 65 2.23 6.92 10.68
C PRO A 65 3.55 6.15 10.53
N ILE A 66 4.19 6.26 9.37
CA ILE A 66 5.39 5.52 9.01
C ILE A 66 6.31 6.40 8.16
N ILE A 67 7.59 6.01 8.09
CA ILE A 67 8.67 6.78 7.50
C ILE A 67 8.62 6.63 5.97
N PRO A 68 8.32 7.69 5.20
CA PRO A 68 8.25 7.64 3.74
C PRO A 68 9.47 6.96 3.11
N GLU A 69 10.66 7.28 3.61
CA GLU A 69 11.92 6.74 3.11
C GLU A 69 11.97 5.21 3.21
N GLN A 70 11.21 4.61 4.14
CA GLN A 70 11.14 3.15 4.30
C GLN A 70 9.97 2.55 3.52
N SER A 71 9.28 3.35 2.71
CA SER A 71 8.02 2.99 2.08
C SER A 71 8.21 2.81 0.57
N THR A 72 7.87 1.63 0.02
CA THR A 72 8.11 1.28 -1.36
C THR A 72 7.03 0.32 -1.86
N PHE A 73 7.15 -0.14 -3.10
CA PHE A 73 6.18 -1.03 -3.72
C PHE A 73 6.76 -1.73 -4.94
N LYS A 74 6.39 -2.99 -5.11
CA LYS A 74 6.66 -3.78 -6.30
C LYS A 74 5.33 -3.98 -7.01
N VAL A 75 5.24 -3.53 -8.27
CA VAL A 75 4.11 -3.82 -9.15
C VAL A 75 4.48 -5.09 -9.91
N LEU A 76 3.60 -6.10 -9.93
CA LEU A 76 3.86 -7.35 -10.63
C LEU A 76 2.61 -7.80 -11.40
N SER A 77 2.06 -6.88 -12.21
CA SER A 77 1.03 -7.14 -13.21
C SER A 77 -0.34 -7.52 -12.63
N THR A 78 -0.44 -8.62 -11.89
CA THR A 78 -1.67 -9.10 -11.29
C THR A 78 -1.97 -8.35 -9.98
N LYS A 79 -0.91 -7.88 -9.30
CA LYS A 79 -1.04 -7.26 -8.00
C LYS A 79 0.13 -6.30 -7.75
N ILE A 80 -0.05 -5.44 -6.76
CA ILE A 80 0.96 -4.53 -6.24
C ILE A 80 1.25 -4.97 -4.80
N GLU A 81 2.49 -5.34 -4.50
CA GLU A 81 2.93 -5.56 -3.14
C GLU A 81 3.60 -4.26 -2.66
N ILE A 82 2.87 -3.49 -1.86
CA ILE A 82 3.33 -2.26 -1.25
C ILE A 82 4.01 -2.66 0.07
N LYS A 83 5.33 -2.43 0.19
CA LYS A 83 6.08 -2.79 1.39
C LYS A 83 6.52 -1.53 2.09
N LEU A 84 6.28 -1.47 3.39
CA LEU A 84 6.82 -0.43 4.26
C LEU A 84 7.58 -1.11 5.39
N LYS A 85 8.90 -0.86 5.47
CA LYS A 85 9.66 -1.32 6.62
C LYS A 85 9.16 -0.56 7.83
N LYS A 86 8.92 -1.23 8.95
CA LYS A 86 8.30 -0.61 10.10
C LYS A 86 9.23 0.44 10.74
N PRO A 87 8.68 1.44 11.44
CA PRO A 87 9.46 2.35 12.28
C PRO A 87 10.32 1.59 13.29
N GLU A 88 9.78 0.51 13.88
CA GLU A 88 10.49 -0.41 14.75
C GLU A 88 9.92 -1.81 14.50
N ALA A 89 10.76 -2.84 14.68
CA ALA A 89 10.40 -4.22 14.37
C ALA A 89 9.51 -4.80 15.46
N VAL A 90 8.29 -4.29 15.59
CA VAL A 90 7.27 -4.74 16.54
C VAL A 90 6.03 -5.16 15.76
N ARG A 91 5.34 -6.22 16.19
CA ARG A 91 4.17 -6.73 15.49
C ARG A 91 3.03 -5.72 15.56
N TRP A 92 2.41 -5.41 14.42
CA TRP A 92 1.30 -4.46 14.37
C TRP A 92 -0.01 -5.11 14.86
N GLU A 93 -0.14 -6.43 14.69
CA GLU A 93 -1.32 -7.23 15.04
C GLU A 93 -2.50 -6.91 14.12
N LYS A 94 -2.99 -5.67 14.18
CA LYS A 94 -4.02 -5.14 13.29
C LYS A 94 -3.42 -4.04 12.42
N LEU A 95 -3.48 -4.21 11.10
CA LEU A 95 -2.88 -3.25 10.16
C LEU A 95 -3.63 -1.92 10.21
N GLU A 96 -4.96 -2.00 10.19
CA GLU A 96 -5.84 -0.86 10.13
C GLU A 96 -5.93 -0.21 11.53
N GLY A 97 -6.07 1.12 11.56
CA GLY A 97 -6.26 1.95 12.75
C GLY A 97 -7.13 1.31 13.82
N GLN A 98 -6.49 0.53 14.70
CA GLN A 98 -7.13 -0.37 15.65
C GLN A 98 -8.39 -1.03 15.11
N GLY A 99 -8.25 -1.66 13.93
CA GLY A 99 -9.36 -2.25 13.21
C GLY A 99 -10.19 -1.17 12.51
N SER A 8 -11.42 5.31 -7.10
CA SER A 8 -12.37 4.21 -6.90
C SER A 8 -11.81 3.19 -5.90
N LYS A 9 -12.43 3.05 -4.72
CA LYS A 9 -11.93 2.20 -3.65
C LYS A 9 -11.74 0.76 -4.13
N ILE A 10 -10.49 0.32 -4.31
CA ILE A 10 -10.16 -1.02 -4.78
C ILE A 10 -10.04 -1.99 -3.61
N LYS A 11 -10.24 -3.29 -3.88
CA LYS A 11 -9.96 -4.36 -2.93
C LYS A 11 -8.45 -4.50 -2.75
N TYR A 12 -8.02 -5.00 -1.58
CA TYR A 12 -6.64 -5.35 -1.31
C TYR A 12 -6.62 -6.59 -0.42
N ASP A 13 -5.49 -7.28 -0.43
CA ASP A 13 -5.13 -8.35 0.50
C ASP A 13 -3.90 -7.82 1.25
N TRP A 14 -3.51 -8.40 2.38
CA TRP A 14 -2.30 -7.95 3.06
C TRP A 14 -1.69 -9.09 3.86
N TYR A 15 -0.42 -8.93 4.22
CA TYR A 15 0.30 -9.77 5.15
C TYR A 15 1.32 -8.88 5.87
N GLN A 16 1.94 -9.39 6.93
CA GLN A 16 2.75 -8.56 7.80
C GLN A 16 3.72 -9.43 8.57
N THR A 17 4.86 -8.84 8.91
CA THR A 17 5.85 -9.33 9.84
C THR A 17 5.98 -8.22 10.89
N GLU A 18 6.62 -8.50 12.02
CA GLU A 18 6.82 -7.49 13.06
C GLU A 18 7.63 -6.28 12.56
N SER A 19 8.34 -6.41 11.43
CA SER A 19 9.16 -5.37 10.83
C SER A 19 8.49 -4.82 9.56
N GLN A 20 8.21 -5.67 8.58
CA GLN A 20 7.65 -5.31 7.28
C GLN A 20 6.14 -5.54 7.25
N VAL A 21 5.36 -4.49 6.97
CA VAL A 21 3.94 -4.57 6.64
C VAL A 21 3.86 -4.60 5.12
N VAL A 22 3.05 -5.50 4.53
CA VAL A 22 2.95 -5.66 3.08
C VAL A 22 1.48 -5.69 2.64
N ILE A 23 1.07 -4.68 1.86
CA ILE A 23 -0.27 -4.53 1.29
C ILE A 23 -0.22 -5.05 -0.15
N THR A 24 -1.00 -6.09 -0.42
CA THR A 24 -1.22 -6.63 -1.75
C THR A 24 -2.37 -5.83 -2.39
N LEU A 25 -2.04 -4.75 -3.08
CA LEU A 25 -3.00 -3.95 -3.85
C LEU A 25 -3.49 -4.85 -5.00
N MET A 26 -4.74 -5.32 -4.91
CA MET A 26 -5.25 -6.37 -5.78
C MET A 26 -5.76 -5.76 -7.10
N ILE A 27 -4.84 -5.19 -7.89
CA ILE A 27 -5.14 -4.69 -9.23
C ILE A 27 -4.49 -5.58 -10.30
N LYS A 28 -5.32 -6.26 -11.09
CA LYS A 28 -4.85 -6.99 -12.25
C LYS A 28 -4.76 -6.05 -13.45
N ASN A 29 -3.71 -6.22 -14.26
CA ASN A 29 -3.46 -5.47 -15.49
C ASN A 29 -3.17 -4.01 -15.19
N VAL A 30 -2.14 -3.77 -14.38
CA VAL A 30 -1.57 -2.46 -14.14
C VAL A 30 -0.16 -2.39 -14.75
N GLN A 31 0.26 -1.20 -15.19
CA GLN A 31 1.63 -0.93 -15.64
C GLN A 31 2.25 0.10 -14.68
N LYS A 32 3.57 0.01 -14.46
CA LYS A 32 4.27 0.74 -13.41
C LYS A 32 3.87 2.22 -13.34
N ASN A 33 3.85 2.90 -14.49
CA ASN A 33 3.58 4.34 -14.59
C ASN A 33 2.21 4.72 -14.01
N ASP A 34 1.29 3.76 -13.91
CA ASP A 34 -0.04 4.00 -13.39
C ASP A 34 0.01 4.21 -11.87
N VAL A 35 0.99 3.61 -11.21
CA VAL A 35 1.04 3.49 -9.76
C VAL A 35 1.69 4.71 -9.14
N ASN A 36 0.96 5.44 -8.28
CA ASN A 36 1.50 6.51 -7.45
C ASN A 36 1.09 6.24 -5.99
N VAL A 37 2.05 5.75 -5.19
CA VAL A 37 1.85 5.50 -3.77
C VAL A 37 2.41 6.67 -2.97
N GLU A 38 1.52 7.54 -2.50
CA GLU A 38 1.88 8.72 -1.72
C GLU A 38 1.90 8.35 -0.24
N PHE A 39 3.12 8.28 0.31
CA PHE A 39 3.41 8.16 1.73
C PHE A 39 4.08 9.47 2.17
N SER A 40 3.59 10.11 3.24
CA SER A 40 4.19 11.34 3.74
C SER A 40 3.91 11.49 5.23
N GLU A 41 4.36 10.51 6.03
CA GLU A 41 4.08 10.41 7.45
C GLU A 41 2.59 10.60 7.73
N LYS A 42 1.76 9.84 7.03
CA LYS A 42 0.31 9.90 7.12
C LYS A 42 -0.23 8.49 6.87
N GLU A 43 -1.35 8.38 6.16
CA GLU A 43 -1.94 7.13 5.74
C GLU A 43 -1.39 6.75 4.36
N LEU A 44 -1.67 5.53 3.91
CA LEU A 44 -1.12 4.98 2.68
C LEU A 44 -2.11 5.35 1.57
N SER A 45 -1.78 6.35 0.76
CA SER A 45 -2.63 6.76 -0.34
C SER A 45 -2.06 6.19 -1.64
N ALA A 46 -2.58 5.05 -2.08
CA ALA A 46 -2.17 4.43 -3.34
C ALA A 46 -3.19 4.80 -4.41
N LEU A 47 -2.87 5.73 -5.31
CA LEU A 47 -3.72 5.99 -6.47
C LEU A 47 -3.09 5.29 -7.68
N VAL A 48 -3.95 4.64 -8.47
CA VAL A 48 -3.55 3.74 -9.53
C VAL A 48 -4.38 4.07 -10.77
N LYS A 49 -3.75 4.64 -11.80
CA LYS A 49 -4.46 4.94 -13.04
C LYS A 49 -4.87 3.63 -13.72
N LEU A 50 -6.17 3.32 -13.72
CA LEU A 50 -6.67 2.12 -14.36
C LEU A 50 -6.60 2.41 -15.87
N PRO A 51 -5.93 1.57 -16.69
CA PRO A 51 -5.70 1.83 -18.11
C PRO A 51 -6.87 2.47 -18.87
N SER A 52 -8.11 2.03 -18.61
CA SER A 52 -9.34 2.60 -19.14
C SER A 52 -9.64 4.04 -18.64
N GLY A 53 -8.64 4.90 -18.47
CA GLY A 53 -8.83 6.31 -18.16
C GLY A 53 -9.10 6.58 -16.69
N GLU A 54 -10.00 5.81 -16.06
CA GLU A 54 -10.39 6.02 -14.68
C GLU A 54 -9.23 5.74 -13.72
N ASP A 55 -9.38 6.12 -12.45
CA ASP A 55 -8.38 5.87 -11.42
C ASP A 55 -9.00 4.99 -10.34
N TYR A 56 -8.26 3.97 -9.91
CA TYR A 56 -8.60 3.09 -8.79
C TYR A 56 -7.65 3.47 -7.68
N ASN A 57 -8.11 3.34 -6.44
CA ASN A 57 -7.41 3.87 -5.30
C ASN A 57 -7.58 3.00 -4.06
N LEU A 58 -6.54 2.95 -3.22
CA LEU A 58 -6.61 2.42 -1.87
C LEU A 58 -6.06 3.50 -0.95
N LYS A 59 -6.95 4.22 -0.27
CA LYS A 59 -6.57 5.13 0.80
C LYS A 59 -6.67 4.28 2.08
N LEU A 60 -5.54 3.73 2.54
CA LEU A 60 -5.50 2.82 3.67
C LEU A 60 -5.04 3.57 4.91
N GLU A 61 -5.95 3.75 5.87
CA GLU A 61 -5.69 4.43 7.13
C GLU A 61 -4.85 3.53 8.04
N LEU A 62 -3.54 3.59 7.86
CA LEU A 62 -2.55 2.83 8.62
C LEU A 62 -2.71 3.05 10.13
N LEU A 63 -2.37 2.04 10.93
CA LEU A 63 -2.36 2.15 12.39
C LEU A 63 -1.44 3.28 12.86
N HIS A 64 -0.24 3.40 12.28
CA HIS A 64 0.74 4.44 12.60
C HIS A 64 1.36 4.98 11.31
N PRO A 65 1.77 6.26 11.26
CA PRO A 65 2.59 6.79 10.18
C PRO A 65 4.01 6.25 10.29
N ILE A 66 4.78 6.28 9.20
CA ILE A 66 6.15 5.79 9.16
C ILE A 66 7.02 6.70 8.29
N ILE A 67 8.34 6.53 8.39
CA ILE A 67 9.33 7.30 7.67
C ILE A 67 9.27 6.90 6.18
N PRO A 68 8.93 7.83 5.26
CA PRO A 68 8.77 7.53 3.84
C PRO A 68 9.96 6.80 3.20
N GLU A 69 11.18 7.05 3.68
CA GLU A 69 12.38 6.33 3.25
C GLU A 69 12.15 4.81 3.28
N GLN A 70 11.40 4.32 4.26
CA GLN A 70 11.15 2.90 4.48
C GLN A 70 9.84 2.44 3.84
N SER A 71 9.20 3.29 3.02
CA SER A 71 7.94 3.00 2.35
C SER A 71 8.23 2.73 0.87
N THR A 72 7.77 1.59 0.33
CA THR A 72 8.19 1.10 -0.98
C THR A 72 7.03 0.35 -1.65
N PHE A 73 7.20 0.00 -2.92
CA PHE A 73 6.27 -0.89 -3.60
C PHE A 73 6.96 -1.56 -4.79
N LYS A 74 6.41 -2.69 -5.23
CA LYS A 74 6.82 -3.38 -6.44
C LYS A 74 5.59 -3.90 -7.18
N VAL A 75 5.55 -3.69 -8.50
CA VAL A 75 4.39 -3.91 -9.35
C VAL A 75 4.53 -5.28 -10.02
N LEU A 76 3.65 -6.22 -9.68
CA LEU A 76 3.65 -7.57 -10.26
C LEU A 76 2.68 -7.64 -11.46
N SER A 77 2.07 -6.51 -11.84
CA SER A 77 1.10 -6.32 -12.94
C SER A 77 -0.27 -6.97 -12.67
N THR A 78 -0.24 -8.14 -12.02
CA THR A 78 -1.37 -8.90 -11.50
C THR A 78 -1.84 -8.32 -10.17
N LYS A 79 -0.91 -7.74 -9.41
CA LYS A 79 -1.12 -7.04 -8.15
C LYS A 79 0.06 -6.08 -7.96
N ILE A 80 0.01 -5.26 -6.91
CA ILE A 80 1.17 -4.47 -6.48
C ILE A 80 1.42 -4.85 -5.02
N GLU A 81 2.66 -5.22 -4.68
CA GLU A 81 3.04 -5.42 -3.29
C GLU A 81 3.64 -4.12 -2.79
N ILE A 82 2.90 -3.41 -1.96
CA ILE A 82 3.31 -2.16 -1.31
C ILE A 82 3.88 -2.55 0.05
N LYS A 83 5.18 -2.36 0.28
CA LYS A 83 5.84 -2.76 1.53
C LYS A 83 6.29 -1.52 2.28
N LEU A 84 6.04 -1.48 3.59
CA LEU A 84 6.56 -0.44 4.45
C LEU A 84 7.19 -1.08 5.69
N LYS A 85 8.45 -0.73 5.96
CA LYS A 85 9.19 -1.26 7.10
C LYS A 85 9.03 -0.29 8.27
N LYS A 86 8.53 -0.80 9.39
CA LYS A 86 8.21 0.00 10.57
C LYS A 86 9.50 0.39 11.30
N PRO A 87 9.75 1.69 11.59
CA PRO A 87 10.93 2.16 12.31
C PRO A 87 11.20 1.32 13.56
N GLU A 88 10.23 1.26 14.46
CA GLU A 88 10.23 0.33 15.58
C GLU A 88 9.47 -0.91 15.11
N ALA A 89 10.05 -2.10 15.28
CA ALA A 89 9.48 -3.33 14.76
C ALA A 89 8.33 -3.83 15.67
N VAL A 90 7.26 -3.04 15.76
CA VAL A 90 6.07 -3.35 16.53
C VAL A 90 5.02 -3.99 15.62
N ARG A 91 4.40 -5.07 16.08
CA ARG A 91 3.36 -5.77 15.33
C ARG A 91 2.10 -4.89 15.24
N TRP A 92 1.79 -4.34 14.07
CA TRP A 92 0.52 -3.67 13.84
C TRP A 92 -0.58 -4.71 13.67
N GLU A 93 -0.98 -5.32 14.79
CA GLU A 93 -2.02 -6.35 14.87
C GLU A 93 -3.18 -6.14 13.88
N LYS A 94 -3.72 -4.91 13.81
CA LYS A 94 -4.90 -4.58 13.01
C LYS A 94 -4.56 -4.03 11.62
N LEU A 95 -3.28 -3.75 11.33
CA LEU A 95 -2.79 -3.04 10.15
C LEU A 95 -3.31 -1.59 10.10
N GLU A 96 -4.62 -1.42 9.92
CA GLU A 96 -5.26 -0.12 9.86
C GLU A 96 -5.44 0.42 11.29
N GLY A 97 -5.93 1.66 11.39
CA GLY A 97 -6.38 2.28 12.63
C GLY A 97 -7.13 1.28 13.51
N GLN A 98 -8.08 0.57 12.88
CA GLN A 98 -8.75 -0.61 13.41
C GLN A 98 -9.45 -1.29 12.25
N GLY A 99 -9.78 -2.57 12.39
CA GLY A 99 -10.37 -3.37 11.33
C GLY A 99 -10.41 -4.84 11.72
N SER A 8 -14.03 4.83 -6.99
CA SER A 8 -13.33 3.81 -7.79
C SER A 8 -12.42 2.95 -6.91
N LYS A 9 -13.02 2.13 -6.05
CA LYS A 9 -12.30 1.20 -5.19
C LYS A 9 -11.79 -0.01 -5.99
N ILE A 10 -10.79 -0.71 -5.44
CA ILE A 10 -10.16 -1.87 -6.06
C ILE A 10 -9.85 -2.91 -4.98
N LYS A 11 -9.77 -4.19 -5.37
CA LYS A 11 -9.52 -5.30 -4.46
C LYS A 11 -8.13 -5.22 -3.83
N TYR A 12 -8.02 -5.65 -2.57
CA TYR A 12 -6.86 -5.45 -1.72
C TYR A 12 -6.76 -6.58 -0.70
N ASP A 13 -5.55 -6.83 -0.18
CA ASP A 13 -5.27 -7.71 0.95
C ASP A 13 -3.90 -7.31 1.51
N TRP A 14 -3.53 -7.77 2.72
CA TRP A 14 -2.25 -7.42 3.31
C TRP A 14 -1.82 -8.46 4.35
N TYR A 15 -0.54 -8.43 4.74
CA TYR A 15 0.05 -9.27 5.75
C TYR A 15 1.18 -8.51 6.46
N GLN A 16 1.34 -8.73 7.76
CA GLN A 16 2.21 -7.95 8.63
C GLN A 16 3.30 -8.77 9.29
N THR A 17 4.46 -8.15 9.52
CA THR A 17 5.53 -8.67 10.34
C THR A 17 6.07 -7.46 11.10
N GLU A 18 6.71 -7.67 12.26
CA GLU A 18 7.41 -6.61 12.97
C GLU A 18 8.74 -6.27 12.26
N SER A 19 8.73 -6.15 10.93
CA SER A 19 9.93 -6.05 10.12
C SER A 19 9.59 -5.41 8.76
N GLN A 20 8.76 -6.09 7.97
CA GLN A 20 8.24 -5.62 6.70
C GLN A 20 6.74 -5.88 6.67
N VAL A 21 5.92 -4.83 6.66
CA VAL A 21 4.48 -5.00 6.45
C VAL A 21 4.26 -4.91 4.94
N VAL A 22 3.56 -5.90 4.37
CA VAL A 22 3.43 -6.08 2.93
C VAL A 22 1.96 -6.06 2.56
N ILE A 23 1.59 -5.26 1.56
CA ILE A 23 0.22 -4.92 1.24
C ILE A 23 -0.02 -5.20 -0.26
N THR A 24 -0.86 -6.17 -0.59
CA THR A 24 -1.23 -6.50 -1.96
C THR A 24 -2.41 -5.64 -2.41
N LEU A 25 -2.16 -4.72 -3.34
CA LEU A 25 -3.20 -4.01 -4.07
C LEU A 25 -3.40 -4.84 -5.35
N MET A 26 -4.57 -5.43 -5.57
CA MET A 26 -4.77 -6.40 -6.64
C MET A 26 -5.10 -5.69 -7.95
N ILE A 27 -4.38 -5.97 -9.03
CA ILE A 27 -4.63 -5.37 -10.33
C ILE A 27 -3.90 -6.15 -11.43
N LYS A 28 -4.60 -6.47 -12.52
CA LYS A 28 -4.07 -7.22 -13.64
C LYS A 28 -3.41 -6.29 -14.66
N ASN A 29 -2.11 -6.45 -14.88
CA ASN A 29 -1.33 -5.79 -15.93
C ASN A 29 -1.36 -4.27 -15.78
N VAL A 30 -1.00 -3.80 -14.58
CA VAL A 30 -0.75 -2.38 -14.35
C VAL A 30 0.65 -2.03 -14.91
N GLN A 31 0.84 -0.81 -15.39
CA GLN A 31 2.16 -0.32 -15.82
C GLN A 31 2.70 0.58 -14.71
N LYS A 32 3.99 0.48 -14.39
CA LYS A 32 4.64 1.15 -13.27
C LYS A 32 4.11 2.57 -13.05
N ASN A 33 4.14 3.36 -14.12
CA ASN A 33 3.87 4.79 -14.03
C ASN A 33 2.48 5.08 -13.47
N ASP A 34 1.57 4.11 -13.56
CA ASP A 34 0.20 4.24 -13.10
C ASP A 34 0.14 4.34 -11.58
N VAL A 35 1.10 3.71 -10.90
CA VAL A 35 1.08 3.47 -9.47
C VAL A 35 1.69 4.65 -8.72
N ASN A 36 0.85 5.52 -8.16
CA ASN A 36 1.27 6.57 -7.23
C ASN A 36 0.87 6.19 -5.81
N VAL A 37 1.80 5.61 -5.05
CA VAL A 37 1.63 5.38 -3.62
C VAL A 37 2.10 6.63 -2.88
N GLU A 38 1.16 7.38 -2.30
CA GLU A 38 1.45 8.62 -1.59
C GLU A 38 1.87 8.27 -0.16
N PHE A 39 3.17 8.29 0.11
CA PHE A 39 3.75 8.09 1.43
C PHE A 39 4.46 9.37 1.87
N SER A 40 3.84 10.15 2.76
CA SER A 40 4.41 11.40 3.26
C SER A 40 4.13 11.51 4.77
N GLU A 41 4.52 10.49 5.53
CA GLU A 41 4.36 10.43 6.98
C GLU A 41 2.90 10.72 7.38
N LYS A 42 1.96 9.99 6.78
CA LYS A 42 0.54 10.21 6.97
C LYS A 42 -0.19 8.86 6.94
N GLU A 43 -1.26 8.78 6.14
CA GLU A 43 -2.04 7.59 5.89
C GLU A 43 -1.46 6.88 4.67
N LEU A 44 -2.03 5.72 4.30
CA LEU A 44 -1.72 5.08 3.04
C LEU A 44 -2.74 5.61 2.05
N SER A 45 -2.28 6.05 0.87
CA SER A 45 -3.16 6.44 -0.22
C SER A 45 -2.51 6.01 -1.54
N ALA A 46 -3.08 4.98 -2.19
CA ALA A 46 -2.56 4.39 -3.42
C ALA A 46 -3.48 4.77 -4.58
N LEU A 47 -3.02 5.63 -5.49
CA LEU A 47 -3.74 6.02 -6.70
C LEU A 47 -3.16 5.21 -7.87
N VAL A 48 -4.01 4.44 -8.55
CA VAL A 48 -3.64 3.52 -9.61
C VAL A 48 -4.30 3.99 -10.90
N LYS A 49 -3.57 4.72 -11.75
CA LYS A 49 -4.12 5.32 -12.96
C LYS A 49 -4.30 4.24 -14.04
N LEU A 50 -5.51 3.71 -14.23
CA LEU A 50 -5.72 2.64 -15.19
C LEU A 50 -5.38 3.10 -16.62
N PRO A 51 -5.02 2.15 -17.51
CA PRO A 51 -4.91 2.36 -18.94
C PRO A 51 -6.05 3.21 -19.49
N SER A 52 -7.28 2.94 -19.05
CA SER A 52 -8.50 3.62 -19.45
C SER A 52 -8.58 5.09 -19.04
N GLY A 53 -7.57 5.62 -18.33
CA GLY A 53 -7.56 7.01 -17.89
C GLY A 53 -8.56 7.24 -16.76
N GLU A 54 -8.69 6.27 -15.84
CA GLU A 54 -9.47 6.39 -14.62
C GLU A 54 -8.58 5.97 -13.46
N ASP A 55 -8.59 6.73 -12.36
CA ASP A 55 -7.84 6.35 -11.16
C ASP A 55 -8.66 5.35 -10.36
N TYR A 56 -8.09 4.16 -10.13
CA TYR A 56 -8.59 3.18 -9.18
C TYR A 56 -7.81 3.43 -7.91
N ASN A 57 -8.46 3.35 -6.75
CA ASN A 57 -7.86 3.87 -5.53
C ASN A 57 -8.19 3.07 -4.28
N LEU A 58 -7.29 3.14 -3.29
CA LEU A 58 -7.51 2.71 -1.93
C LEU A 58 -6.78 3.70 -1.04
N LYS A 59 -7.44 4.19 0.02
CA LYS A 59 -6.82 4.97 1.08
C LYS A 59 -7.19 4.36 2.41
N LEU A 60 -6.28 4.33 3.38
CA LEU A 60 -6.62 3.98 4.77
C LEU A 60 -5.62 4.58 5.76
N GLU A 61 -6.11 4.92 6.96
CA GLU A 61 -5.31 5.46 8.04
C GLU A 61 -4.52 4.32 8.68
N LEU A 62 -3.19 4.36 8.55
CA LEU A 62 -2.28 3.38 9.15
C LEU A 62 -2.33 3.49 10.67
N LEU A 63 -2.02 2.38 11.36
CA LEU A 63 -1.90 2.36 12.82
C LEU A 63 -0.75 3.24 13.29
N HIS A 64 0.32 3.35 12.50
CA HIS A 64 1.53 4.10 12.87
C HIS A 64 2.00 4.91 11.66
N PRO A 65 2.64 6.07 11.87
CA PRO A 65 3.36 6.77 10.81
C PRO A 65 4.59 5.93 10.47
N ILE A 66 5.18 6.18 9.30
CA ILE A 66 6.30 5.39 8.78
C ILE A 66 7.28 6.33 8.07
N ILE A 67 8.43 5.80 7.66
CA ILE A 67 9.49 6.55 7.01
C ILE A 67 9.36 6.36 5.50
N PRO A 68 9.01 7.40 4.71
CA PRO A 68 8.85 7.30 3.26
C PRO A 68 9.99 6.58 2.56
N GLU A 69 11.24 6.84 2.96
CA GLU A 69 12.44 6.24 2.38
C GLU A 69 12.48 4.71 2.56
N GLN A 70 11.59 4.14 3.39
CA GLN A 70 11.43 2.70 3.58
C GLN A 70 10.00 2.26 3.23
N SER A 71 9.23 3.12 2.57
CA SER A 71 7.85 2.88 2.17
C SER A 71 7.84 2.78 0.65
N THR A 72 7.93 1.56 0.13
CA THR A 72 8.18 1.27 -1.27
C THR A 72 7.10 0.33 -1.82
N PHE A 73 7.27 -0.12 -3.07
CA PHE A 73 6.38 -1.08 -3.69
C PHE A 73 7.06 -1.82 -4.84
N LYS A 74 6.73 -3.10 -4.98
CA LYS A 74 7.08 -3.94 -6.10
C LYS A 74 5.81 -4.15 -6.91
N VAL A 75 5.82 -3.78 -8.19
CA VAL A 75 4.74 -4.08 -9.12
C VAL A 75 4.94 -5.52 -9.60
N LEU A 76 3.87 -6.34 -9.58
CA LEU A 76 3.85 -7.67 -10.17
C LEU A 76 2.83 -7.66 -11.31
N SER A 77 2.50 -8.84 -11.84
CA SER A 77 1.56 -9.02 -12.93
C SER A 77 0.14 -8.73 -12.46
N THR A 78 -0.30 -9.47 -11.44
CA THR A 78 -1.67 -9.50 -10.96
C THR A 78 -1.87 -8.68 -9.67
N LYS A 79 -0.79 -8.20 -9.04
CA LYS A 79 -0.85 -7.37 -7.84
C LYS A 79 0.30 -6.36 -7.83
N ILE A 80 0.22 -5.41 -6.91
CA ILE A 80 1.29 -4.53 -6.51
C ILE A 80 1.50 -4.87 -5.04
N GLU A 81 2.72 -5.29 -4.65
CA GLU A 81 3.05 -5.49 -3.25
C GLU A 81 3.70 -4.20 -2.76
N ILE A 82 2.94 -3.40 -2.03
CA ILE A 82 3.41 -2.19 -1.39
C ILE A 82 4.03 -2.63 -0.07
N LYS A 83 5.32 -2.37 0.14
CA LYS A 83 6.05 -2.86 1.30
C LYS A 83 6.58 -1.68 2.09
N LEU A 84 6.38 -1.71 3.40
CA LEU A 84 6.92 -0.72 4.31
C LEU A 84 7.77 -1.43 5.37
N LYS A 85 9.06 -1.07 5.44
CA LYS A 85 9.90 -1.49 6.54
C LYS A 85 9.39 -0.81 7.79
N LYS A 86 9.38 -1.53 8.91
CA LYS A 86 8.79 -1.05 10.16
C LYS A 86 9.44 0.27 10.64
N PRO A 87 8.73 1.08 11.44
CA PRO A 87 9.34 2.20 12.15
C PRO A 87 10.31 1.64 13.20
N GLU A 88 9.80 0.73 14.03
CA GLU A 88 10.52 -0.11 14.97
C GLU A 88 9.74 -1.42 14.98
N ALA A 89 10.35 -2.53 15.40
CA ALA A 89 9.74 -3.85 15.43
C ALA A 89 8.69 -3.96 16.55
N VAL A 90 7.62 -3.17 16.43
CA VAL A 90 6.46 -3.18 17.31
C VAL A 90 5.43 -4.16 16.76
N ARG A 91 4.60 -4.72 17.64
CA ARG A 91 3.51 -5.57 17.22
C ARG A 91 2.43 -4.67 16.59
N TRP A 92 2.50 -4.49 15.27
CA TRP A 92 1.47 -3.77 14.52
C TRP A 92 0.10 -4.39 14.78
N GLU A 93 0.00 -5.71 14.60
CA GLU A 93 -1.23 -6.50 14.56
C GLU A 93 -2.23 -5.95 13.53
N LYS A 94 -2.88 -4.82 13.81
CA LYS A 94 -3.71 -4.11 12.84
C LYS A 94 -2.80 -3.28 11.94
N LEU A 95 -3.03 -3.32 10.62
CA LEU A 95 -2.39 -2.42 9.68
C LEU A 95 -2.99 -1.03 9.87
N GLU A 96 -4.32 -0.99 9.84
CA GLU A 96 -5.10 0.22 9.90
C GLU A 96 -5.16 0.73 11.34
N GLY A 97 -5.66 1.95 11.55
CA GLY A 97 -5.99 2.48 12.86
C GLY A 97 -7.12 1.67 13.49
N GLN A 98 -6.79 0.48 13.99
CA GLN A 98 -7.66 -0.55 14.55
C GLN A 98 -8.53 -1.25 13.50
N GLY A 99 -8.94 -0.57 12.43
CA GLY A 99 -9.59 -1.20 11.30
C GLY A 99 -9.81 -0.19 10.17
N SER A 8 -13.99 2.78 -7.57
CA SER A 8 -12.65 2.92 -6.95
C SER A 8 -12.41 1.82 -5.92
N LYS A 9 -11.29 1.91 -5.20
CA LYS A 9 -10.79 0.92 -4.27
C LYS A 9 -10.38 -0.37 -4.99
N ILE A 10 -9.59 -1.21 -4.32
CA ILE A 10 -9.00 -2.40 -4.89
C ILE A 10 -9.15 -3.53 -3.87
N LYS A 11 -9.31 -4.76 -4.34
CA LYS A 11 -9.32 -5.94 -3.48
C LYS A 11 -7.92 -6.05 -2.88
N TYR A 12 -7.79 -5.87 -1.57
CA TYR A 12 -6.51 -5.74 -0.91
C TYR A 12 -6.35 -6.81 0.16
N ASP A 13 -5.33 -7.66 0.02
CA ASP A 13 -4.89 -8.60 1.05
C ASP A 13 -3.64 -8.01 1.71
N TRP A 14 -3.16 -8.59 2.80
CA TRP A 14 -1.95 -8.12 3.46
C TRP A 14 -1.30 -9.23 4.27
N TYR A 15 -0.02 -9.07 4.58
CA TYR A 15 0.76 -9.97 5.42
C TYR A 15 1.80 -9.12 6.15
N GLN A 16 2.23 -9.56 7.33
CA GLN A 16 3.03 -8.75 8.21
C GLN A 16 4.12 -9.58 8.89
N THR A 17 5.37 -9.24 8.59
CA THR A 17 6.51 -9.75 9.34
C THR A 17 6.65 -8.87 10.58
N GLU A 18 7.60 -9.18 11.46
CA GLU A 18 7.79 -8.39 12.66
C GLU A 18 8.15 -6.93 12.31
N SER A 19 8.97 -6.75 11.28
CA SER A 19 9.52 -5.47 10.86
C SER A 19 8.82 -4.87 9.64
N GLN A 20 8.42 -5.68 8.65
CA GLN A 20 7.84 -5.23 7.39
C GLN A 20 6.35 -5.57 7.32
N VAL A 21 5.51 -4.55 7.11
CA VAL A 21 4.11 -4.71 6.76
C VAL A 21 4.06 -4.71 5.23
N VAL A 22 3.36 -5.69 4.63
CA VAL A 22 3.23 -5.80 3.18
C VAL A 22 1.74 -5.90 2.83
N ILE A 23 1.29 -5.10 1.87
CA ILE A 23 -0.12 -4.93 1.51
C ILE A 23 -0.23 -5.17 0.00
N THR A 24 -1.05 -6.15 -0.39
CA THR A 24 -1.17 -6.66 -1.73
C THR A 24 -2.50 -6.22 -2.35
N LEU A 25 -2.46 -5.13 -3.14
CA LEU A 25 -3.57 -4.61 -3.93
C LEU A 25 -3.66 -5.47 -5.19
N MET A 26 -4.63 -6.39 -5.25
CA MET A 26 -4.80 -7.32 -6.35
C MET A 26 -5.50 -6.60 -7.51
N ILE A 27 -4.83 -6.42 -8.65
CA ILE A 27 -5.31 -5.57 -9.72
C ILE A 27 -4.71 -6.05 -11.04
N LYS A 28 -5.47 -6.86 -11.78
CA LYS A 28 -5.01 -7.47 -13.01
C LYS A 28 -4.79 -6.43 -14.09
N ASN A 29 -3.59 -6.45 -14.70
CA ASN A 29 -3.20 -5.63 -15.83
C ASN A 29 -2.93 -4.19 -15.39
N VAL A 30 -1.97 -4.04 -14.46
CA VAL A 30 -1.41 -2.75 -14.08
C VAL A 30 0.01 -2.65 -14.63
N GLN A 31 0.46 -1.43 -14.97
CA GLN A 31 1.84 -1.15 -15.38
C GLN A 31 2.45 -0.17 -14.37
N LYS A 32 3.76 -0.28 -14.13
CA LYS A 32 4.46 0.43 -13.07
C LYS A 32 4.05 1.90 -12.98
N ASN A 33 4.13 2.61 -14.10
CA ASN A 33 3.90 4.05 -14.19
C ASN A 33 2.51 4.45 -13.72
N ASP A 34 1.55 3.52 -13.73
CA ASP A 34 0.20 3.77 -13.28
C ASP A 34 0.16 4.07 -11.79
N VAL A 35 1.04 3.43 -11.03
CA VAL A 35 0.96 3.37 -9.58
C VAL A 35 1.68 4.54 -8.91
N ASN A 36 0.90 5.54 -8.49
CA ASN A 36 1.37 6.65 -7.65
C ASN A 36 0.99 6.33 -6.19
N VAL A 37 1.91 5.77 -5.42
CA VAL A 37 1.71 5.55 -3.99
C VAL A 37 2.20 6.78 -3.22
N GLU A 38 1.26 7.58 -2.72
CA GLU A 38 1.59 8.80 -1.98
C GLU A 38 1.76 8.44 -0.52
N PHE A 39 3.01 8.32 -0.07
CA PHE A 39 3.38 8.15 1.32
C PHE A 39 3.81 9.51 1.85
N SER A 40 3.15 10.02 2.90
CA SER A 40 3.59 11.24 3.57
C SER A 40 3.13 11.21 5.02
N GLU A 41 3.46 10.12 5.73
CA GLU A 41 3.04 9.81 7.10
C GLU A 41 1.55 9.51 7.17
N LYS A 42 0.72 10.51 6.84
CA LYS A 42 -0.74 10.52 6.82
C LYS A 42 -1.42 9.14 6.85
N GLU A 43 -1.58 8.53 5.69
CA GLU A 43 -2.13 7.21 5.48
C GLU A 43 -1.52 6.69 4.18
N LEU A 44 -1.82 5.44 3.80
CA LEU A 44 -1.31 4.88 2.56
C LEU A 44 -2.33 5.14 1.47
N SER A 45 -2.03 6.08 0.57
CA SER A 45 -2.90 6.44 -0.55
C SER A 45 -2.29 5.90 -1.85
N ALA A 46 -2.84 4.81 -2.37
CA ALA A 46 -2.38 4.18 -3.61
C ALA A 46 -3.26 4.64 -4.76
N LEU A 47 -2.78 5.54 -5.62
CA LEU A 47 -3.52 6.08 -6.76
C LEU A 47 -3.02 5.37 -8.02
N VAL A 48 -3.84 4.47 -8.58
CA VAL A 48 -3.52 3.70 -9.78
C VAL A 48 -4.24 4.30 -10.98
N LYS A 49 -3.50 4.83 -11.95
CA LYS A 49 -4.10 5.26 -13.21
C LYS A 49 -4.42 4.01 -14.05
N LEU A 50 -5.69 3.63 -14.15
CA LEU A 50 -6.04 2.42 -14.88
C LEU A 50 -5.64 2.52 -16.36
N PRO A 51 -5.46 1.38 -17.04
CA PRO A 51 -5.34 1.32 -18.49
C PRO A 51 -6.38 2.23 -19.15
N SER A 52 -7.62 2.18 -18.65
CA SER A 52 -8.76 2.98 -19.05
C SER A 52 -8.62 4.48 -18.76
N GLY A 53 -7.44 5.01 -18.42
CA GLY A 53 -7.23 6.41 -18.10
C GLY A 53 -7.71 6.78 -16.69
N GLU A 54 -8.82 6.18 -16.24
CA GLU A 54 -9.50 6.53 -15.01
C GLU A 54 -8.60 6.23 -13.81
N ASP A 55 -8.53 7.17 -12.86
CA ASP A 55 -7.83 6.96 -11.60
C ASP A 55 -8.67 6.04 -10.70
N TYR A 56 -8.04 5.01 -10.17
CA TYR A 56 -8.58 4.13 -9.13
C TYR A 56 -7.74 4.41 -7.89
N ASN A 57 -8.36 4.52 -6.72
CA ASN A 57 -7.64 4.84 -5.51
C ASN A 57 -8.19 4.08 -4.30
N LEU A 58 -7.27 3.55 -3.49
CA LEU A 58 -7.52 2.98 -2.17
C LEU A 58 -6.68 3.77 -1.18
N LYS A 59 -7.28 4.14 -0.04
CA LYS A 59 -6.66 4.90 1.03
C LYS A 59 -6.80 4.10 2.32
N LEU A 60 -5.68 3.68 2.93
CA LEU A 60 -5.67 2.86 4.12
C LEU A 60 -5.06 3.64 5.29
N GLU A 61 -5.88 3.96 6.29
CA GLU A 61 -5.47 4.64 7.52
C GLU A 61 -4.61 3.69 8.36
N LEU A 62 -3.31 3.70 8.10
CA LEU A 62 -2.28 2.93 8.80
C LEU A 62 -2.47 3.02 10.33
N LEU A 63 -2.30 1.91 11.07
CA LEU A 63 -2.43 1.93 12.52
C LEU A 63 -1.50 2.97 13.15
N HIS A 64 -0.28 3.10 12.60
CA HIS A 64 0.67 4.14 12.98
C HIS A 64 1.20 4.76 11.68
N PRO A 65 1.46 6.08 11.64
CA PRO A 65 2.18 6.69 10.54
C PRO A 65 3.64 6.21 10.59
N ILE A 66 4.36 6.29 9.47
CA ILE A 66 5.74 5.83 9.39
C ILE A 66 6.58 6.78 8.53
N ILE A 67 7.90 6.62 8.61
CA ILE A 67 8.87 7.41 7.85
C ILE A 67 8.70 7.05 6.37
N PRO A 68 8.27 7.99 5.50
CA PRO A 68 8.01 7.72 4.09
C PRO A 68 9.10 6.91 3.41
N GLU A 69 10.37 7.27 3.65
CA GLU A 69 11.53 6.65 3.03
C GLU A 69 11.61 5.13 3.29
N GLN A 70 10.97 4.63 4.36
CA GLN A 70 10.92 3.20 4.65
C GLN A 70 9.78 2.51 3.90
N SER A 71 9.09 3.21 2.99
CA SER A 71 7.95 2.73 2.25
C SER A 71 8.34 2.54 0.78
N THR A 72 7.92 1.43 0.18
CA THR A 72 8.24 1.08 -1.20
C THR A 72 7.10 0.23 -1.76
N PHE A 73 7.19 -0.16 -3.03
CA PHE A 73 6.19 -0.99 -3.67
C PHE A 73 6.75 -1.70 -4.90
N LYS A 74 6.24 -2.90 -5.18
CA LYS A 74 6.55 -3.71 -6.33
C LYS A 74 5.26 -3.90 -7.13
N VAL A 75 5.22 -3.37 -8.34
CA VAL A 75 4.07 -3.50 -9.24
C VAL A 75 4.23 -4.77 -10.05
N LEU A 76 3.65 -5.88 -9.60
CA LEU A 76 3.52 -7.06 -10.44
C LEU A 76 2.28 -6.82 -11.31
N SER A 77 2.29 -7.29 -12.55
CA SER A 77 1.22 -7.02 -13.51
C SER A 77 -0.16 -7.40 -12.99
N THR A 78 -0.20 -8.37 -12.07
CA THR A 78 -1.40 -8.86 -11.41
C THR A 78 -1.69 -8.14 -10.09
N LYS A 79 -0.67 -7.62 -9.39
CA LYS A 79 -0.83 -7.13 -8.04
C LYS A 79 0.24 -6.10 -7.65
N ILE A 80 -0.16 -5.06 -6.93
CA ILE A 80 0.76 -4.08 -6.37
C ILE A 80 1.04 -4.53 -4.93
N GLU A 81 2.26 -4.97 -4.66
CA GLU A 81 2.70 -5.28 -3.31
C GLU A 81 3.40 -4.05 -2.75
N ILE A 82 2.74 -3.30 -1.87
CA ILE A 82 3.33 -2.19 -1.15
C ILE A 82 4.01 -2.79 0.08
N LYS A 83 5.24 -2.37 0.41
CA LYS A 83 5.88 -2.73 1.66
C LYS A 83 6.22 -1.46 2.41
N LEU A 84 6.10 -1.50 3.74
CA LEU A 84 6.59 -0.45 4.59
C LEU A 84 7.28 -1.07 5.80
N LYS A 85 8.55 -0.72 6.00
CA LYS A 85 9.31 -1.17 7.15
C LYS A 85 8.98 -0.26 8.32
N LYS A 86 8.50 -0.84 9.41
CA LYS A 86 8.06 -0.12 10.59
C LYS A 86 9.29 0.38 11.38
N PRO A 87 9.36 1.68 11.75
CA PRO A 87 10.45 2.22 12.56
C PRO A 87 10.81 1.33 13.74
N GLU A 88 9.81 0.96 14.54
CA GLU A 88 9.91 -0.06 15.58
C GLU A 88 9.20 -1.31 15.07
N ALA A 89 9.80 -2.48 15.25
CA ALA A 89 9.27 -3.74 14.76
C ALA A 89 8.13 -4.23 15.66
N VAL A 90 7.03 -3.48 15.71
CA VAL A 90 5.84 -3.82 16.49
C VAL A 90 4.76 -4.36 15.55
N ARG A 91 4.14 -5.48 15.92
CA ARG A 91 3.08 -6.07 15.14
C ARG A 91 1.83 -5.19 15.17
N TRP A 92 1.49 -4.56 14.04
CA TRP A 92 0.21 -3.89 13.90
C TRP A 92 -0.87 -4.97 13.77
N GLU A 93 -1.32 -5.50 14.91
CA GLU A 93 -2.27 -6.60 15.02
C GLU A 93 -3.39 -6.55 13.98
N LYS A 94 -3.93 -5.34 13.73
CA LYS A 94 -5.03 -5.12 12.80
C LYS A 94 -4.70 -4.05 11.74
N LEU A 95 -3.43 -3.98 11.32
CA LEU A 95 -2.90 -3.22 10.18
C LEU A 95 -3.25 -1.73 10.16
N GLU A 96 -4.50 -1.41 9.83
CA GLU A 96 -5.00 -0.05 9.82
C GLU A 96 -5.42 0.34 11.23
N GLY A 97 -6.01 1.53 11.38
CA GLY A 97 -6.68 1.98 12.60
C GLY A 97 -7.44 0.83 13.26
N GLN A 98 -8.21 0.09 12.45
CA GLN A 98 -8.84 -1.17 12.81
C GLN A 98 -9.26 -1.92 11.54
N GLY A 99 -8.35 -2.69 10.94
CA GLY A 99 -8.66 -3.49 9.76
C GLY A 99 -7.39 -3.98 9.08
N SER A 8 -14.39 1.06 -8.07
CA SER A 8 -14.63 0.19 -6.90
C SER A 8 -13.36 0.06 -6.07
N LYS A 9 -12.95 1.15 -5.39
CA LYS A 9 -11.66 1.29 -4.72
C LYS A 9 -10.56 0.60 -5.53
N ILE A 10 -9.87 -0.38 -4.94
CA ILE A 10 -9.01 -1.31 -5.64
C ILE A 10 -9.12 -2.66 -4.92
N LYS A 11 -8.81 -3.77 -5.60
CA LYS A 11 -8.76 -5.08 -4.96
C LYS A 11 -7.54 -5.09 -4.04
N TYR A 12 -7.75 -5.19 -2.73
CA TYR A 12 -6.74 -4.98 -1.70
C TYR A 12 -6.75 -6.15 -0.71
N ASP A 13 -5.55 -6.59 -0.31
CA ASP A 13 -5.31 -7.53 0.78
C ASP A 13 -4.01 -7.08 1.46
N TRP A 14 -3.61 -7.66 2.59
CA TRP A 14 -2.33 -7.34 3.22
C TRP A 14 -1.79 -8.48 4.07
N TYR A 15 -0.48 -8.74 3.96
CA TYR A 15 0.27 -9.67 4.79
C TYR A 15 0.93 -8.88 5.92
N GLN A 16 1.04 -9.51 7.10
CA GLN A 16 1.40 -8.86 8.36
C GLN A 16 2.61 -9.53 9.02
N THR A 17 3.54 -8.71 9.52
CA THR A 17 4.62 -9.11 10.41
C THR A 17 4.80 -7.96 11.40
N GLU A 18 5.73 -8.08 12.34
CA GLU A 18 6.16 -6.96 13.18
C GLU A 18 7.41 -6.29 12.59
N SER A 19 7.77 -6.57 11.33
CA SER A 19 8.99 -6.06 10.71
C SER A 19 8.67 -5.35 9.39
N GLN A 20 8.07 -6.08 8.45
CA GLN A 20 7.63 -5.60 7.15
C GLN A 20 6.12 -5.77 7.07
N VAL A 21 5.36 -4.68 7.05
CA VAL A 21 3.92 -4.76 6.81
C VAL A 21 3.74 -4.62 5.30
N VAL A 22 3.01 -5.56 4.69
CA VAL A 22 2.98 -5.70 3.23
C VAL A 22 1.54 -5.59 2.72
N ILE A 23 1.18 -4.44 2.15
CA ILE A 23 -0.13 -4.19 1.57
C ILE A 23 -0.04 -4.66 0.11
N THR A 24 -0.97 -5.48 -0.32
CA THR A 24 -0.94 -6.14 -1.61
C THR A 24 -2.19 -5.75 -2.40
N LEU A 25 -2.01 -4.90 -3.41
CA LEU A 25 -3.09 -4.55 -4.33
C LEU A 25 -3.15 -5.65 -5.38
N MET A 26 -4.20 -6.45 -5.37
CA MET A 26 -4.34 -7.64 -6.20
C MET A 26 -4.84 -7.21 -7.59
N ILE A 27 -4.02 -6.44 -8.31
CA ILE A 27 -4.38 -5.87 -9.60
C ILE A 27 -3.40 -6.28 -10.69
N LYS A 28 -3.92 -6.77 -11.82
CA LYS A 28 -3.15 -7.15 -13.00
C LYS A 28 -3.35 -6.13 -14.12
N ASN A 29 -4.57 -5.59 -14.26
CA ASN A 29 -4.95 -4.65 -15.31
C ASN A 29 -4.35 -3.25 -15.07
N VAL A 30 -3.02 -3.15 -15.03
CA VAL A 30 -2.31 -1.92 -14.70
C VAL A 30 -0.98 -1.88 -15.45
N GLN A 31 -0.46 -0.67 -15.69
CA GLN A 31 0.89 -0.43 -16.18
C GLN A 31 1.58 0.45 -15.14
N LYS A 32 2.86 0.16 -14.85
CA LYS A 32 3.63 0.72 -13.74
C LYS A 32 3.34 2.21 -13.46
N ASN A 33 3.44 3.06 -14.48
CA ASN A 33 3.31 4.52 -14.33
C ASN A 33 1.97 4.93 -13.75
N ASP A 34 0.94 4.08 -13.87
CA ASP A 34 -0.38 4.31 -13.30
C ASP A 34 -0.31 4.45 -11.77
N VAL A 35 0.62 3.74 -11.15
CA VAL A 35 0.68 3.53 -9.71
C VAL A 35 1.37 4.71 -9.00
N ASN A 36 0.59 5.62 -8.42
CA ASN A 36 1.08 6.70 -7.55
C ASN A 36 0.84 6.32 -6.09
N VAL A 37 1.85 5.77 -5.41
CA VAL A 37 1.80 5.52 -3.97
C VAL A 37 2.34 6.73 -3.23
N GLU A 38 1.47 7.55 -2.66
CA GLU A 38 1.90 8.74 -1.93
C GLU A 38 2.27 8.33 -0.51
N PHE A 39 3.57 8.18 -0.24
CA PHE A 39 4.12 7.98 1.08
C PHE A 39 4.75 9.29 1.54
N SER A 40 4.09 10.02 2.43
CA SER A 40 4.60 11.26 3.00
C SER A 40 4.10 11.39 4.44
N GLU A 41 4.29 10.32 5.22
CA GLU A 41 3.83 10.15 6.60
C GLU A 41 2.31 9.98 6.66
N LYS A 42 1.58 10.99 6.19
CA LYS A 42 0.12 11.15 6.18
C LYS A 42 -0.69 9.84 6.36
N GLU A 43 -0.92 9.17 5.24
CA GLU A 43 -1.73 7.97 5.08
C GLU A 43 -1.12 7.26 3.87
N LEU A 44 -1.44 5.99 3.65
CA LEU A 44 -0.97 5.29 2.47
C LEU A 44 -2.06 5.45 1.41
N SER A 45 -1.88 6.43 0.52
CA SER A 45 -2.77 6.64 -0.61
C SER A 45 -2.14 6.02 -1.85
N ALA A 46 -2.58 4.81 -2.22
CA ALA A 46 -2.17 4.16 -3.45
C ALA A 46 -3.20 4.50 -4.51
N LEU A 47 -2.87 5.44 -5.39
CA LEU A 47 -3.73 5.94 -6.46
C LEU A 47 -3.27 5.28 -7.76
N VAL A 48 -4.00 4.26 -8.23
CA VAL A 48 -3.75 3.61 -9.49
C VAL A 48 -4.61 4.29 -10.57
N LYS A 49 -3.99 5.18 -11.34
CA LYS A 49 -4.68 5.86 -12.43
C LYS A 49 -4.70 4.92 -13.64
N LEU A 50 -5.82 4.24 -13.84
CA LEU A 50 -5.95 3.22 -14.87
C LEU A 50 -5.74 3.78 -16.28
N PRO A 51 -5.50 2.91 -17.27
CA PRO A 51 -5.49 3.26 -18.69
C PRO A 51 -6.67 4.15 -19.11
N SER A 52 -7.87 3.92 -18.56
CA SER A 52 -9.06 4.69 -18.88
C SER A 52 -9.09 6.07 -18.22
N GLY A 53 -8.09 6.39 -17.40
CA GLY A 53 -8.08 7.57 -16.55
C GLY A 53 -8.77 7.31 -15.21
N GLU A 54 -9.42 6.15 -15.03
CA GLU A 54 -10.15 5.86 -13.81
C GLU A 54 -9.22 5.68 -12.62
N ASP A 55 -9.61 6.29 -11.51
CA ASP A 55 -8.87 6.29 -10.27
C ASP A 55 -9.23 5.05 -9.46
N TYR A 56 -8.51 3.93 -9.66
CA TYR A 56 -8.64 2.79 -8.76
C TYR A 56 -7.74 3.12 -7.57
N ASN A 57 -8.28 3.12 -6.35
CA ASN A 57 -7.57 3.67 -5.22
C ASN A 57 -7.77 2.92 -3.91
N LEU A 58 -6.68 2.74 -3.15
CA LEU A 58 -6.70 2.32 -1.76
C LEU A 58 -6.22 3.54 -0.98
N LYS A 59 -7.11 4.17 -0.20
CA LYS A 59 -6.77 5.22 0.73
C LYS A 59 -6.74 4.59 2.13
N LEU A 60 -5.55 4.24 2.60
CA LEU A 60 -5.34 3.49 3.83
C LEU A 60 -4.95 4.47 4.94
N GLU A 61 -5.85 4.68 5.91
CA GLU A 61 -5.58 5.45 7.12
C GLU A 61 -4.65 4.66 8.03
N LEU A 62 -3.34 4.80 7.83
CA LEU A 62 -2.33 4.09 8.60
C LEU A 62 -2.50 4.37 10.10
N LEU A 63 -2.57 3.31 10.91
CA LEU A 63 -2.69 3.37 12.37
C LEU A 63 -1.63 4.28 13.00
N HIS A 64 -0.41 4.30 12.44
CA HIS A 64 0.68 5.17 12.86
C HIS A 64 1.22 5.84 11.59
N PRO A 65 1.86 7.01 11.66
CA PRO A 65 2.59 7.56 10.54
C PRO A 65 3.80 6.66 10.25
N ILE A 66 4.38 6.77 9.05
CA ILE A 66 5.49 5.93 8.62
C ILE A 66 6.61 6.77 8.03
N ILE A 67 7.79 6.16 7.85
CA ILE A 67 8.97 6.79 7.30
C ILE A 67 9.00 6.53 5.79
N PRO A 68 8.83 7.54 4.92
CA PRO A 68 8.87 7.38 3.47
C PRO A 68 10.07 6.55 3.00
N GLU A 69 11.25 6.80 3.57
CA GLU A 69 12.47 6.09 3.22
C GLU A 69 12.34 4.56 3.36
N GLN A 70 11.45 4.08 4.25
CA GLN A 70 11.21 2.67 4.48
C GLN A 70 9.99 2.15 3.73
N SER A 71 9.41 2.98 2.85
CA SER A 71 8.13 2.72 2.20
C SER A 71 8.37 2.51 0.71
N THR A 72 7.92 1.39 0.14
CA THR A 72 8.26 1.02 -1.24
C THR A 72 7.11 0.22 -1.85
N PHE A 73 7.05 0.16 -3.19
CA PHE A 73 6.06 -0.63 -3.90
C PHE A 73 6.69 -1.31 -5.10
N LYS A 74 6.31 -2.57 -5.32
CA LYS A 74 6.84 -3.43 -6.37
C LYS A 74 5.66 -3.94 -7.20
N VAL A 75 5.58 -3.53 -8.47
CA VAL A 75 4.53 -3.97 -9.39
C VAL A 75 4.94 -5.34 -9.95
N LEU A 76 4.60 -6.43 -9.26
CA LEU A 76 5.00 -7.77 -9.70
C LEU A 76 3.97 -8.35 -10.66
N SER A 77 3.70 -7.61 -11.74
CA SER A 77 2.87 -8.00 -12.87
C SER A 77 1.39 -8.18 -12.51
N THR A 78 1.06 -9.19 -11.70
CA THR A 78 -0.31 -9.55 -11.38
C THR A 78 -0.78 -8.94 -10.06
N LYS A 79 0.12 -8.35 -9.27
CA LYS A 79 -0.25 -7.63 -8.06
C LYS A 79 0.84 -6.61 -7.74
N ILE A 80 0.51 -5.60 -6.93
CA ILE A 80 1.45 -4.59 -6.48
C ILE A 80 1.69 -4.83 -5.00
N GLU A 81 2.93 -5.15 -4.63
CA GLU A 81 3.34 -5.38 -3.25
C GLU A 81 3.89 -4.05 -2.71
N ILE A 82 3.07 -3.34 -1.94
CA ILE A 82 3.42 -2.11 -1.23
C ILE A 82 3.96 -2.52 0.14
N LYS A 83 5.28 -2.52 0.32
CA LYS A 83 5.90 -2.91 1.57
C LYS A 83 6.33 -1.67 2.33
N LEU A 84 6.06 -1.63 3.63
CA LEU A 84 6.59 -0.62 4.53
C LEU A 84 7.31 -1.33 5.67
N LYS A 85 8.62 -1.06 5.81
CA LYS A 85 9.36 -1.54 6.95
C LYS A 85 8.95 -0.70 8.16
N LYS A 86 8.76 -1.35 9.31
CA LYS A 86 8.24 -0.74 10.52
C LYS A 86 9.10 0.44 10.98
N PRO A 87 8.50 1.55 11.45
CA PRO A 87 9.25 2.61 12.13
C PRO A 87 9.81 2.06 13.45
N GLU A 88 8.92 1.62 14.34
CA GLU A 88 9.21 0.92 15.57
C GLU A 88 8.50 -0.43 15.49
N ALA A 89 9.00 -1.45 16.19
CA ALA A 89 8.47 -2.81 16.12
C ALA A 89 7.19 -2.93 16.96
N VAL A 90 6.19 -2.11 16.62
CA VAL A 90 4.85 -2.22 17.15
C VAL A 90 4.10 -3.22 16.28
N ARG A 91 3.28 -4.07 16.90
CA ARG A 91 2.43 -4.98 16.14
C ARG A 91 1.28 -4.18 15.54
N TRP A 92 1.35 -3.92 14.24
CA TRP A 92 0.26 -3.38 13.46
C TRP A 92 -0.85 -4.44 13.40
N GLU A 93 -1.64 -4.56 14.47
CA GLU A 93 -2.78 -5.48 14.52
C GLU A 93 -3.84 -5.04 13.51
N LYS A 94 -4.22 -3.77 13.58
CA LYS A 94 -5.34 -3.23 12.82
C LYS A 94 -4.92 -2.83 11.40
N LEU A 95 -3.70 -2.28 11.26
CA LEU A 95 -3.19 -1.59 10.08
C LEU A 95 -3.96 -0.29 9.85
N GLU A 96 -5.25 -0.40 9.54
CA GLU A 96 -6.15 0.73 9.39
C GLU A 96 -6.50 1.26 10.79
N GLY A 97 -6.45 2.58 10.97
CA GLY A 97 -6.88 3.28 12.18
C GLY A 97 -8.20 2.70 12.70
N GLN A 98 -8.10 1.88 13.76
CA GLN A 98 -9.15 1.04 14.31
C GLN A 98 -10.13 0.48 13.27
N GLY A 99 -9.59 -0.09 12.19
CA GLY A 99 -10.39 -0.84 11.23
C GLY A 99 -10.95 -2.10 11.88
N SER A 8 -12.29 4.41 -8.59
CA SER A 8 -12.86 3.26 -7.86
C SER A 8 -11.99 2.85 -6.67
N LYS A 9 -12.60 2.74 -5.48
CA LYS A 9 -11.92 2.18 -4.32
C LYS A 9 -11.72 0.68 -4.55
N ILE A 10 -10.47 0.22 -4.66
CA ILE A 10 -10.14 -1.15 -5.02
C ILE A 10 -10.18 -2.06 -3.79
N LYS A 11 -10.40 -3.37 -4.01
CA LYS A 11 -10.25 -4.39 -2.98
C LYS A 11 -8.76 -4.75 -2.87
N TYR A 12 -8.31 -5.19 -1.70
CA TYR A 12 -6.91 -5.49 -1.45
C TYR A 12 -6.81 -6.57 -0.36
N ASP A 13 -5.62 -7.14 -0.19
CA ASP A 13 -5.25 -8.06 0.88
C ASP A 13 -3.97 -7.51 1.51
N TRP A 14 -3.57 -8.00 2.70
CA TRP A 14 -2.35 -7.55 3.35
C TRP A 14 -1.83 -8.62 4.30
N TYR A 15 -0.56 -8.50 4.70
CA TYR A 15 0.12 -9.37 5.63
C TYR A 15 1.36 -8.63 6.15
N GLN A 16 2.09 -9.21 7.10
CA GLN A 16 3.26 -8.57 7.68
C GLN A 16 4.25 -9.64 8.14
N THR A 17 5.54 -9.28 8.12
CA THR A 17 6.62 -10.04 8.72
C THR A 17 6.80 -9.50 10.15
N GLU A 18 7.79 -10.02 10.86
CA GLU A 18 8.19 -9.44 12.12
C GLU A 18 8.50 -7.94 12.01
N SER A 19 8.98 -7.46 10.85
CA SER A 19 9.52 -6.11 10.69
C SER A 19 9.04 -5.32 9.46
N GLN A 20 8.35 -5.93 8.50
CA GLN A 20 7.78 -5.27 7.32
C GLN A 20 6.27 -5.47 7.30
N VAL A 21 5.52 -4.46 6.86
CA VAL A 21 4.10 -4.58 6.54
C VAL A 21 4.03 -4.60 5.02
N VAL A 22 3.29 -5.56 4.46
CA VAL A 22 3.20 -5.81 3.03
C VAL A 22 1.71 -5.82 2.64
N ILE A 23 1.32 -4.96 1.69
CA ILE A 23 -0.07 -4.68 1.37
C ILE A 23 -0.25 -4.95 -0.12
N THR A 24 -1.11 -5.91 -0.45
CA THR A 24 -1.26 -6.50 -1.76
C THR A 24 -2.58 -6.05 -2.40
N LEU A 25 -2.54 -5.04 -3.26
CA LEU A 25 -3.69 -4.66 -4.08
C LEU A 25 -3.77 -5.69 -5.20
N MET A 26 -4.90 -6.40 -5.32
CA MET A 26 -5.14 -7.34 -6.42
C MET A 26 -5.65 -6.53 -7.61
N ILE A 27 -4.96 -6.59 -8.76
CA ILE A 27 -5.25 -5.68 -9.85
C ILE A 27 -4.63 -6.25 -11.14
N LYS A 28 -5.36 -7.15 -11.81
CA LYS A 28 -4.86 -7.87 -12.97
C LYS A 28 -4.92 -7.02 -14.24
N ASN A 29 -4.35 -5.81 -14.19
CA ASN A 29 -4.27 -4.86 -15.29
C ASN A 29 -3.59 -3.59 -14.78
N VAL A 30 -2.26 -3.60 -14.68
CA VAL A 30 -1.49 -2.43 -14.25
C VAL A 30 -0.04 -2.57 -14.73
N GLN A 31 0.65 -1.43 -14.92
CA GLN A 31 2.07 -1.34 -15.19
C GLN A 31 2.68 -0.30 -14.24
N LYS A 32 3.97 -0.43 -13.93
CA LYS A 32 4.68 0.32 -12.88
C LYS A 32 4.29 1.79 -12.86
N ASN A 33 4.38 2.45 -14.02
CA ASN A 33 4.16 3.88 -14.18
C ASN A 33 2.77 4.33 -13.72
N ASP A 34 1.79 3.42 -13.70
CA ASP A 34 0.43 3.74 -13.33
C ASP A 34 0.31 4.06 -11.84
N VAL A 35 1.20 3.48 -11.03
CA VAL A 35 1.08 3.47 -9.59
C VAL A 35 1.91 4.60 -8.98
N ASN A 36 1.28 5.47 -8.19
CA ASN A 36 1.95 6.45 -7.35
C ASN A 36 1.37 6.30 -5.95
N VAL A 37 2.21 6.36 -4.91
CA VAL A 37 1.78 6.11 -3.54
C VAL A 37 2.29 7.28 -2.69
N GLU A 38 1.40 7.98 -1.99
CA GLU A 38 1.77 9.20 -1.29
C GLU A 38 2.14 8.86 0.14
N PHE A 39 3.44 8.76 0.42
CA PHE A 39 3.96 8.43 1.74
C PHE A 39 4.42 9.71 2.43
N SER A 40 3.64 10.21 3.38
CA SER A 40 4.01 11.34 4.22
C SER A 40 3.32 11.23 5.58
N GLU A 41 3.43 10.06 6.19
CA GLU A 41 2.83 9.69 7.48
C GLU A 41 1.30 9.53 7.38
N LYS A 42 0.60 10.61 7.03
CA LYS A 42 -0.84 10.76 6.87
C LYS A 42 -1.66 9.47 6.99
N GLU A 43 -1.76 8.75 5.87
CA GLU A 43 -2.41 7.47 5.69
C GLU A 43 -1.67 6.83 4.52
N LEU A 44 -1.99 5.60 4.15
CA LEU A 44 -1.47 5.03 2.92
C LEU A 44 -2.49 5.24 1.80
N SER A 45 -2.29 6.27 0.97
CA SER A 45 -3.07 6.47 -0.24
C SER A 45 -2.25 5.99 -1.44
N ALA A 46 -2.75 4.96 -2.14
CA ALA A 46 -2.16 4.42 -3.37
C ALA A 46 -3.06 4.80 -4.53
N LEU A 47 -2.56 5.63 -5.45
CA LEU A 47 -3.26 6.16 -6.61
C LEU A 47 -2.79 5.38 -7.84
N VAL A 48 -3.71 4.68 -8.53
CA VAL A 48 -3.38 3.83 -9.66
C VAL A 48 -4.16 4.29 -10.90
N LYS A 49 -3.46 4.84 -11.91
CA LYS A 49 -4.07 5.14 -13.19
C LYS A 49 -4.42 3.82 -13.88
N LEU A 50 -5.68 3.40 -13.85
CA LEU A 50 -6.11 2.13 -14.40
C LEU A 50 -6.03 2.25 -15.93
N PRO A 51 -5.22 1.44 -16.63
CA PRO A 51 -4.97 1.53 -18.07
C PRO A 51 -6.17 1.91 -18.94
N SER A 52 -7.36 1.39 -18.64
CA SER A 52 -8.56 1.64 -19.43
C SER A 52 -9.00 3.10 -19.43
N GLY A 53 -8.53 3.92 -18.46
CA GLY A 53 -8.73 5.36 -18.47
C GLY A 53 -8.96 5.90 -17.06
N GLU A 54 -9.82 5.23 -16.30
CA GLU A 54 -10.21 5.62 -14.96
C GLU A 54 -9.03 5.47 -13.98
N ASP A 55 -9.20 5.98 -12.77
CA ASP A 55 -8.23 5.77 -11.69
C ASP A 55 -8.85 4.80 -10.67
N TYR A 56 -8.05 3.83 -10.23
CA TYR A 56 -8.37 2.95 -9.12
C TYR A 56 -7.49 3.40 -7.96
N ASN A 57 -8.02 3.31 -6.74
CA ASN A 57 -7.36 3.88 -5.57
C ASN A 57 -7.59 3.03 -4.32
N LEU A 58 -6.66 3.11 -3.36
CA LEU A 58 -6.83 2.57 -2.02
C LEU A 58 -6.38 3.65 -1.03
N LYS A 59 -7.13 3.83 0.07
CA LYS A 59 -6.86 4.79 1.13
C LYS A 59 -6.94 4.05 2.48
N LEU A 60 -5.80 3.65 3.06
CA LEU A 60 -5.78 2.95 4.33
C LEU A 60 -5.36 3.92 5.44
N GLU A 61 -6.28 4.26 6.34
CA GLU A 61 -5.97 4.99 7.56
C GLU A 61 -5.17 4.06 8.48
N LEU A 62 -3.85 4.05 8.31
CA LEU A 62 -2.89 3.25 9.06
C LEU A 62 -3.17 3.30 10.56
N LEU A 63 -2.98 2.18 11.25
CA LEU A 63 -3.04 2.11 12.71
C LEU A 63 -2.17 3.18 13.35
N HIS A 64 -0.96 3.36 12.83
CA HIS A 64 0.02 4.32 13.33
C HIS A 64 0.76 4.90 12.11
N PRO A 65 1.14 6.19 12.12
CA PRO A 65 1.95 6.76 11.05
C PRO A 65 3.32 6.08 10.96
N ILE A 66 3.99 6.20 9.82
CA ILE A 66 5.23 5.50 9.54
C ILE A 66 6.22 6.41 8.81
N ILE A 67 7.52 6.13 8.97
CA ILE A 67 8.61 6.90 8.39
C ILE A 67 8.59 6.70 6.87
N PRO A 68 8.28 7.73 6.06
CA PRO A 68 8.18 7.63 4.62
C PRO A 68 9.34 6.87 3.98
N GLU A 69 10.56 7.19 4.39
CA GLU A 69 11.79 6.62 3.84
C GLU A 69 11.80 5.08 3.87
N GLN A 70 11.03 4.45 4.77
CA GLN A 70 10.98 2.99 4.87
C GLN A 70 9.97 2.37 3.89
N SER A 71 9.34 3.17 3.03
CA SER A 71 8.21 2.76 2.21
C SER A 71 8.61 2.58 0.74
N THR A 72 8.12 1.53 0.10
CA THR A 72 8.34 1.24 -1.31
C THR A 72 7.13 0.46 -1.85
N PHE A 73 7.17 0.08 -3.13
CA PHE A 73 6.16 -0.78 -3.73
C PHE A 73 6.70 -1.50 -4.95
N LYS A 74 6.12 -2.67 -5.22
CA LYS A 74 6.48 -3.59 -6.28
C LYS A 74 5.21 -3.84 -7.10
N VAL A 75 5.20 -3.43 -8.36
CA VAL A 75 4.11 -3.70 -9.28
C VAL A 75 4.48 -4.94 -10.09
N LEU A 76 3.59 -5.93 -10.17
CA LEU A 76 3.84 -7.13 -10.95
C LEU A 76 2.61 -7.53 -11.76
N SER A 77 1.86 -6.53 -12.23
CA SER A 77 0.77 -6.58 -13.20
C SER A 77 -0.48 -7.42 -12.85
N THR A 78 -0.33 -8.38 -11.94
CA THR A 78 -1.39 -9.19 -11.36
C THR A 78 -1.86 -8.52 -10.06
N LYS A 79 -0.89 -7.91 -9.37
CA LYS A 79 -1.07 -7.27 -8.09
C LYS A 79 0.01 -6.21 -7.89
N ILE A 80 -0.20 -5.32 -6.92
CA ILE A 80 0.80 -4.37 -6.45
C ILE A 80 1.06 -4.75 -4.99
N GLU A 81 2.29 -5.11 -4.66
CA GLU A 81 2.73 -5.31 -3.29
C GLU A 81 3.44 -4.05 -2.81
N ILE A 82 2.76 -3.24 -2.01
CA ILE A 82 3.33 -2.09 -1.35
C ILE A 82 4.00 -2.61 -0.09
N LYS A 83 5.25 -2.24 0.19
CA LYS A 83 5.93 -2.69 1.41
C LYS A 83 6.41 -1.46 2.16
N LEU A 84 6.26 -1.50 3.48
CA LEU A 84 6.86 -0.51 4.35
C LEU A 84 7.54 -1.23 5.51
N LYS A 85 8.81 -0.93 5.76
CA LYS A 85 9.45 -1.41 6.97
C LYS A 85 8.74 -0.71 8.13
N LYS A 86 8.39 -1.46 9.18
CA LYS A 86 7.70 -0.86 10.33
C LYS A 86 8.65 0.08 11.09
N PRO A 87 8.13 1.07 11.82
CA PRO A 87 8.93 1.92 12.71
C PRO A 87 9.73 1.09 13.73
N GLU A 88 9.12 0.02 14.25
CA GLU A 88 9.71 -0.90 15.19
C GLU A 88 9.23 -2.29 14.81
N ALA A 89 10.03 -3.33 15.07
CA ALA A 89 9.69 -4.70 14.74
C ALA A 89 8.67 -5.26 15.72
N VAL A 90 7.44 -4.73 15.68
CA VAL A 90 6.30 -5.19 16.46
C VAL A 90 5.19 -5.62 15.49
N ARG A 91 4.52 -6.74 15.75
CA ARG A 91 3.37 -7.16 14.97
C ARG A 91 2.22 -6.17 15.20
N TRP A 92 1.77 -5.49 14.15
CA TRP A 92 0.60 -4.62 14.26
C TRP A 92 -0.63 -5.50 14.43
N GLU A 93 -1.45 -5.23 15.45
CA GLU A 93 -2.63 -6.04 15.74
C GLU A 93 -3.59 -6.04 14.54
N LYS A 94 -3.72 -4.88 13.90
CA LYS A 94 -4.52 -4.64 12.71
C LYS A 94 -3.73 -3.63 11.88
N LEU A 95 -3.92 -3.61 10.56
CA LEU A 95 -3.19 -2.73 9.66
C LEU A 95 -3.70 -1.29 9.80
N GLU A 96 -5.01 -1.13 9.58
CA GLU A 96 -5.67 0.16 9.65
C GLU A 96 -6.01 0.48 11.10
N GLY A 97 -6.58 1.66 11.36
CA GLY A 97 -7.16 2.03 12.63
C GLY A 97 -8.31 1.10 12.99
N GLN A 98 -7.94 -0.10 13.48
CA GLN A 98 -8.82 -1.23 13.70
C GLN A 98 -9.45 -1.70 12.38
N GLY A 99 -8.60 -2.13 11.44
CA GLY A 99 -9.04 -2.81 10.24
C GLY A 99 -7.85 -3.41 9.46
N SER A 8 -12.11 2.56 -7.76
CA SER A 8 -11.66 2.82 -6.37
C SER A 8 -12.27 1.82 -5.39
N LYS A 9 -11.69 1.76 -4.18
CA LYS A 9 -12.00 0.73 -3.20
C LYS A 9 -11.84 -0.66 -3.82
N ILE A 10 -10.69 -0.86 -4.48
CA ILE A 10 -10.37 -2.10 -5.16
C ILE A 10 -9.92 -3.13 -4.11
N LYS A 11 -10.17 -4.41 -4.39
CA LYS A 11 -9.90 -5.49 -3.45
C LYS A 11 -8.40 -5.56 -3.15
N TYR A 12 -8.06 -5.76 -1.87
CA TYR A 12 -6.71 -5.76 -1.36
C TYR A 12 -6.60 -6.83 -0.28
N ASP A 13 -5.37 -7.25 0.03
CA ASP A 13 -5.05 -8.20 1.10
C ASP A 13 -3.74 -7.71 1.71
N TRP A 14 -3.31 -8.26 2.85
CA TRP A 14 -2.08 -7.84 3.49
C TRP A 14 -1.50 -8.94 4.37
N TYR A 15 -0.24 -8.74 4.75
CA TYR A 15 0.58 -9.63 5.55
C TYR A 15 1.52 -8.74 6.37
N GLN A 16 2.09 -9.26 7.45
CA GLN A 16 2.87 -8.46 8.38
C GLN A 16 3.96 -9.31 9.02
N THR A 17 5.12 -8.70 9.25
CA THR A 17 6.21 -9.25 10.03
C THR A 17 6.50 -8.29 11.19
N GLU A 18 7.46 -8.64 12.05
CA GLU A 18 7.89 -7.78 13.14
C GLU A 18 8.38 -6.41 12.60
N SER A 19 9.01 -6.42 11.42
CA SER A 19 9.66 -5.27 10.81
C SER A 19 8.85 -4.66 9.67
N GLN A 20 8.47 -5.49 8.68
CA GLN A 20 7.84 -5.03 7.44
C GLN A 20 6.35 -5.39 7.41
N VAL A 21 5.51 -4.43 7.01
CA VAL A 21 4.12 -4.70 6.66
C VAL A 21 4.08 -4.74 5.14
N VAL A 22 3.33 -5.68 4.56
CA VAL A 22 3.27 -5.91 3.13
C VAL A 22 1.78 -5.93 2.73
N ILE A 23 1.38 -5.11 1.76
CA ILE A 23 -0.02 -4.90 1.39
C ILE A 23 -0.15 -5.17 -0.10
N THR A 24 -1.01 -6.11 -0.48
CA THR A 24 -1.18 -6.57 -1.86
C THR A 24 -2.47 -5.98 -2.41
N LEU A 25 -2.39 -5.16 -3.48
CA LEU A 25 -3.51 -4.49 -4.10
C LEU A 25 -3.74 -5.11 -5.48
N MET A 26 -4.79 -5.93 -5.65
CA MET A 26 -4.94 -6.77 -6.83
C MET A 26 -5.54 -6.02 -8.02
N ILE A 27 -4.82 -5.02 -8.53
CA ILE A 27 -5.14 -4.38 -9.79
C ILE A 27 -4.65 -5.27 -10.93
N LYS A 28 -5.51 -6.18 -11.39
CA LYS A 28 -5.16 -7.11 -12.44
C LYS A 28 -4.90 -6.38 -13.77
N ASN A 29 -3.67 -6.49 -14.27
CA ASN A 29 -3.19 -5.96 -15.55
C ASN A 29 -2.89 -4.46 -15.44
N VAL A 30 -2.22 -4.07 -14.35
CA VAL A 30 -1.69 -2.71 -14.24
C VAL A 30 -0.36 -2.65 -14.98
N GLN A 31 -0.08 -1.52 -15.63
CA GLN A 31 1.20 -1.22 -16.26
C GLN A 31 2.09 -0.57 -15.20
N LYS A 32 3.35 -1.00 -15.08
CA LYS A 32 4.29 -0.56 -14.04
C LYS A 32 4.22 0.95 -13.76
N ASN A 33 4.27 1.75 -14.81
CA ASN A 33 4.29 3.21 -14.71
C ASN A 33 3.01 3.75 -14.06
N ASP A 34 1.87 3.09 -14.25
CA ASP A 34 0.55 3.60 -13.89
C ASP A 34 0.26 3.38 -12.40
N VAL A 35 1.25 3.64 -11.52
CA VAL A 35 1.11 3.41 -10.09
C VAL A 35 1.80 4.53 -9.33
N ASN A 36 1.09 5.18 -8.41
CA ASN A 36 1.64 6.20 -7.52
C ASN A 36 1.16 5.91 -6.10
N VAL A 37 1.97 5.17 -5.33
CA VAL A 37 1.66 4.85 -3.94
C VAL A 37 2.19 5.98 -3.05
N GLU A 38 1.28 6.86 -2.59
CA GLU A 38 1.64 8.03 -1.81
C GLU A 38 1.55 7.71 -0.33
N PHE A 39 2.60 8.08 0.41
CA PHE A 39 2.60 8.08 1.87
C PHE A 39 3.21 9.42 2.29
N SER A 40 2.41 10.41 2.68
CA SER A 40 2.93 11.65 3.25
C SER A 40 3.18 11.43 4.73
N GLU A 41 3.89 10.34 5.07
CA GLU A 41 4.15 9.82 6.40
C GLU A 41 2.89 9.30 7.11
N LYS A 42 1.83 10.12 7.12
CA LYS A 42 0.54 9.93 7.75
C LYS A 42 -0.05 8.52 7.63
N GLU A 43 -0.46 8.12 6.41
CA GLU A 43 -1.21 6.92 6.11
C GLU A 43 -0.85 6.51 4.67
N LEU A 44 -1.41 5.40 4.19
CA LEU A 44 -1.19 4.94 2.83
C LEU A 44 -2.30 5.53 1.94
N SER A 45 -1.94 5.99 0.75
CA SER A 45 -2.87 6.44 -0.27
C SER A 45 -2.38 5.98 -1.65
N ALA A 46 -2.98 4.89 -2.17
CA ALA A 46 -2.54 4.26 -3.41
C ALA A 46 -3.31 4.81 -4.60
N LEU A 47 -2.71 5.69 -5.40
CA LEU A 47 -3.30 6.16 -6.64
C LEU A 47 -2.89 5.19 -7.75
N VAL A 48 -3.81 4.29 -8.12
CA VAL A 48 -3.58 3.28 -9.14
C VAL A 48 -4.12 3.84 -10.44
N LYS A 49 -3.26 4.24 -11.37
CA LYS A 49 -3.72 4.75 -12.64
C LYS A 49 -4.17 3.56 -13.50
N LEU A 50 -5.17 3.79 -14.35
CA LEU A 50 -5.76 2.81 -15.23
C LEU A 50 -5.40 3.21 -16.67
N PRO A 51 -4.99 2.26 -17.53
CA PRO A 51 -4.64 2.48 -18.93
C PRO A 51 -5.58 3.37 -19.73
N SER A 52 -6.87 3.46 -19.35
CA SER A 52 -7.85 4.34 -19.96
C SER A 52 -7.55 5.83 -19.73
N GLY A 53 -6.50 6.18 -18.97
CA GLY A 53 -6.24 7.55 -18.57
C GLY A 53 -7.18 7.91 -17.42
N GLU A 54 -7.31 6.96 -16.49
CA GLU A 54 -8.25 6.95 -15.38
C GLU A 54 -7.45 6.66 -14.11
N ASP A 55 -8.06 6.80 -12.92
CA ASP A 55 -7.43 6.42 -11.66
C ASP A 55 -8.44 5.72 -10.77
N TYR A 56 -7.98 4.66 -10.08
CA TYR A 56 -8.68 3.97 -9.02
C TYR A 56 -7.85 4.24 -7.78
N ASN A 57 -8.50 4.37 -6.62
CA ASN A 57 -7.82 4.71 -5.40
C ASN A 57 -8.32 3.90 -4.19
N LEU A 58 -7.38 3.58 -3.30
CA LEU A 58 -7.63 3.05 -1.97
C LEU A 58 -6.73 3.86 -1.04
N LYS A 59 -7.24 4.24 0.13
CA LYS A 59 -6.46 4.82 1.21
C LYS A 59 -6.59 3.86 2.39
N LEU A 60 -5.57 3.79 3.24
CA LEU A 60 -5.53 2.81 4.32
C LEU A 60 -4.94 3.42 5.59
N GLU A 61 -5.72 3.40 6.66
CA GLU A 61 -5.41 4.06 7.91
C GLU A 61 -4.39 3.21 8.67
N LEU A 62 -3.11 3.42 8.38
CA LEU A 62 -2.03 2.75 9.07
C LEU A 62 -2.11 3.03 10.58
N LEU A 63 -2.02 1.97 11.41
CA LEU A 63 -2.04 2.05 12.87
C LEU A 63 -1.25 3.26 13.40
N HIS A 64 -0.04 3.49 12.88
CA HIS A 64 0.72 4.69 13.19
C HIS A 64 1.46 5.13 11.91
N PRO A 65 1.78 6.44 11.77
CA PRO A 65 2.53 6.96 10.63
C PRO A 65 3.87 6.24 10.45
N ILE A 66 4.39 6.26 9.22
CA ILE A 66 5.55 5.46 8.83
C ILE A 66 6.45 6.29 7.90
N ILE A 67 7.77 6.25 8.13
CA ILE A 67 8.74 7.06 7.41
C ILE A 67 8.60 6.83 5.90
N PRO A 68 8.37 7.88 5.09
CA PRO A 68 8.15 7.73 3.65
C PRO A 68 9.36 7.07 2.97
N GLU A 69 10.58 7.41 3.39
CA GLU A 69 11.80 6.81 2.87
C GLU A 69 11.88 5.30 3.14
N GLN A 70 10.98 4.72 3.94
CA GLN A 70 10.88 3.28 4.16
C GLN A 70 9.52 2.75 3.68
N SER A 71 8.82 3.50 2.83
CA SER A 71 7.51 3.16 2.30
C SER A 71 7.65 3.02 0.78
N THR A 72 7.40 1.83 0.23
CA THR A 72 7.71 1.52 -1.16
C THR A 72 6.73 0.49 -1.73
N PHE A 73 6.96 0.06 -2.96
CA PHE A 73 6.11 -0.89 -3.65
C PHE A 73 6.84 -1.51 -4.85
N LYS A 74 6.36 -2.67 -5.31
CA LYS A 74 6.75 -3.31 -6.55
C LYS A 74 5.46 -3.68 -7.28
N VAL A 75 5.42 -3.43 -8.59
CA VAL A 75 4.24 -3.69 -9.41
C VAL A 75 4.44 -5.04 -10.12
N LEU A 76 3.65 -6.06 -9.76
CA LEU A 76 3.71 -7.38 -10.36
C LEU A 76 2.75 -7.48 -11.56
N SER A 77 2.07 -6.38 -11.92
CA SER A 77 1.14 -6.29 -13.04
C SER A 77 -0.20 -6.96 -12.73
N THR A 78 -0.19 -8.12 -12.09
CA THR A 78 -1.40 -8.77 -11.60
C THR A 78 -1.85 -8.09 -10.30
N LYS A 79 -0.89 -7.57 -9.54
CA LYS A 79 -1.11 -6.91 -8.26
C LYS A 79 0.04 -5.95 -7.99
N ILE A 80 -0.18 -4.97 -7.11
CA ILE A 80 0.88 -4.13 -6.57
C ILE A 80 1.19 -4.69 -5.19
N GLU A 81 2.45 -5.05 -4.93
CA GLU A 81 2.93 -5.43 -3.63
C GLU A 81 3.58 -4.20 -3.00
N ILE A 82 2.86 -3.55 -2.09
CA ILE A 82 3.32 -2.41 -1.32
C ILE A 82 4.05 -2.96 -0.11
N LYS A 83 5.17 -2.35 0.30
CA LYS A 83 5.88 -2.72 1.52
C LYS A 83 6.23 -1.45 2.30
N LEU A 84 6.12 -1.52 3.63
CA LEU A 84 6.52 -0.44 4.50
C LEU A 84 7.32 -1.02 5.67
N LYS A 85 8.57 -0.60 5.81
CA LYS A 85 9.47 -1.11 6.86
C LYS A 85 9.32 -0.20 8.07
N LYS A 86 8.69 -0.70 9.15
CA LYS A 86 8.37 0.12 10.30
C LYS A 86 9.65 0.66 10.95
N PRO A 87 9.62 1.92 11.45
CA PRO A 87 10.79 2.56 12.04
C PRO A 87 11.34 1.76 13.22
N GLU A 88 10.43 1.28 14.08
CA GLU A 88 10.76 0.31 15.12
C GLU A 88 10.15 -1.02 14.69
N ALA A 89 10.87 -2.11 14.97
CA ALA A 89 10.42 -3.45 14.68
C ALA A 89 9.36 -3.88 15.70
N VAL A 90 8.17 -3.28 15.61
CA VAL A 90 7.02 -3.66 16.43
C VAL A 90 5.91 -4.22 15.54
N ARG A 91 5.56 -5.49 15.76
CA ARG A 91 4.39 -6.11 15.17
C ARG A 91 3.16 -5.32 15.61
N TRP A 92 2.49 -4.66 14.65
CA TRP A 92 1.27 -3.91 14.88
C TRP A 92 0.12 -4.86 15.23
N GLU A 93 0.19 -6.09 14.73
CA GLU A 93 -0.87 -7.10 14.78
C GLU A 93 -1.97 -6.70 13.80
N LYS A 94 -2.58 -5.55 14.06
CA LYS A 94 -3.57 -4.90 13.22
C LYS A 94 -2.88 -4.17 12.06
N LEU A 95 -3.67 -3.46 11.26
CA LEU A 95 -3.20 -2.58 10.21
C LEU A 95 -4.12 -1.37 10.09
N GLU A 96 -5.41 -1.61 9.81
CA GLU A 96 -6.36 -0.56 9.51
C GLU A 96 -6.85 0.08 10.81
N GLY A 97 -5.98 0.85 11.46
CA GLY A 97 -6.21 1.35 12.81
C GLY A 97 -6.24 0.16 13.77
N GLN A 98 -7.40 -0.50 13.85
CA GLN A 98 -7.59 -1.73 14.62
C GLN A 98 -8.13 -2.89 13.77
N GLY A 99 -8.44 -2.67 12.49
CA GLY A 99 -8.74 -3.77 11.59
C GLY A 99 -7.47 -4.57 11.29
N SER A 8 -15.52 1.88 -5.68
CA SER A 8 -15.28 1.52 -4.26
C SER A 8 -13.82 1.14 -4.02
N LYS A 9 -12.92 2.13 -4.10
CA LYS A 9 -11.48 1.93 -4.01
C LYS A 9 -11.04 0.87 -5.03
N ILE A 10 -10.16 -0.05 -4.66
CA ILE A 10 -9.81 -1.23 -5.45
C ILE A 10 -9.58 -2.39 -4.48
N LYS A 11 -9.76 -3.63 -4.94
CA LYS A 11 -9.57 -4.82 -4.13
C LYS A 11 -8.11 -4.94 -3.69
N TYR A 12 -7.89 -5.40 -2.45
CA TYR A 12 -6.57 -5.62 -1.91
C TYR A 12 -6.64 -6.73 -0.85
N ASP A 13 -5.48 -7.25 -0.47
CA ASP A 13 -5.25 -8.12 0.66
C ASP A 13 -3.99 -7.59 1.33
N TRP A 14 -3.55 -8.13 2.47
CA TRP A 14 -2.34 -7.66 3.12
C TRP A 14 -1.75 -8.76 3.98
N TYR A 15 -0.52 -8.57 4.43
CA TYR A 15 0.18 -9.43 5.37
C TYR A 15 1.28 -8.59 6.03
N GLN A 16 2.04 -9.19 6.95
CA GLN A 16 3.18 -8.52 7.55
C GLN A 16 4.16 -9.54 8.12
N THR A 17 5.24 -8.99 8.64
CA THR A 17 6.25 -9.60 9.46
C THR A 17 6.41 -8.66 10.66
N GLU A 18 7.26 -8.98 11.64
CA GLU A 18 7.52 -8.04 12.72
C GLU A 18 8.11 -6.71 12.20
N SER A 19 8.80 -6.75 11.06
CA SER A 19 9.57 -5.64 10.50
C SER A 19 8.84 -4.96 9.34
N GLN A 20 8.37 -5.74 8.37
CA GLN A 20 7.73 -5.27 7.15
C GLN A 20 6.22 -5.50 7.19
N VAL A 21 5.42 -4.46 6.95
CA VAL A 21 3.99 -4.57 6.71
C VAL A 21 3.82 -4.43 5.19
N VAL A 22 3.00 -5.29 4.58
CA VAL A 22 2.86 -5.36 3.13
C VAL A 22 1.38 -5.40 2.73
N ILE A 23 0.95 -4.47 1.88
CA ILE A 23 -0.40 -4.42 1.33
C ILE A 23 -0.32 -4.93 -0.11
N THR A 24 -1.07 -5.99 -0.42
CA THR A 24 -1.15 -6.59 -1.73
C THR A 24 -2.37 -6.02 -2.45
N LEU A 25 -2.16 -4.94 -3.21
CA LEU A 25 -3.16 -4.39 -4.11
C LEU A 25 -3.43 -5.46 -5.17
N MET A 26 -4.69 -5.81 -5.47
CA MET A 26 -5.02 -6.75 -6.55
C MET A 26 -5.38 -5.95 -7.81
N ILE A 27 -4.63 -6.14 -8.90
CA ILE A 27 -4.77 -5.35 -10.12
C ILE A 27 -4.07 -6.05 -11.29
N LYS A 28 -4.82 -6.38 -12.35
CA LYS A 28 -4.29 -6.98 -13.58
C LYS A 28 -4.61 -6.09 -14.78
N ASN A 29 -4.29 -4.80 -14.65
CA ASN A 29 -4.51 -3.78 -15.68
C ASN A 29 -3.75 -2.52 -15.24
N VAL A 30 -2.41 -2.56 -15.32
CA VAL A 30 -1.58 -1.50 -14.77
C VAL A 30 -0.19 -1.56 -15.41
N GLN A 31 0.45 -0.38 -15.54
CA GLN A 31 1.84 -0.20 -15.90
C GLN A 31 2.48 0.55 -14.72
N LYS A 32 3.76 0.30 -14.43
CA LYS A 32 4.48 0.85 -13.29
C LYS A 32 4.17 2.34 -13.07
N ASN A 33 4.28 3.13 -14.15
CA ASN A 33 4.11 4.59 -14.09
C ASN A 33 2.73 5.01 -13.56
N ASP A 34 1.72 4.13 -13.64
CA ASP A 34 0.38 4.41 -13.15
C ASP A 34 0.30 4.40 -11.63
N VAL A 35 1.25 3.77 -10.96
CA VAL A 35 1.17 3.47 -9.54
C VAL A 35 1.73 4.64 -8.73
N ASN A 36 0.85 5.50 -8.22
CA ASN A 36 1.22 6.66 -7.40
C ASN A 36 0.94 6.34 -5.93
N VAL A 37 1.94 5.83 -5.20
CA VAL A 37 1.84 5.59 -3.77
C VAL A 37 2.33 6.82 -3.02
N GLU A 38 1.40 7.63 -2.51
CA GLU A 38 1.74 8.86 -1.84
C GLU A 38 2.09 8.52 -0.38
N PHE A 39 3.38 8.43 -0.10
CA PHE A 39 3.90 8.19 1.24
C PHE A 39 4.46 9.49 1.78
N SER A 40 3.82 10.06 2.80
CA SER A 40 4.30 11.26 3.48
C SER A 40 3.83 11.25 4.94
N GLU A 41 4.09 10.14 5.63
CA GLU A 41 3.70 9.88 7.02
C GLU A 41 2.19 9.63 7.15
N LYS A 42 1.39 10.63 6.76
CA LYS A 42 -0.07 10.69 6.80
C LYS A 42 -0.80 9.34 6.94
N GLU A 43 -1.00 8.66 5.81
CA GLU A 43 -1.80 7.46 5.63
C GLU A 43 -1.18 6.72 4.45
N LEU A 44 -1.71 5.56 4.10
CA LEU A 44 -1.36 4.90 2.85
C LEU A 44 -2.38 5.43 1.83
N SER A 45 -1.92 5.89 0.67
CA SER A 45 -2.77 6.31 -0.42
C SER A 45 -2.11 5.88 -1.74
N ALA A 46 -2.56 4.76 -2.29
CA ALA A 46 -2.11 4.23 -3.56
C ALA A 46 -3.14 4.58 -4.62
N LEU A 47 -2.84 5.59 -5.45
CA LEU A 47 -3.66 5.95 -6.58
C LEU A 47 -3.15 5.13 -7.76
N VAL A 48 -4.02 4.29 -8.32
CA VAL A 48 -3.76 3.47 -9.48
C VAL A 48 -4.46 4.16 -10.66
N LYS A 49 -3.70 4.78 -11.54
CA LYS A 49 -4.23 5.33 -12.79
C LYS A 49 -4.57 4.15 -13.72
N LEU A 50 -5.83 3.74 -13.80
CA LEU A 50 -6.23 2.63 -14.65
C LEU A 50 -5.99 3.05 -16.11
N PRO A 51 -5.16 2.31 -16.87
CA PRO A 51 -4.88 2.54 -18.29
C PRO A 51 -6.14 2.85 -19.09
N SER A 52 -7.26 2.21 -18.73
CA SER A 52 -8.59 2.39 -19.28
C SER A 52 -9.20 3.78 -19.01
N GLY A 53 -8.40 4.85 -19.01
CA GLY A 53 -8.82 6.22 -18.78
C GLY A 53 -9.59 6.40 -17.47
N GLU A 54 -9.19 5.67 -16.43
CA GLU A 54 -9.86 5.65 -15.13
C GLU A 54 -8.80 5.82 -14.03
N ASP A 55 -9.20 6.07 -12.78
CA ASP A 55 -8.32 6.03 -11.63
C ASP A 55 -9.09 5.39 -10.49
N TYR A 56 -8.47 4.50 -9.73
CA TYR A 56 -8.99 3.95 -8.50
C TYR A 56 -7.92 4.17 -7.44
N ASN A 57 -8.33 4.13 -6.17
CA ASN A 57 -7.45 4.50 -5.09
C ASN A 57 -7.68 3.65 -3.85
N LEU A 58 -6.66 2.88 -3.45
CA LEU A 58 -6.65 2.22 -2.15
C LEU A 58 -6.08 3.23 -1.16
N LYS A 59 -6.87 3.63 -0.17
CA LYS A 59 -6.47 4.54 0.89
C LYS A 59 -6.75 3.86 2.22
N LEU A 60 -5.80 3.88 3.16
CA LEU A 60 -5.94 3.27 4.47
C LEU A 60 -5.21 4.12 5.52
N GLU A 61 -5.92 4.48 6.60
CA GLU A 61 -5.39 5.21 7.74
C GLU A 61 -4.51 4.24 8.55
N LEU A 62 -3.22 4.18 8.21
CA LEU A 62 -2.21 3.33 8.86
C LEU A 62 -2.33 3.35 10.38
N LEU A 63 -2.07 2.22 11.04
CA LEU A 63 -2.14 2.10 12.50
C LEU A 63 -1.36 3.22 13.19
N HIS A 64 -0.16 3.54 12.68
CA HIS A 64 0.57 4.72 13.07
C HIS A 64 1.36 5.23 11.86
N PRO A 65 1.69 6.52 11.76
CA PRO A 65 2.53 7.06 10.70
C PRO A 65 3.90 6.37 10.62
N ILE A 66 4.53 6.41 9.45
CA ILE A 66 5.78 5.71 9.17
C ILE A 66 6.69 6.56 8.27
N ILE A 67 7.96 6.17 8.17
CA ILE A 67 9.01 6.94 7.51
C ILE A 67 8.94 6.73 5.99
N PRO A 68 8.73 7.78 5.18
CA PRO A 68 8.71 7.68 3.72
C PRO A 68 9.91 6.91 3.15
N GLU A 69 11.12 7.17 3.65
CA GLU A 69 12.33 6.49 3.22
C GLU A 69 12.23 4.96 3.32
N GLN A 70 11.41 4.44 4.25
CA GLN A 70 11.22 3.01 4.46
C GLN A 70 9.97 2.50 3.73
N SER A 71 9.37 3.32 2.86
CA SER A 71 8.09 3.06 2.21
C SER A 71 8.30 2.82 0.72
N THR A 72 7.89 1.66 0.20
CA THR A 72 8.19 1.25 -1.17
C THR A 72 7.09 0.35 -1.71
N PHE A 73 7.27 -0.17 -2.93
CA PHE A 73 6.35 -1.10 -3.54
C PHE A 73 7.02 -1.86 -4.69
N LYS A 74 6.51 -3.05 -4.99
CA LYS A 74 6.87 -3.84 -6.17
C LYS A 74 5.60 -4.15 -6.93
N VAL A 75 5.67 -4.05 -8.26
CA VAL A 75 4.58 -4.27 -9.19
C VAL A 75 4.75 -5.67 -9.80
N LEU A 76 3.72 -6.51 -9.68
CA LEU A 76 3.66 -7.81 -10.33
C LEU A 76 2.60 -7.71 -11.44
N SER A 77 2.31 -8.82 -12.11
CA SER A 77 1.33 -8.88 -13.19
C SER A 77 -0.08 -8.67 -12.64
N THR A 78 -0.41 -9.41 -11.57
CA THR A 78 -1.75 -9.53 -11.01
C THR A 78 -1.95 -8.63 -9.78
N LYS A 79 -0.87 -8.09 -9.21
CA LYS A 79 -0.91 -7.44 -7.92
C LYS A 79 0.22 -6.42 -7.78
N ILE A 80 0.13 -5.54 -6.78
CA ILE A 80 1.20 -4.65 -6.37
C ILE A 80 1.41 -4.89 -4.88
N GLU A 81 2.62 -5.29 -4.48
CA GLU A 81 2.96 -5.46 -3.09
C GLU A 81 3.61 -4.17 -2.61
N ILE A 82 2.84 -3.37 -1.88
CA ILE A 82 3.27 -2.11 -1.29
C ILE A 82 3.84 -2.44 0.09
N LYS A 83 5.15 -2.29 0.28
CA LYS A 83 5.82 -2.67 1.51
C LYS A 83 6.27 -1.42 2.24
N LEU A 84 5.99 -1.36 3.54
CA LEU A 84 6.53 -0.35 4.43
C LEU A 84 7.28 -1.09 5.53
N LYS A 85 8.61 -0.88 5.59
CA LYS A 85 9.40 -1.38 6.69
C LYS A 85 9.13 -0.42 7.85
N LYS A 86 8.73 -0.93 9.01
CA LYS A 86 8.28 -0.09 10.11
C LYS A 86 9.47 0.63 10.76
N PRO A 87 9.24 1.81 11.38
CA PRO A 87 10.21 2.50 12.21
C PRO A 87 10.84 1.59 13.27
N GLU A 88 10.01 0.81 13.96
CA GLU A 88 10.41 -0.18 14.93
C GLU A 88 9.84 -1.52 14.49
N ALA A 89 10.61 -2.60 14.67
CA ALA A 89 10.20 -3.93 14.27
C ALA A 89 9.21 -4.54 15.27
N VAL A 90 8.07 -3.88 15.45
CA VAL A 90 6.96 -4.36 16.27
C VAL A 90 5.86 -4.85 15.33
N ARG A 91 5.40 -6.09 15.55
CA ARG A 91 4.28 -6.67 14.81
C ARG A 91 3.05 -5.76 15.04
N TRP A 92 2.57 -5.10 13.99
CA TRP A 92 1.41 -4.23 14.10
C TRP A 92 0.17 -5.06 14.37
N GLU A 93 -0.51 -4.85 15.50
CA GLU A 93 -1.72 -5.58 15.85
C GLU A 93 -2.72 -5.58 14.69
N LYS A 94 -2.91 -4.42 14.06
CA LYS A 94 -3.87 -4.15 13.00
C LYS A 94 -3.16 -3.33 11.94
N LEU A 95 -3.61 -3.38 10.68
CA LEU A 95 -3.00 -2.61 9.61
C LEU A 95 -3.29 -1.11 9.79
N GLU A 96 -4.57 -0.79 9.96
CA GLU A 96 -5.11 0.55 9.95
C GLU A 96 -5.99 0.82 11.17
N GLY A 97 -6.06 2.11 11.55
CA GLY A 97 -6.80 2.65 12.68
C GLY A 97 -7.01 1.65 13.79
N GLN A 98 -8.25 1.17 13.95
CA GLN A 98 -8.55 0.04 14.80
C GLN A 98 -9.42 -0.92 14.00
N GLY A 99 -8.94 -1.31 12.82
CA GLY A 99 -9.75 -2.05 11.86
C GLY A 99 -10.81 -1.14 11.24
N SER A 8 -11.63 5.56 -7.34
CA SER A 8 -12.46 4.36 -7.30
C SER A 8 -11.87 3.31 -6.35
N LYS A 9 -12.56 2.97 -5.27
CA LYS A 9 -12.06 2.00 -4.30
C LYS A 9 -11.93 0.61 -4.94
N ILE A 10 -11.01 -0.19 -4.39
CA ILE A 10 -10.56 -1.46 -4.95
C ILE A 10 -10.33 -2.45 -3.80
N LYS A 11 -10.49 -3.76 -4.07
CA LYS A 11 -10.19 -4.80 -3.09
C LYS A 11 -8.68 -4.92 -2.91
N TYR A 12 -8.22 -5.17 -1.69
CA TYR A 12 -6.82 -5.38 -1.37
C TYR A 12 -6.73 -6.46 -0.28
N ASP A 13 -5.53 -7.01 -0.09
CA ASP A 13 -5.20 -7.92 1.00
C ASP A 13 -3.88 -7.41 1.61
N TRP A 14 -3.45 -7.95 2.76
CA TRP A 14 -2.19 -7.53 3.37
C TRP A 14 -1.59 -8.68 4.18
N TYR A 15 -0.26 -8.72 4.22
CA TYR A 15 0.55 -9.69 4.94
C TYR A 15 1.50 -8.91 5.87
N GLN A 16 2.01 -9.56 6.91
CA GLN A 16 2.81 -8.94 7.95
C GLN A 16 3.90 -9.88 8.41
N THR A 17 5.06 -9.30 8.73
CA THR A 17 6.14 -9.93 9.46
C THR A 17 6.44 -8.94 10.60
N GLU A 18 7.15 -9.36 11.64
CA GLU A 18 7.62 -8.43 12.66
C GLU A 18 8.85 -7.67 12.13
N SER A 19 8.69 -7.00 10.99
CA SER A 19 9.74 -6.26 10.31
C SER A 19 9.16 -5.44 9.16
N GLN A 20 8.41 -6.11 8.30
CA GLN A 20 7.89 -5.60 7.05
C GLN A 20 6.38 -5.89 7.03
N VAL A 21 5.57 -4.88 6.71
CA VAL A 21 4.16 -5.06 6.42
C VAL A 21 4.02 -4.91 4.91
N VAL A 22 3.38 -5.88 4.26
CA VAL A 22 3.32 -5.99 2.81
C VAL A 22 1.85 -5.96 2.39
N ILE A 23 1.38 -4.79 1.97
CA ILE A 23 0.00 -4.55 1.61
C ILE A 23 -0.13 -4.89 0.13
N THR A 24 -0.91 -5.94 -0.16
CA THR A 24 -1.00 -6.59 -1.45
C THR A 24 -2.29 -6.13 -2.15
N LEU A 25 -2.16 -5.12 -3.01
CA LEU A 25 -3.27 -4.58 -3.79
C LEU A 25 -3.33 -5.30 -5.13
N MET A 26 -4.29 -6.22 -5.29
CA MET A 26 -4.51 -6.95 -6.54
C MET A 26 -4.92 -5.99 -7.65
N ILE A 27 -4.26 -6.05 -8.81
CA ILE A 27 -4.65 -5.29 -10.00
C ILE A 27 -3.92 -5.84 -11.23
N LYS A 28 -4.34 -7.01 -11.69
CA LYS A 28 -3.79 -7.67 -12.87
C LYS A 28 -4.19 -6.94 -14.15
N ASN A 29 -3.63 -5.74 -14.35
CA ASN A 29 -4.03 -4.82 -15.41
C ASN A 29 -3.09 -3.61 -15.47
N VAL A 30 -2.73 -3.03 -14.32
CA VAL A 30 -1.99 -1.79 -14.28
C VAL A 30 -0.52 -2.01 -14.68
N GLN A 31 0.15 -0.93 -15.11
CA GLN A 31 1.56 -0.93 -15.47
C GLN A 31 2.28 0.04 -14.52
N LYS A 32 3.51 -0.31 -14.13
CA LYS A 32 4.30 0.35 -13.07
C LYS A 32 4.14 1.86 -13.01
N ASN A 33 4.36 2.55 -14.13
CA ASN A 33 4.35 4.01 -14.19
C ASN A 33 3.01 4.57 -13.71
N ASP A 34 1.93 3.83 -13.95
CA ASP A 34 0.57 4.28 -13.72
C ASP A 34 0.15 4.01 -12.28
N VAL A 35 1.02 3.40 -11.46
CA VAL A 35 0.83 3.27 -10.03
C VAL A 35 1.63 4.37 -9.35
N ASN A 36 1.03 5.08 -8.38
CA ASN A 36 1.76 6.01 -7.53
C ASN A 36 1.27 5.85 -6.10
N VAL A 37 2.13 5.34 -5.21
CA VAL A 37 1.84 5.29 -3.79
C VAL A 37 2.57 6.43 -3.10
N GLU A 38 1.83 7.27 -2.36
CA GLU A 38 2.38 8.36 -1.59
C GLU A 38 2.33 7.99 -0.11
N PHE A 39 3.43 8.27 0.59
CA PHE A 39 3.57 8.09 2.03
C PHE A 39 4.19 9.41 2.51
N SER A 40 3.66 10.01 3.56
CA SER A 40 4.17 11.30 4.05
C SER A 40 3.87 11.47 5.53
N GLU A 41 4.18 10.44 6.31
CA GLU A 41 3.87 10.37 7.74
C GLU A 41 2.39 10.67 7.97
N LYS A 42 1.53 9.99 7.21
CA LYS A 42 0.09 10.22 7.19
C LYS A 42 -0.62 8.88 6.97
N GLU A 43 -1.68 8.87 6.15
CA GLU A 43 -2.39 7.67 5.74
C GLU A 43 -1.77 7.14 4.43
N LEU A 44 -2.12 5.92 4.06
CA LEU A 44 -1.63 5.30 2.85
C LEU A 44 -2.62 5.61 1.74
N SER A 45 -2.19 6.38 0.74
CA SER A 45 -2.92 6.60 -0.51
C SER A 45 -2.13 5.97 -1.65
N ALA A 46 -2.71 4.95 -2.29
CA ALA A 46 -2.18 4.29 -3.48
C ALA A 46 -3.08 4.63 -4.66
N LEU A 47 -2.60 5.49 -5.56
CA LEU A 47 -3.25 5.83 -6.81
C LEU A 47 -2.88 4.79 -7.86
N VAL A 48 -3.88 4.32 -8.60
CA VAL A 48 -3.79 3.27 -9.61
C VAL A 48 -4.52 3.80 -10.85
N LYS A 49 -3.80 4.53 -11.71
CA LYS A 49 -4.37 5.09 -12.92
C LYS A 49 -4.57 3.94 -13.91
N LEU A 50 -5.81 3.60 -14.25
CA LEU A 50 -6.03 2.50 -15.18
C LEU A 50 -5.75 2.96 -16.61
N PRO A 51 -5.40 2.00 -17.50
CA PRO A 51 -5.36 2.20 -18.94
C PRO A 51 -6.61 2.95 -19.39
N SER A 52 -7.78 2.52 -18.88
CA SER A 52 -9.10 3.06 -19.17
C SER A 52 -9.33 4.49 -18.65
N GLY A 53 -8.29 5.31 -18.44
CA GLY A 53 -8.43 6.70 -18.03
C GLY A 53 -8.77 6.87 -16.54
N GLU A 54 -9.69 6.04 -16.03
CA GLU A 54 -10.21 6.16 -14.68
C GLU A 54 -9.11 5.88 -13.65
N ASP A 55 -9.18 6.58 -12.51
CA ASP A 55 -8.28 6.37 -11.40
C ASP A 55 -8.95 5.44 -10.40
N TYR A 56 -8.25 4.38 -9.99
CA TYR A 56 -8.62 3.53 -8.89
C TYR A 56 -7.69 3.92 -7.74
N ASN A 57 -8.20 4.02 -6.52
CA ASN A 57 -7.44 4.56 -5.41
C ASN A 57 -7.76 3.87 -4.09
N LEU A 58 -6.80 3.12 -3.56
CA LEU A 58 -6.89 2.58 -2.20
C LEU A 58 -6.41 3.67 -1.26
N LYS A 59 -7.24 4.07 -0.29
CA LYS A 59 -6.85 4.95 0.80
C LYS A 59 -7.14 4.22 2.11
N LEU A 60 -6.17 4.16 3.03
CA LEU A 60 -6.42 3.62 4.37
C LEU A 60 -5.51 4.28 5.40
N GLU A 61 -6.02 4.45 6.62
CA GLU A 61 -5.32 5.11 7.72
C GLU A 61 -4.41 4.07 8.38
N LEU A 62 -3.12 4.11 8.06
CA LEU A 62 -2.12 3.25 8.69
C LEU A 62 -2.16 3.42 10.21
N LEU A 63 -2.16 2.31 10.95
CA LEU A 63 -2.08 2.27 12.40
C LEU A 63 -1.00 3.20 12.96
N HIS A 64 0.16 3.27 12.29
CA HIS A 64 1.23 4.21 12.61
C HIS A 64 1.65 4.91 11.31
N PRO A 65 2.06 6.18 11.36
CA PRO A 65 2.46 6.97 10.19
C PRO A 65 3.76 6.46 9.56
N ILE A 66 4.67 5.96 10.40
CA ILE A 66 5.95 5.35 10.04
C ILE A 66 6.83 6.21 9.13
N ILE A 67 7.83 5.59 8.48
CA ILE A 67 8.89 6.29 7.75
C ILE A 67 8.67 6.14 6.23
N PRO A 68 8.29 7.20 5.51
CA PRO A 68 8.19 7.20 4.05
C PRO A 68 9.43 6.62 3.37
N GLU A 69 10.62 6.99 3.84
CA GLU A 69 11.88 6.54 3.28
C GLU A 69 12.12 5.03 3.47
N GLN A 70 11.22 4.32 4.16
CA GLN A 70 11.21 2.87 4.27
C GLN A 70 9.88 2.31 3.76
N SER A 71 9.18 3.04 2.89
CA SER A 71 7.89 2.67 2.34
C SER A 71 7.99 2.69 0.81
N THR A 72 7.57 1.61 0.15
CA THR A 72 7.80 1.39 -1.27
C THR A 72 6.67 0.56 -1.87
N PHE A 73 6.68 0.38 -3.20
CA PHE A 73 5.65 -0.35 -3.93
C PHE A 73 6.23 -1.08 -5.14
N LYS A 74 6.00 -2.40 -5.19
CA LYS A 74 6.49 -3.29 -6.23
C LYS A 74 5.29 -3.76 -7.06
N VAL A 75 5.19 -3.31 -8.31
CA VAL A 75 4.07 -3.66 -9.19
C VAL A 75 4.44 -4.94 -9.96
N LEU A 76 4.17 -6.12 -9.39
CA LEU A 76 4.57 -7.37 -10.04
C LEU A 76 3.47 -7.87 -10.97
N SER A 77 3.03 -6.98 -11.86
CA SER A 77 2.05 -7.19 -12.93
C SER A 77 0.64 -7.50 -12.42
N THR A 78 0.50 -8.56 -11.62
CA THR A 78 -0.73 -9.09 -11.09
C THR A 78 -1.21 -8.28 -9.87
N LYS A 79 -0.26 -7.76 -9.09
CA LYS A 79 -0.55 -7.09 -7.85
C LYS A 79 0.56 -6.11 -7.50
N ILE A 80 0.22 -5.11 -6.70
CA ILE A 80 1.14 -4.17 -6.11
C ILE A 80 1.42 -4.66 -4.69
N GLU A 81 2.68 -5.00 -4.41
CA GLU A 81 3.13 -5.25 -3.05
C GLU A 81 3.69 -3.94 -2.53
N ILE A 82 2.86 -3.23 -1.76
CA ILE A 82 3.20 -1.99 -1.10
C ILE A 82 3.85 -2.38 0.23
N LYS A 83 5.18 -2.34 0.31
CA LYS A 83 5.89 -2.76 1.50
C LYS A 83 6.29 -1.54 2.31
N LEU A 84 6.13 -1.62 3.62
CA LEU A 84 6.66 -0.63 4.55
C LEU A 84 7.39 -1.34 5.66
N LYS A 85 8.60 -0.85 5.98
CA LYS A 85 9.40 -1.39 7.06
C LYS A 85 9.00 -0.71 8.38
N LYS A 86 8.82 -1.53 9.41
CA LYS A 86 8.52 -1.09 10.77
C LYS A 86 9.62 -0.16 11.29
N PRO A 87 9.28 0.91 12.03
CA PRO A 87 10.26 1.69 12.77
C PRO A 87 10.60 0.96 14.07
N GLU A 88 9.55 0.61 14.84
CA GLU A 88 9.61 -0.27 16.00
C GLU A 88 8.71 -1.47 15.69
N ALA A 89 9.05 -2.64 16.22
CA ALA A 89 8.33 -3.88 15.95
C ALA A 89 7.01 -3.90 16.73
N VAL A 90 6.07 -3.07 16.29
CA VAL A 90 4.71 -3.04 16.79
C VAL A 90 3.93 -4.13 16.06
N ARG A 91 3.03 -4.82 16.77
CA ARG A 91 2.15 -5.78 16.14
C ARG A 91 1.05 -5.03 15.41
N TRP A 92 1.05 -5.04 14.08
CA TRP A 92 -0.01 -4.45 13.29
C TRP A 92 -1.20 -5.41 13.30
N GLU A 93 -1.84 -5.55 14.46
CA GLU A 93 -3.01 -6.41 14.62
C GLU A 93 -4.16 -5.86 13.78
N LYS A 94 -4.36 -4.53 13.84
CA LYS A 94 -5.35 -3.81 13.06
C LYS A 94 -4.62 -2.76 12.20
N LEU A 95 -4.14 -3.18 11.03
CA LEU A 95 -3.42 -2.33 10.07
C LEU A 95 -4.14 -0.99 9.87
N GLU A 96 -5.44 -1.06 9.54
CA GLU A 96 -6.27 0.12 9.48
C GLU A 96 -6.52 0.58 10.91
N GLY A 97 -6.14 1.82 11.23
CA GLY A 97 -6.22 2.43 12.56
C GLY A 97 -7.55 2.13 13.25
N GLN A 98 -7.53 1.23 14.23
CA GLN A 98 -8.69 0.70 14.96
C GLN A 98 -9.88 0.33 14.06
N GLY A 99 -9.59 -0.18 12.87
CA GLY A 99 -10.58 -0.41 11.84
C GLY A 99 -10.91 0.92 11.17
N SER A 8 -10.87 1.86 -0.77
CA SER A 8 -10.72 0.51 -1.35
C SER A 8 -11.59 0.34 -2.59
N LYS A 9 -11.26 1.03 -3.68
CA LYS A 9 -11.93 0.81 -4.96
C LYS A 9 -11.48 -0.55 -5.52
N ILE A 10 -10.20 -0.88 -5.31
CA ILE A 10 -9.57 -2.11 -5.74
C ILE A 10 -9.64 -3.16 -4.63
N LYS A 11 -9.69 -4.44 -5.02
CA LYS A 11 -9.59 -5.56 -4.10
C LYS A 11 -8.14 -5.69 -3.62
N TYR A 12 -7.94 -5.73 -2.31
CA TYR A 12 -6.62 -5.78 -1.71
C TYR A 12 -6.66 -6.71 -0.50
N ASP A 13 -5.48 -7.21 -0.09
CA ASP A 13 -5.27 -8.04 1.08
C ASP A 13 -3.87 -7.73 1.61
N TRP A 14 -3.51 -8.15 2.82
CA TRP A 14 -2.28 -7.73 3.47
C TRP A 14 -1.65 -8.86 4.29
N TYR A 15 -0.38 -8.67 4.62
CA TYR A 15 0.45 -9.54 5.42
C TYR A 15 1.42 -8.65 6.20
N GLN A 16 2.01 -9.17 7.27
CA GLN A 16 2.82 -8.37 8.18
C GLN A 16 3.80 -9.29 8.91
N THR A 17 5.08 -8.91 8.91
CA THR A 17 6.10 -9.53 9.74
C THR A 17 6.20 -8.71 11.03
N GLU A 18 7.10 -9.10 11.93
CA GLU A 18 7.42 -8.29 13.10
C GLU A 18 7.90 -6.88 12.70
N SER A 19 8.37 -6.66 11.46
CA SER A 19 9.03 -5.41 11.06
C SER A 19 8.47 -4.77 9.77
N GLN A 20 8.04 -5.56 8.79
CA GLN A 20 7.54 -5.11 7.50
C GLN A 20 6.03 -5.30 7.42
N VAL A 21 5.30 -4.26 7.04
CA VAL A 21 3.89 -4.35 6.68
C VAL A 21 3.83 -4.42 5.16
N VAL A 22 3.17 -5.44 4.61
CA VAL A 22 3.13 -5.74 3.19
C VAL A 22 1.67 -5.78 2.73
N ILE A 23 1.29 -5.01 1.72
CA ILE A 23 -0.09 -4.81 1.32
C ILE A 23 -0.21 -5.06 -0.18
N THR A 24 -0.97 -6.08 -0.56
CA THR A 24 -1.14 -6.52 -1.94
C THR A 24 -2.48 -6.04 -2.49
N LEU A 25 -2.45 -5.19 -3.53
CA LEU A 25 -3.63 -4.83 -4.30
C LEU A 25 -3.66 -5.78 -5.50
N MET A 26 -4.68 -6.63 -5.63
CA MET A 26 -4.75 -7.61 -6.71
C MET A 26 -5.30 -6.91 -7.95
N ILE A 27 -4.51 -6.83 -9.03
CA ILE A 27 -4.86 -5.99 -10.17
C ILE A 27 -4.06 -6.43 -11.42
N LYS A 28 -4.44 -7.60 -11.96
CA LYS A 28 -3.79 -8.19 -13.14
C LYS A 28 -4.14 -7.37 -14.39
N ASN A 29 -3.45 -6.24 -14.54
CA ASN A 29 -3.67 -5.28 -15.63
C ASN A 29 -2.65 -4.14 -15.52
N VAL A 30 -2.52 -3.60 -14.31
CA VAL A 30 -1.77 -2.38 -14.08
C VAL A 30 -0.26 -2.61 -14.14
N GLN A 31 0.49 -1.59 -14.59
CA GLN A 31 1.94 -1.58 -14.72
C GLN A 31 2.51 -0.43 -13.90
N LYS A 32 3.77 -0.55 -13.49
CA LYS A 32 4.49 0.36 -12.58
C LYS A 32 4.12 1.83 -12.74
N ASN A 33 4.18 2.36 -13.97
CA ASN A 33 4.00 3.79 -14.22
C ASN A 33 2.63 4.29 -13.73
N ASP A 34 1.63 3.41 -13.73
CA ASP A 34 0.28 3.75 -13.35
C ASP A 34 0.16 4.00 -11.85
N VAL A 35 1.07 3.40 -11.07
CA VAL A 35 0.96 3.30 -9.63
C VAL A 35 1.66 4.50 -8.96
N ASN A 36 0.89 5.50 -8.55
CA ASN A 36 1.34 6.63 -7.76
C ASN A 36 0.95 6.39 -6.30
N VAL A 37 1.86 5.85 -5.49
CA VAL A 37 1.66 5.74 -4.05
C VAL A 37 2.32 6.93 -3.37
N GLU A 38 1.68 7.50 -2.34
CA GLU A 38 2.33 8.46 -1.47
C GLU A 38 2.14 8.07 -0.01
N PHE A 39 3.20 8.28 0.77
CA PHE A 39 3.33 7.97 2.18
C PHE A 39 3.91 9.23 2.79
N SER A 40 3.29 9.78 3.83
CA SER A 40 3.70 11.03 4.43
C SER A 40 3.24 11.05 5.88
N GLU A 41 3.52 9.96 6.59
CA GLU A 41 3.05 9.65 7.93
C GLU A 41 1.53 9.41 7.96
N LYS A 42 0.75 10.45 7.62
CA LYS A 42 -0.71 10.51 7.57
C LYS A 42 -1.42 9.15 7.48
N GLU A 43 -1.47 8.59 6.27
CA GLU A 43 -2.00 7.28 5.98
C GLU A 43 -1.29 6.80 4.70
N LEU A 44 -1.56 5.59 4.26
CA LEU A 44 -1.11 5.09 2.97
C LEU A 44 -2.21 5.43 1.96
N SER A 45 -1.84 6.15 0.90
CA SER A 45 -2.69 6.43 -0.25
C SER A 45 -2.01 5.83 -1.48
N ALA A 46 -2.70 4.91 -2.19
CA ALA A 46 -2.21 4.31 -3.42
C ALA A 46 -3.15 4.69 -4.55
N LEU A 47 -2.74 5.63 -5.42
CA LEU A 47 -3.53 6.15 -6.52
C LEU A 47 -3.04 5.49 -7.80
N VAL A 48 -3.90 4.69 -8.43
CA VAL A 48 -3.55 3.85 -9.57
C VAL A 48 -4.31 4.34 -10.81
N LYS A 49 -3.61 4.85 -11.81
CA LYS A 49 -4.24 5.24 -13.07
C LYS A 49 -4.73 3.98 -13.80
N LEU A 50 -6.03 3.87 -14.08
CA LEU A 50 -6.50 2.79 -14.95
C LEU A 50 -6.05 3.05 -16.39
N PRO A 51 -6.05 2.00 -17.24
CA PRO A 51 -5.92 2.14 -18.68
C PRO A 51 -6.78 3.29 -19.21
N SER A 52 -8.01 3.39 -18.71
CA SER A 52 -8.98 4.43 -19.04
C SER A 52 -8.62 5.82 -18.47
N GLY A 53 -7.38 6.07 -18.04
CA GLY A 53 -6.95 7.38 -17.56
C GLY A 53 -7.39 7.67 -16.13
N GLU A 54 -8.66 7.39 -15.81
CA GLU A 54 -9.25 7.70 -14.52
C GLU A 54 -8.58 6.86 -13.43
N ASP A 55 -8.52 7.41 -12.21
CA ASP A 55 -7.84 6.74 -11.11
C ASP A 55 -8.74 5.72 -10.42
N TYR A 56 -8.11 4.69 -9.87
CA TYR A 56 -8.67 3.71 -8.96
C TYR A 56 -7.76 3.81 -7.74
N ASN A 57 -8.30 3.71 -6.52
CA ASN A 57 -7.53 4.08 -5.34
C ASN A 57 -7.79 3.18 -4.12
N LEU A 58 -6.78 3.06 -3.26
CA LEU A 58 -6.86 2.52 -1.92
C LEU A 58 -6.38 3.62 -0.97
N LYS A 59 -7.12 3.81 0.14
CA LYS A 59 -6.75 4.62 1.29
C LYS A 59 -6.65 3.63 2.44
N LEU A 60 -5.60 3.72 3.27
CA LEU A 60 -5.32 2.71 4.28
C LEU A 60 -4.72 3.42 5.49
N GLU A 61 -5.48 3.50 6.59
CA GLU A 61 -5.16 4.34 7.73
C GLU A 61 -4.38 3.55 8.78
N LEU A 62 -3.06 3.51 8.58
CA LEU A 62 -2.04 2.89 9.42
C LEU A 62 -2.34 3.00 10.92
N LEU A 63 -2.20 1.90 11.68
CA LEU A 63 -2.30 1.94 13.14
C LEU A 63 -1.31 2.95 13.74
N HIS A 64 -0.10 3.02 13.19
CA HIS A 64 0.91 3.99 13.59
C HIS A 64 1.45 4.66 12.32
N PRO A 65 1.82 5.95 12.37
CA PRO A 65 2.51 6.59 11.27
C PRO A 65 3.89 5.96 11.09
N ILE A 66 4.49 6.11 9.91
CA ILE A 66 5.76 5.53 9.56
C ILE A 66 6.61 6.56 8.83
N ILE A 67 7.94 6.46 8.97
CA ILE A 67 8.89 7.34 8.31
C ILE A 67 8.80 7.06 6.80
N PRO A 68 8.38 8.02 5.96
CA PRO A 68 8.19 7.82 4.53
C PRO A 68 9.35 7.10 3.84
N GLU A 69 10.59 7.44 4.21
CA GLU A 69 11.80 6.83 3.69
C GLU A 69 11.74 5.29 3.69
N GLN A 70 11.03 4.68 4.65
CA GLN A 70 10.92 3.23 4.76
C GLN A 70 9.81 2.63 3.88
N SER A 71 9.25 3.39 2.94
CA SER A 71 8.11 2.98 2.13
C SER A 71 8.53 2.64 0.70
N THR A 72 8.00 1.56 0.13
CA THR A 72 8.27 1.13 -1.24
C THR A 72 7.07 0.37 -1.81
N PHE A 73 7.15 -0.01 -3.09
CA PHE A 73 6.16 -0.83 -3.75
C PHE A 73 6.73 -1.48 -5.01
N LYS A 74 6.16 -2.62 -5.40
CA LYS A 74 6.53 -3.40 -6.58
C LYS A 74 5.23 -3.82 -7.27
N VAL A 75 5.24 -3.94 -8.60
CA VAL A 75 4.08 -4.36 -9.38
C VAL A 75 4.40 -5.70 -10.05
N LEU A 76 4.01 -6.81 -9.43
CA LEU A 76 4.41 -8.15 -9.87
C LEU A 76 3.47 -8.67 -10.95
N SER A 77 3.12 -7.79 -11.89
CA SER A 77 2.15 -7.96 -12.99
C SER A 77 0.70 -8.19 -12.50
N THR A 78 0.52 -9.16 -11.60
CA THR A 78 -0.73 -9.61 -11.03
C THR A 78 -1.21 -8.70 -9.92
N LYS A 79 -0.29 -8.07 -9.19
CA LYS A 79 -0.61 -7.34 -7.98
C LYS A 79 0.41 -6.25 -7.71
N ILE A 80 -0.02 -5.19 -7.02
CA ILE A 80 0.85 -4.17 -6.50
C ILE A 80 1.16 -4.60 -5.07
N GLU A 81 2.39 -5.04 -4.81
CA GLU A 81 2.85 -5.36 -3.47
C GLU A 81 3.52 -4.10 -2.93
N ILE A 82 2.81 -3.39 -2.07
CA ILE A 82 3.33 -2.25 -1.35
C ILE A 82 4.02 -2.82 -0.11
N LYS A 83 5.19 -2.30 0.28
CA LYS A 83 5.80 -2.65 1.55
C LYS A 83 6.21 -1.36 2.24
N LEU A 84 5.93 -1.28 3.55
CA LEU A 84 6.44 -0.22 4.38
C LEU A 84 7.07 -0.87 5.61
N LYS A 85 8.36 -0.62 5.82
CA LYS A 85 8.99 -1.08 7.04
C LYS A 85 8.55 -0.15 8.17
N LYS A 86 8.15 -0.72 9.30
CA LYS A 86 7.76 0.07 10.45
C LYS A 86 9.01 0.66 11.12
N PRO A 87 8.89 1.81 11.82
CA PRO A 87 9.97 2.36 12.63
C PRO A 87 10.42 1.36 13.70
N GLU A 88 9.46 0.93 14.54
CA GLU A 88 9.69 -0.06 15.59
C GLU A 88 9.14 -1.40 15.12
N ALA A 89 9.79 -2.49 15.52
CA ALA A 89 9.41 -3.84 15.18
C ALA A 89 8.24 -4.30 16.06
N VAL A 90 7.12 -3.59 16.03
CA VAL A 90 5.89 -3.96 16.73
C VAL A 90 4.80 -4.28 15.71
N ARG A 91 4.21 -5.46 15.82
CA ARG A 91 3.17 -5.92 14.92
C ARG A 91 1.89 -5.11 15.14
N TRP A 92 1.40 -4.43 14.11
CA TRP A 92 0.10 -3.78 14.16
C TRP A 92 -0.98 -4.85 14.05
N GLU A 93 -1.43 -5.41 15.18
CA GLU A 93 -2.44 -6.46 15.23
C GLU A 93 -3.60 -6.24 14.25
N LYS A 94 -4.11 -5.00 14.16
CA LYS A 94 -5.27 -4.64 13.35
C LYS A 94 -4.90 -3.98 12.00
N LEU A 95 -3.60 -3.85 11.69
CA LEU A 95 -3.07 -3.09 10.56
C LEU A 95 -3.40 -1.59 10.67
N GLU A 96 -4.68 -1.23 10.53
CA GLU A 96 -5.14 0.13 10.58
C GLU A 96 -5.41 0.56 12.01
N GLY A 97 -5.75 1.85 12.18
CA GLY A 97 -6.28 2.40 13.42
C GLY A 97 -7.58 1.70 13.81
N GLN A 98 -7.45 0.52 14.43
CA GLN A 98 -8.52 -0.42 14.72
C GLN A 98 -9.47 -0.62 13.53
N GLY A 99 -8.90 -1.01 12.39
CA GLY A 99 -9.68 -1.25 11.18
C GLY A 99 -10.22 0.07 10.63
#